data_4I3M
# 
_entry.id   4I3M 
# 
_audit_conform.dict_name       mmcif_pdbx.dic 
_audit_conform.dict_version    5.387 
_audit_conform.dict_location   http://mmcif.pdb.org/dictionaries/ascii/mmcif_pdbx.dic 
# 
loop_
_database_2.database_id 
_database_2.database_code 
_database_2.pdbx_database_accession 
_database_2.pdbx_DOI 
PDB   4I3M         pdb_00004i3m 10.2210/pdb4i3m/pdb 
RCSB  RCSB076261   ?            ?                   
WWPDB D_1000076261 ?            ?                   
# 
loop_
_pdbx_audit_revision_history.ordinal 
_pdbx_audit_revision_history.data_content_type 
_pdbx_audit_revision_history.major_revision 
_pdbx_audit_revision_history.minor_revision 
_pdbx_audit_revision_history.revision_date 
1 'Structure model' 1 0 2013-02-27 
2 'Structure model' 1 1 2013-03-27 
3 'Structure model' 1 2 2017-11-15 
4 'Structure model' 1 3 2024-02-28 
# 
_pdbx_audit_revision_details.ordinal             1 
_pdbx_audit_revision_details.revision_ordinal    1 
_pdbx_audit_revision_details.data_content_type   'Structure model' 
_pdbx_audit_revision_details.provider            repository 
_pdbx_audit_revision_details.type                'Initial release' 
_pdbx_audit_revision_details.description         ? 
_pdbx_audit_revision_details.details             ? 
# 
loop_
_pdbx_audit_revision_group.ordinal 
_pdbx_audit_revision_group.revision_ordinal 
_pdbx_audit_revision_group.data_content_type 
_pdbx_audit_revision_group.group 
1 2 'Structure model' 'Database references'    
2 3 'Structure model' 'Refinement description' 
3 4 'Structure model' 'Data collection'        
4 4 'Structure model' 'Database references'    
5 4 'Structure model' 'Derived calculations'   
# 
loop_
_pdbx_audit_revision_category.ordinal 
_pdbx_audit_revision_category.revision_ordinal 
_pdbx_audit_revision_category.data_content_type 
_pdbx_audit_revision_category.category 
1 3 'Structure model' software           
2 4 'Structure model' chem_comp_atom     
3 4 'Structure model' chem_comp_bond     
4 4 'Structure model' database_2         
5 4 'Structure model' struct_conn        
6 4 'Structure model' struct_ref_seq_dif 
7 4 'Structure model' struct_site        
# 
loop_
_pdbx_audit_revision_item.ordinal 
_pdbx_audit_revision_item.revision_ordinal 
_pdbx_audit_revision_item.data_content_type 
_pdbx_audit_revision_item.item 
1  3 'Structure model' '_software.classification'            
2  3 'Structure model' '_software.contact_author'            
3  3 'Structure model' '_software.contact_author_email'      
4  3 'Structure model' '_software.date'                      
5  3 'Structure model' '_software.language'                  
6  3 'Structure model' '_software.location'                  
7  3 'Structure model' '_software.name'                      
8  3 'Structure model' '_software.type'                      
9  3 'Structure model' '_software.version'                   
10 4 'Structure model' '_database_2.pdbx_DOI'                
11 4 'Structure model' '_database_2.pdbx_database_accession' 
12 4 'Structure model' '_struct_conn.pdbx_dist_value'        
13 4 'Structure model' '_struct_conn.ptnr1_auth_comp_id'     
14 4 'Structure model' '_struct_conn.ptnr1_auth_seq_id'      
15 4 'Structure model' '_struct_conn.ptnr1_label_asym_id'    
16 4 'Structure model' '_struct_conn.ptnr1_label_atom_id'    
17 4 'Structure model' '_struct_conn.ptnr1_label_comp_id'    
18 4 'Structure model' '_struct_conn.ptnr1_label_seq_id'     
19 4 'Structure model' '_struct_conn.ptnr2_auth_comp_id'     
20 4 'Structure model' '_struct_conn.ptnr2_auth_seq_id'      
21 4 'Structure model' '_struct_conn.ptnr2_label_asym_id'    
22 4 'Structure model' '_struct_conn.ptnr2_label_atom_id'    
23 4 'Structure model' '_struct_conn.ptnr2_label_comp_id'    
24 4 'Structure model' '_struct_ref_seq_dif.details'         
25 4 'Structure model' '_struct_site.pdbx_auth_asym_id'      
26 4 'Structure model' '_struct_site.pdbx_auth_comp_id'      
27 4 'Structure model' '_struct_site.pdbx_auth_seq_id'       
# 
_pdbx_database_status.entry_id                        4I3M 
_pdbx_database_status.deposit_site                    RCSB 
_pdbx_database_status.process_site                    RCSB 
_pdbx_database_status.recvd_initial_deposition_date   2012-11-26 
_pdbx_database_status.status_code                     REL 
_pdbx_database_status.status_code_sf                  REL 
_pdbx_database_status.status_code_mr                  ? 
_pdbx_database_status.SG_entry                        ? 
_pdbx_database_status.status_code_cs                  ? 
_pdbx_database_status.methods_development_category    ? 
_pdbx_database_status.pdb_format_compatible           Y 
_pdbx_database_status.status_code_nmr_data            ? 
# 
loop_
_pdbx_database_related.db_name 
_pdbx_database_related.db_id 
_pdbx_database_related.details 
_pdbx_database_related.content_type 
PDB 3LNR 'wild type protein' unspecified 
PDB 4I44 .                   unspecified 
# 
loop_
_audit_author.name 
_audit_author.pdbx_ordinal 
'Airola, M.V.' 1 
'Sukomon, N.'  2 
'Crane, B.R.'  3 
# 
_citation.id                        primary 
_citation.title                     'HAMP Domain Conformers That Propagate Opposite Signals in Bacterial Chemoreceptors.' 
_citation.journal_abbrev            'Plos Biol.' 
_citation.journal_volume            11 
_citation.page_first                e1001479 
_citation.page_last                 e1001479 
_citation.year                      2013 
_citation.journal_id_ASTM           ? 
_citation.country                   US 
_citation.journal_id_ISSN           1544-9173 
_citation.journal_id_CSD            ? 
_citation.book_publisher            ? 
_citation.pdbx_database_id_PubMed   23424282 
_citation.pdbx_database_id_DOI      10.1371/journal.pbio.1001479 
# 
loop_
_citation_author.citation_id 
_citation_author.name 
_citation_author.ordinal 
_citation_author.identifier_ORCID 
primary 'Airola, M.V.' 1 ? 
primary 'Sukomon, N.'  2 ? 
primary 'Samanta, D.'  3 ? 
primary 'Borbat, P.P.' 4 ? 
primary 'Freed, J.H.'  5 ? 
primary 'Watts, K.J.'  6 ? 
primary 'Crane, B.R.'  7 ? 
# 
loop_
_entity.id 
_entity.type 
_entity.src_method 
_entity.pdbx_description 
_entity.formula_weight 
_entity.pdbx_number_of_molecules 
_entity.pdbx_ec 
_entity.pdbx_mutation 
_entity.pdbx_fragment 
_entity.details 
1 polymer     man 'Aerotaxis transducer Aer2' 19008.363 1   ? L44H 'UNP residues 1-172' ? 
2 non-polymer syn 'SULFATE ION'               96.063    2   ? ?    ?                    ? 
3 non-polymer syn 'SODIUM ION'                22.990    1   ? ?    ?                    ? 
4 non-polymer syn 'CHLORIDE ION'              35.453    1   ? ?    ?                    ? 
5 non-polymer syn 'MAGNESIUM ION'             24.305    1   ? ?    ?                    ? 
6 water       nat water                       18.015    166 ? ?    ?                    ? 
# 
_entity_poly.entity_id                      1 
_entity_poly.type                           'polypeptide(L)' 
_entity_poly.nstd_linkage                   no 
_entity_poly.nstd_monomer                   no 
_entity_poly.pdbx_seq_one_letter_code       
;GSHMGLFNAHAVAQQRADRIATLLQSFADGQLDTAVGEAPAPGYERHYDSLRALQRQLREQRAELQQVESLEAGLAEMSR
QHEAGWIDQTIPAERLEGRAARIAKGVNELVAAHIAVKMKVVSVVTAYGQGNFEPLMDRLPGKKAQITEAIDGVRERLRG
AAEATSAQLATAAYN
;
_entity_poly.pdbx_seq_one_letter_code_can   
;GSHMGLFNAHAVAQQRADRIATLLQSFADGQLDTAVGEAPAPGYERHYDSLRALQRQLREQRAELQQVESLEAGLAEMSR
QHEAGWIDQTIPAERLEGRAARIAKGVNELVAAHIAVKMKVVSVVTAYGQGNFEPLMDRLPGKKAQITEAIDGVRERLRG
AAEATSAQLATAAYN
;
_entity_poly.pdbx_strand_id                 A 
_entity_poly.pdbx_target_identifier         ? 
# 
loop_
_pdbx_entity_nonpoly.entity_id 
_pdbx_entity_nonpoly.name 
_pdbx_entity_nonpoly.comp_id 
2 'SULFATE ION'   SO4 
3 'SODIUM ION'    NA  
4 'CHLORIDE ION'  CL  
5 'MAGNESIUM ION' MG  
6 water           HOH 
# 
loop_
_entity_poly_seq.entity_id 
_entity_poly_seq.num 
_entity_poly_seq.mon_id 
_entity_poly_seq.hetero 
1 1   GLY n 
1 2   SER n 
1 3   HIS n 
1 4   MET n 
1 5   GLY n 
1 6   LEU n 
1 7   PHE n 
1 8   ASN n 
1 9   ALA n 
1 10  HIS n 
1 11  ALA n 
1 12  VAL n 
1 13  ALA n 
1 14  GLN n 
1 15  GLN n 
1 16  ARG n 
1 17  ALA n 
1 18  ASP n 
1 19  ARG n 
1 20  ILE n 
1 21  ALA n 
1 22  THR n 
1 23  LEU n 
1 24  LEU n 
1 25  GLN n 
1 26  SER n 
1 27  PHE n 
1 28  ALA n 
1 29  ASP n 
1 30  GLY n 
1 31  GLN n 
1 32  LEU n 
1 33  ASP n 
1 34  THR n 
1 35  ALA n 
1 36  VAL n 
1 37  GLY n 
1 38  GLU n 
1 39  ALA n 
1 40  PRO n 
1 41  ALA n 
1 42  PRO n 
1 43  GLY n 
1 44  TYR n 
1 45  GLU n 
1 46  ARG n 
1 47  HIS n 
1 48  TYR n 
1 49  ASP n 
1 50  SER n 
1 51  LEU n 
1 52  ARG n 
1 53  ALA n 
1 54  LEU n 
1 55  GLN n 
1 56  ARG n 
1 57  GLN n 
1 58  LEU n 
1 59  ARG n 
1 60  GLU n 
1 61  GLN n 
1 62  ARG n 
1 63  ALA n 
1 64  GLU n 
1 65  LEU n 
1 66  GLN n 
1 67  GLN n 
1 68  VAL n 
1 69  GLU n 
1 70  SER n 
1 71  LEU n 
1 72  GLU n 
1 73  ALA n 
1 74  GLY n 
1 75  LEU n 
1 76  ALA n 
1 77  GLU n 
1 78  MET n 
1 79  SER n 
1 80  ARG n 
1 81  GLN n 
1 82  HIS n 
1 83  GLU n 
1 84  ALA n 
1 85  GLY n 
1 86  TRP n 
1 87  ILE n 
1 88  ASP n 
1 89  GLN n 
1 90  THR n 
1 91  ILE n 
1 92  PRO n 
1 93  ALA n 
1 94  GLU n 
1 95  ARG n 
1 96  LEU n 
1 97  GLU n 
1 98  GLY n 
1 99  ARG n 
1 100 ALA n 
1 101 ALA n 
1 102 ARG n 
1 103 ILE n 
1 104 ALA n 
1 105 LYS n 
1 106 GLY n 
1 107 VAL n 
1 108 ASN n 
1 109 GLU n 
1 110 LEU n 
1 111 VAL n 
1 112 ALA n 
1 113 ALA n 
1 114 HIS n 
1 115 ILE n 
1 116 ALA n 
1 117 VAL n 
1 118 LYS n 
1 119 MET n 
1 120 LYS n 
1 121 VAL n 
1 122 VAL n 
1 123 SER n 
1 124 VAL n 
1 125 VAL n 
1 126 THR n 
1 127 ALA n 
1 128 TYR n 
1 129 GLY n 
1 130 GLN n 
1 131 GLY n 
1 132 ASN n 
1 133 PHE n 
1 134 GLU n 
1 135 PRO n 
1 136 LEU n 
1 137 MET n 
1 138 ASP n 
1 139 ARG n 
1 140 LEU n 
1 141 PRO n 
1 142 GLY n 
1 143 LYS n 
1 144 LYS n 
1 145 ALA n 
1 146 GLN n 
1 147 ILE n 
1 148 THR n 
1 149 GLU n 
1 150 ALA n 
1 151 ILE n 
1 152 ASP n 
1 153 GLY n 
1 154 VAL n 
1 155 ARG n 
1 156 GLU n 
1 157 ARG n 
1 158 LEU n 
1 159 ARG n 
1 160 GLY n 
1 161 ALA n 
1 162 ALA n 
1 163 GLU n 
1 164 ALA n 
1 165 THR n 
1 166 SER n 
1 167 ALA n 
1 168 GLN n 
1 169 LEU n 
1 170 ALA n 
1 171 THR n 
1 172 ALA n 
1 173 ALA n 
1 174 TYR n 
1 175 ASN n 
# 
_entity_src_gen.entity_id                          1 
_entity_src_gen.pdbx_src_id                        1 
_entity_src_gen.pdbx_alt_source_flag               sample 
_entity_src_gen.pdbx_seq_type                      ? 
_entity_src_gen.pdbx_beg_seq_num                   ? 
_entity_src_gen.pdbx_end_seq_num                   ? 
_entity_src_gen.gene_src_common_name               ? 
_entity_src_gen.gene_src_genus                     ? 
_entity_src_gen.pdbx_gene_src_gene                 'aer2, PA0176' 
_entity_src_gen.gene_src_species                   ? 
_entity_src_gen.gene_src_strain                    ? 
_entity_src_gen.gene_src_tissue                    ? 
_entity_src_gen.gene_src_tissue_fraction           ? 
_entity_src_gen.gene_src_details                   ? 
_entity_src_gen.pdbx_gene_src_fragment             ? 
_entity_src_gen.pdbx_gene_src_scientific_name      'Pseudomonas aeruginosa' 
_entity_src_gen.pdbx_gene_src_ncbi_taxonomy_id     287 
_entity_src_gen.pdbx_gene_src_variant              ? 
_entity_src_gen.pdbx_gene_src_cell_line            ? 
_entity_src_gen.pdbx_gene_src_atcc                 ? 
_entity_src_gen.pdbx_gene_src_organ                ? 
_entity_src_gen.pdbx_gene_src_organelle            ? 
_entity_src_gen.pdbx_gene_src_cell                 ? 
_entity_src_gen.pdbx_gene_src_cellular_location    ? 
_entity_src_gen.host_org_common_name               ? 
_entity_src_gen.pdbx_host_org_scientific_name      'Escherichia coli' 
_entity_src_gen.pdbx_host_org_ncbi_taxonomy_id     562 
_entity_src_gen.host_org_genus                     ? 
_entity_src_gen.pdbx_host_org_gene                 ? 
_entity_src_gen.pdbx_host_org_organ                ? 
_entity_src_gen.host_org_species                   ? 
_entity_src_gen.pdbx_host_org_tissue               ? 
_entity_src_gen.pdbx_host_org_tissue_fraction      ? 
_entity_src_gen.pdbx_host_org_strain               ? 
_entity_src_gen.pdbx_host_org_variant              ? 
_entity_src_gen.pdbx_host_org_cell_line            ? 
_entity_src_gen.pdbx_host_org_atcc                 ? 
_entity_src_gen.pdbx_host_org_culture_collection   ? 
_entity_src_gen.pdbx_host_org_cell                 ? 
_entity_src_gen.pdbx_host_org_organelle            ? 
_entity_src_gen.pdbx_host_org_cellular_location    ? 
_entity_src_gen.pdbx_host_org_vector_type          ? 
_entity_src_gen.pdbx_host_org_vector               ? 
_entity_src_gen.host_org_details                   ? 
_entity_src_gen.expression_system_id               ? 
_entity_src_gen.plasmid_name                       ? 
_entity_src_gen.plasmid_details                    ? 
_entity_src_gen.pdbx_description                   ? 
# 
loop_
_chem_comp.id 
_chem_comp.type 
_chem_comp.mon_nstd_flag 
_chem_comp.name 
_chem_comp.pdbx_synonyms 
_chem_comp.formula 
_chem_comp.formula_weight 
ALA 'L-peptide linking' y ALANINE         ? 'C3 H7 N O2'     89.093  
ARG 'L-peptide linking' y ARGININE        ? 'C6 H15 N4 O2 1' 175.209 
ASN 'L-peptide linking' y ASPARAGINE      ? 'C4 H8 N2 O3'    132.118 
ASP 'L-peptide linking' y 'ASPARTIC ACID' ? 'C4 H7 N O4'     133.103 
CL  non-polymer         . 'CHLORIDE ION'  ? 'Cl -1'          35.453  
GLN 'L-peptide linking' y GLUTAMINE       ? 'C5 H10 N2 O3'   146.144 
GLU 'L-peptide linking' y 'GLUTAMIC ACID' ? 'C5 H9 N O4'     147.129 
GLY 'peptide linking'   y GLYCINE         ? 'C2 H5 N O2'     75.067  
HIS 'L-peptide linking' y HISTIDINE       ? 'C6 H10 N3 O2 1' 156.162 
HOH non-polymer         . WATER           ? 'H2 O'           18.015  
ILE 'L-peptide linking' y ISOLEUCINE      ? 'C6 H13 N O2'    131.173 
LEU 'L-peptide linking' y LEUCINE         ? 'C6 H13 N O2'    131.173 
LYS 'L-peptide linking' y LYSINE          ? 'C6 H15 N2 O2 1' 147.195 
MET 'L-peptide linking' y METHIONINE      ? 'C5 H11 N O2 S'  149.211 
MG  non-polymer         . 'MAGNESIUM ION' ? 'Mg 2'           24.305  
NA  non-polymer         . 'SODIUM ION'    ? 'Na 1'           22.990  
PHE 'L-peptide linking' y PHENYLALANINE   ? 'C9 H11 N O2'    165.189 
PRO 'L-peptide linking' y PROLINE         ? 'C5 H9 N O2'     115.130 
SER 'L-peptide linking' y SERINE          ? 'C3 H7 N O3'     105.093 
SO4 non-polymer         . 'SULFATE ION'   ? 'O4 S -2'        96.063  
THR 'L-peptide linking' y THREONINE       ? 'C4 H9 N O3'     119.119 
TRP 'L-peptide linking' y TRYPTOPHAN      ? 'C11 H12 N2 O2'  204.225 
TYR 'L-peptide linking' y TYROSINE        ? 'C9 H11 N O3'    181.189 
VAL 'L-peptide linking' y VALINE          ? 'C5 H11 N O2'    117.146 
# 
loop_
_pdbx_poly_seq_scheme.asym_id 
_pdbx_poly_seq_scheme.entity_id 
_pdbx_poly_seq_scheme.seq_id 
_pdbx_poly_seq_scheme.mon_id 
_pdbx_poly_seq_scheme.ndb_seq_num 
_pdbx_poly_seq_scheme.pdb_seq_num 
_pdbx_poly_seq_scheme.auth_seq_num 
_pdbx_poly_seq_scheme.pdb_mon_id 
_pdbx_poly_seq_scheme.auth_mon_id 
_pdbx_poly_seq_scheme.pdb_strand_id 
_pdbx_poly_seq_scheme.pdb_ins_code 
_pdbx_poly_seq_scheme.hetero 
A 1 1   GLY 1   -2  ?   ?   ?   A . n 
A 1 2   SER 2   -1  ?   ?   ?   A . n 
A 1 3   HIS 3   0   ?   ?   ?   A . n 
A 1 4   MET 4   1   ?   ?   ?   A . n 
A 1 5   GLY 5   2   ?   ?   ?   A . n 
A 1 6   LEU 6   3   ?   ?   ?   A . n 
A 1 7   PHE 7   4   ?   ?   ?   A . n 
A 1 8   ASN 8   5   ?   ?   ?   A . n 
A 1 9   ALA 9   6   ?   ?   ?   A . n 
A 1 10  HIS 10  7   7   HIS ALA A . n 
A 1 11  ALA 11  8   8   ALA ALA A . n 
A 1 12  VAL 12  9   9   VAL VAL A . n 
A 1 13  ALA 13  10  10  ALA ALA A . n 
A 1 14  GLN 14  11  11  GLN GLN A . n 
A 1 15  GLN 15  12  12  GLN GLN A . n 
A 1 16  ARG 16  13  13  ARG ARG A . n 
A 1 17  ALA 17  14  14  ALA ALA A . n 
A 1 18  ASP 18  15  15  ASP ASP A . n 
A 1 19  ARG 19  16  16  ARG ARG A . n 
A 1 20  ILE 20  17  17  ILE ILE A . n 
A 1 21  ALA 21  18  18  ALA ALA A . n 
A 1 22  THR 22  19  19  THR THR A . n 
A 1 23  LEU 23  20  20  LEU LEU A . n 
A 1 24  LEU 24  21  21  LEU LEU A . n 
A 1 25  GLN 25  22  22  GLN GLN A . n 
A 1 26  SER 26  23  23  SER SER A . n 
A 1 27  PHE 27  24  24  PHE PHE A . n 
A 1 28  ALA 28  25  25  ALA ALA A . n 
A 1 29  ASP 29  26  26  ASP ASP A . n 
A 1 30  GLY 30  27  27  GLY GLY A . n 
A 1 31  GLN 31  28  28  GLN GLN A . n 
A 1 32  LEU 32  29  29  LEU LEU A . n 
A 1 33  ASP 33  30  30  ASP ASP A . n 
A 1 34  THR 34  31  31  THR THR A . n 
A 1 35  ALA 35  32  32  ALA ALA A . n 
A 1 36  VAL 36  33  33  VAL VAL A . n 
A 1 37  GLY 37  34  34  GLY GLY A . n 
A 1 38  GLU 38  35  35  GLU GLU A . n 
A 1 39  ALA 39  36  36  ALA ALA A . n 
A 1 40  PRO 40  37  37  PRO PRO A . n 
A 1 41  ALA 41  38  38  ALA ALA A . n 
A 1 42  PRO 42  39  39  PRO PRO A . n 
A 1 43  GLY 43  40  40  GLY GLY A . n 
A 1 44  TYR 44  41  41  TYR TYR A . n 
A 1 45  GLU 45  42  42  GLU GLU A . n 
A 1 46  ARG 46  43  43  ARG ARG A . n 
A 1 47  HIS 47  44  44  HIS HIS A . n 
A 1 48  TYR 48  45  45  TYR TYR A . n 
A 1 49  ASP 49  46  46  ASP ASP A . n 
A 1 50  SER 50  47  47  SER SER A . n 
A 1 51  LEU 51  48  48  LEU LEU A . n 
A 1 52  ARG 52  49  49  ARG ARG A . n 
A 1 53  ALA 53  50  50  ALA ALA A . n 
A 1 54  LEU 54  51  51  LEU LEU A . n 
A 1 55  GLN 55  52  52  GLN GLN A . n 
A 1 56  ARG 56  53  53  ARG ARG A . n 
A 1 57  GLN 57  54  54  GLN GLN A . n 
A 1 58  LEU 58  55  55  LEU LEU A . n 
A 1 59  ARG 59  56  56  ARG ARG A . n 
A 1 60  GLU 60  57  57  GLU GLU A . n 
A 1 61  GLN 61  58  58  GLN GLN A . n 
A 1 62  ARG 62  59  59  ARG ARG A . n 
A 1 63  ALA 63  60  60  ALA ALA A . n 
A 1 64  GLU 64  61  61  GLU GLU A . n 
A 1 65  LEU 65  62  62  LEU LEU A . n 
A 1 66  GLN 66  63  63  GLN GLN A . n 
A 1 67  GLN 67  64  64  GLN GLN A . n 
A 1 68  VAL 68  65  65  VAL VAL A . n 
A 1 69  GLU 69  66  66  GLU GLU A . n 
A 1 70  SER 70  67  67  SER SER A . n 
A 1 71  LEU 71  68  68  LEU LEU A . n 
A 1 72  GLU 72  69  69  GLU GLU A . n 
A 1 73  ALA 73  70  70  ALA ALA A . n 
A 1 74  GLY 74  71  71  GLY GLY A . n 
A 1 75  LEU 75  72  72  LEU LEU A . n 
A 1 76  ALA 76  73  73  ALA ALA A . n 
A 1 77  GLU 77  74  74  GLU GLU A . n 
A 1 78  MET 78  75  75  MET MET A . n 
A 1 79  SER 79  76  76  SER SER A . n 
A 1 80  ARG 80  77  77  ARG ARG A . n 
A 1 81  GLN 81  78  78  GLN GLN A . n 
A 1 82  HIS 82  79  79  HIS HIS A . n 
A 1 83  GLU 83  80  80  GLU GLU A . n 
A 1 84  ALA 84  81  81  ALA ALA A . n 
A 1 85  GLY 85  82  82  GLY GLY A . n 
A 1 86  TRP 86  83  83  TRP TRP A . n 
A 1 87  ILE 87  84  84  ILE ILE A . n 
A 1 88  ASP 88  85  85  ASP ASP A . n 
A 1 89  GLN 89  86  86  GLN GLN A . n 
A 1 90  THR 90  87  87  THR THR A . n 
A 1 91  ILE 91  88  88  ILE ILE A . n 
A 1 92  PRO 92  89  89  PRO PRO A . n 
A 1 93  ALA 93  90  90  ALA ALA A . n 
A 1 94  GLU 94  91  91  GLU GLU A . n 
A 1 95  ARG 95  92  92  ARG ARG A . n 
A 1 96  LEU 96  93  93  LEU LEU A . n 
A 1 97  GLU 97  94  94  GLU GLU A . n 
A 1 98  GLY 98  95  95  GLY GLY A . n 
A 1 99  ARG 99  96  96  ARG ARG A . n 
A 1 100 ALA 100 97  97  ALA ALA A . n 
A 1 101 ALA 101 98  98  ALA ALA A . n 
A 1 102 ARG 102 99  99  ARG ARG A . n 
A 1 103 ILE 103 100 100 ILE ILE A . n 
A 1 104 ALA 104 101 101 ALA ALA A . n 
A 1 105 LYS 105 102 102 LYS LYS A . n 
A 1 106 GLY 106 103 103 GLY GLY A . n 
A 1 107 VAL 107 104 104 VAL VAL A . n 
A 1 108 ASN 108 105 105 ASN ASN A . n 
A 1 109 GLU 109 106 106 GLU GLU A . n 
A 1 110 LEU 110 107 107 LEU LEU A . n 
A 1 111 VAL 111 108 108 VAL VAL A . n 
A 1 112 ALA 112 109 109 ALA ALA A . n 
A 1 113 ALA 113 110 110 ALA ALA A . n 
A 1 114 HIS 114 111 111 HIS HIS A . n 
A 1 115 ILE 115 112 112 ILE ILE A . n 
A 1 116 ALA 116 113 113 ALA ALA A . n 
A 1 117 VAL 117 114 114 VAL VAL A . n 
A 1 118 LYS 118 115 115 LYS LYS A . n 
A 1 119 MET 119 116 116 MET MET A . n 
A 1 120 LYS 120 117 117 LYS LYS A . n 
A 1 121 VAL 121 118 118 VAL VAL A . n 
A 1 122 VAL 122 119 119 VAL VAL A . n 
A 1 123 SER 123 120 120 SER SER A . n 
A 1 124 VAL 124 121 121 VAL VAL A . n 
A 1 125 VAL 125 122 122 VAL VAL A . n 
A 1 126 THR 126 123 123 THR THR A . n 
A 1 127 ALA 127 124 124 ALA ALA A . n 
A 1 128 TYR 128 125 125 TYR TYR A . n 
A 1 129 GLY 129 126 126 GLY GLY A . n 
A 1 130 GLN 130 127 127 GLN GLN A . n 
A 1 131 GLY 131 128 128 GLY GLY A . n 
A 1 132 ASN 132 129 129 ASN ASN A . n 
A 1 133 PHE 133 130 130 PHE PHE A . n 
A 1 134 GLU 134 131 131 GLU GLU A . n 
A 1 135 PRO 135 132 132 PRO PRO A . n 
A 1 136 LEU 136 133 133 LEU LEU A . n 
A 1 137 MET 137 134 134 MET MET A . n 
A 1 138 ASP 138 135 135 ASP ASP A . n 
A 1 139 ARG 139 136 136 ARG ARG A . n 
A 1 140 LEU 140 137 137 LEU LEU A . n 
A 1 141 PRO 141 138 138 PRO PRO A . n 
A 1 142 GLY 142 139 139 GLY GLY A . n 
A 1 143 LYS 143 140 140 LYS LYS A . n 
A 1 144 LYS 144 141 141 LYS LYS A . n 
A 1 145 ALA 145 142 142 ALA ALA A . n 
A 1 146 GLN 146 143 143 GLN GLN A . n 
A 1 147 ILE 147 144 144 ILE ILE A . n 
A 1 148 THR 148 145 145 THR THR A . n 
A 1 149 GLU 149 146 146 GLU GLU A . n 
A 1 150 ALA 150 147 147 ALA ALA A . n 
A 1 151 ILE 151 148 148 ILE ILE A . n 
A 1 152 ASP 152 149 149 ASP ASP A . n 
A 1 153 GLY 153 150 150 GLY GLY A . n 
A 1 154 VAL 154 151 151 VAL VAL A . n 
A 1 155 ARG 155 152 152 ARG ARG A . n 
A 1 156 GLU 156 153 153 GLU GLU A . n 
A 1 157 ARG 157 154 154 ARG ARG A . n 
A 1 158 LEU 158 155 155 LEU LEU A . n 
A 1 159 ARG 159 156 156 ARG ARG A . n 
A 1 160 GLY 160 157 ?   ?   ?   A . n 
A 1 161 ALA 161 158 ?   ?   ?   A . n 
A 1 162 ALA 162 159 ?   ?   ?   A . n 
A 1 163 GLU 163 160 ?   ?   ?   A . n 
A 1 164 ALA 164 161 ?   ?   ?   A . n 
A 1 165 THR 165 162 ?   ?   ?   A . n 
A 1 166 SER 166 163 ?   ?   ?   A . n 
A 1 167 ALA 167 164 ?   ?   ?   A . n 
A 1 168 GLN 168 165 ?   ?   ?   A . n 
A 1 169 LEU 169 166 ?   ?   ?   A . n 
A 1 170 ALA 170 167 ?   ?   ?   A . n 
A 1 171 THR 171 168 ?   ?   ?   A . n 
A 1 172 ALA 172 169 ?   ?   ?   A . n 
A 1 173 ALA 173 170 ?   ?   ?   A . n 
A 1 174 TYR 174 171 ?   ?   ?   A . n 
A 1 175 ASN 175 172 ?   ?   ?   A . n 
# 
loop_
_pdbx_nonpoly_scheme.asym_id 
_pdbx_nonpoly_scheme.entity_id 
_pdbx_nonpoly_scheme.mon_id 
_pdbx_nonpoly_scheme.ndb_seq_num 
_pdbx_nonpoly_scheme.pdb_seq_num 
_pdbx_nonpoly_scheme.auth_seq_num 
_pdbx_nonpoly_scheme.pdb_mon_id 
_pdbx_nonpoly_scheme.auth_mon_id 
_pdbx_nonpoly_scheme.pdb_strand_id 
_pdbx_nonpoly_scheme.pdb_ins_code 
B 2 SO4 1   201 2   SO4 SO4 A . 
C 2 SO4 1   202 3   SO4 SO4 A . 
D 3 NA  1   203 1   NA  NA  A . 
E 4 CL  1   204 1   CL  CL  A . 
F 5 MG  1   205 1   MG  MG  A . 
G 6 HOH 1   301 1   HOH TIP A . 
G 6 HOH 2   302 2   HOH TIP A . 
G 6 HOH 3   303 3   HOH TIP A . 
G 6 HOH 4   304 4   HOH TIP A . 
G 6 HOH 5   305 5   HOH TIP A . 
G 6 HOH 6   306 6   HOH TIP A . 
G 6 HOH 7   307 7   HOH TIP A . 
G 6 HOH 8   308 8   HOH TIP A . 
G 6 HOH 9   309 9   HOH TIP A . 
G 6 HOH 10  310 10  HOH TIP A . 
G 6 HOH 11  311 11  HOH TIP A . 
G 6 HOH 12  312 12  HOH TIP A . 
G 6 HOH 13  313 13  HOH TIP A . 
G 6 HOH 14  314 14  HOH TIP A . 
G 6 HOH 15  315 15  HOH TIP A . 
G 6 HOH 16  316 16  HOH TIP A . 
G 6 HOH 17  317 17  HOH TIP A . 
G 6 HOH 18  318 18  HOH TIP A . 
G 6 HOH 19  319 20  HOH TIP A . 
G 6 HOH 20  320 21  HOH TIP A . 
G 6 HOH 21  321 22  HOH TIP A . 
G 6 HOH 22  322 23  HOH TIP A . 
G 6 HOH 23  323 24  HOH TIP A . 
G 6 HOH 24  324 25  HOH TIP A . 
G 6 HOH 25  325 26  HOH TIP A . 
G 6 HOH 26  326 27  HOH TIP A . 
G 6 HOH 27  327 28  HOH TIP A . 
G 6 HOH 28  328 29  HOH TIP A . 
G 6 HOH 29  329 30  HOH TIP A . 
G 6 HOH 30  330 31  HOH TIP A . 
G 6 HOH 31  331 32  HOH TIP A . 
G 6 HOH 32  332 34  HOH TIP A . 
G 6 HOH 33  333 35  HOH TIP A . 
G 6 HOH 34  334 36  HOH TIP A . 
G 6 HOH 35  335 37  HOH TIP A . 
G 6 HOH 36  336 38  HOH TIP A . 
G 6 HOH 37  337 39  HOH TIP A . 
G 6 HOH 38  338 40  HOH TIP A . 
G 6 HOH 39  339 41  HOH TIP A . 
G 6 HOH 40  340 42  HOH TIP A . 
G 6 HOH 41  341 43  HOH TIP A . 
G 6 HOH 42  342 45  HOH TIP A . 
G 6 HOH 43  343 46  HOH TIP A . 
G 6 HOH 44  344 47  HOH TIP A . 
G 6 HOH 45  345 48  HOH TIP A . 
G 6 HOH 46  346 49  HOH TIP A . 
G 6 HOH 47  347 51  HOH TIP A . 
G 6 HOH 48  348 52  HOH TIP A . 
G 6 HOH 49  349 53  HOH TIP A . 
G 6 HOH 50  350 55  HOH TIP A . 
G 6 HOH 51  351 56  HOH TIP A . 
G 6 HOH 52  352 59  HOH TIP A . 
G 6 HOH 53  353 60  HOH TIP A . 
G 6 HOH 54  354 61  HOH TIP A . 
G 6 HOH 55  355 62  HOH TIP A . 
G 6 HOH 56  356 63  HOH TIP A . 
G 6 HOH 57  357 64  HOH TIP A . 
G 6 HOH 58  358 65  HOH TIP A . 
G 6 HOH 59  359 66  HOH TIP A . 
G 6 HOH 60  360 67  HOH TIP A . 
G 6 HOH 61  361 68  HOH TIP A . 
G 6 HOH 62  362 69  HOH TIP A . 
G 6 HOH 63  363 1   HOH TIP A . 
G 6 HOH 64  364 2   HOH TIP A . 
G 6 HOH 65  365 3   HOH TIP A . 
G 6 HOH 66  366 4   HOH TIP A . 
G 6 HOH 67  367 5   HOH TIP A . 
G 6 HOH 68  368 6   HOH TIP A . 
G 6 HOH 69  369 7   HOH TIP A . 
G 6 HOH 70  370 8   HOH TIP A . 
G 6 HOH 71  371 9   HOH TIP A . 
G 6 HOH 72  372 10  HOH TIP A . 
G 6 HOH 73  373 11  HOH TIP A . 
G 6 HOH 74  374 12  HOH TIP A . 
G 6 HOH 75  375 13  HOH TIP A . 
G 6 HOH 76  376 14  HOH TIP A . 
G 6 HOH 77  377 15  HOH TIP A . 
G 6 HOH 78  378 16  HOH TIP A . 
G 6 HOH 79  379 17  HOH TIP A . 
G 6 HOH 80  380 18  HOH TIP A . 
G 6 HOH 81  381 21  HOH TIP A . 
G 6 HOH 82  382 23  HOH TIP A . 
G 6 HOH 83  383 24  HOH TIP A . 
G 6 HOH 84  384 25  HOH TIP A . 
G 6 HOH 85  385 26  HOH TIP A . 
G 6 HOH 86  386 27  HOH TIP A . 
G 6 HOH 87  387 28  HOH TIP A . 
G 6 HOH 88  388 29  HOH TIP A . 
G 6 HOH 89  389 30  HOH TIP A . 
G 6 HOH 90  390 31  HOH TIP A . 
G 6 HOH 91  391 32  HOH TIP A . 
G 6 HOH 92  392 33  HOH TIP A . 
G 6 HOH 93  393 34  HOH TIP A . 
G 6 HOH 94  394 35  HOH TIP A . 
G 6 HOH 95  395 36  HOH TIP A . 
G 6 HOH 96  396 37  HOH TIP A . 
G 6 HOH 97  397 38  HOH TIP A . 
G 6 HOH 98  398 39  HOH TIP A . 
G 6 HOH 99  399 40  HOH TIP A . 
G 6 HOH 100 400 41  HOH TIP A . 
G 6 HOH 101 401 42  HOH TIP A . 
G 6 HOH 102 402 43  HOH TIP A . 
G 6 HOH 103 403 44  HOH TIP A . 
G 6 HOH 104 404 45  HOH TIP A . 
G 6 HOH 105 405 46  HOH TIP A . 
G 6 HOH 106 406 47  HOH TIP A . 
G 6 HOH 107 407 48  HOH TIP A . 
G 6 HOH 108 408 49  HOH TIP A . 
G 6 HOH 109 409 51  HOH TIP A . 
G 6 HOH 110 410 52  HOH TIP A . 
G 6 HOH 111 411 53  HOH TIP A . 
G 6 HOH 112 412 54  HOH TIP A . 
G 6 HOH 113 413 56  HOH TIP A . 
G 6 HOH 114 414 57  HOH TIP A . 
G 6 HOH 115 415 58  HOH TIP A . 
G 6 HOH 116 416 59  HOH TIP A . 
G 6 HOH 117 417 60  HOH TIP A . 
G 6 HOH 118 418 61  HOH TIP A . 
G 6 HOH 119 419 62  HOH TIP A . 
G 6 HOH 120 420 63  HOH TIP A . 
G 6 HOH 121 421 64  HOH TIP A . 
G 6 HOH 122 422 65  HOH TIP A . 
G 6 HOH 123 423 66  HOH TIP A . 
G 6 HOH 124 424 67  HOH TIP A . 
G 6 HOH 125 425 68  HOH TIP A . 
G 6 HOH 126 426 69  HOH TIP A . 
G 6 HOH 127 427 70  HOH TIP A . 
G 6 HOH 128 428 71  HOH TIP A . 
G 6 HOH 129 429 72  HOH TIP A . 
G 6 HOH 130 430 73  HOH TIP A . 
G 6 HOH 131 431 74  HOH TIP A . 
G 6 HOH 132 432 75  HOH TIP A . 
G 6 HOH 133 433 76  HOH TIP A . 
G 6 HOH 134 434 77  HOH TIP A . 
G 6 HOH 135 435 78  HOH TIP A . 
G 6 HOH 136 436 80  HOH TIP A . 
G 6 HOH 137 437 81  HOH TIP A . 
G 6 HOH 138 438 84  HOH TIP A . 
G 6 HOH 139 439 85  HOH TIP A . 
G 6 HOH 140 440 86  HOH TIP A . 
G 6 HOH 141 441 87  HOH TIP A . 
G 6 HOH 142 442 88  HOH TIP A . 
G 6 HOH 143 443 90  HOH TIP A . 
G 6 HOH 144 444 91  HOH TIP A . 
G 6 HOH 145 445 92  HOH TIP A . 
G 6 HOH 146 446 99  HOH TIP A . 
G 6 HOH 147 447 100 HOH TIP A . 
G 6 HOH 148 448 101 HOH TIP A . 
G 6 HOH 149 449 102 HOH TIP A . 
G 6 HOH 150 450 103 HOH TIP A . 
G 6 HOH 151 451 104 HOH TIP A . 
G 6 HOH 152 452 105 HOH TIP A . 
G 6 HOH 153 453 106 HOH TIP A . 
G 6 HOH 154 454 107 HOH TIP A . 
G 6 HOH 155 455 108 HOH TIP A . 
G 6 HOH 156 456 109 HOH TIP A . 
G 6 HOH 157 457 110 HOH TIP A . 
G 6 HOH 158 458 111 HOH TIP A . 
G 6 HOH 159 459 112 HOH TIP A . 
G 6 HOH 160 460 113 HOH TIP A . 
G 6 HOH 161 461 114 HOH TIP A . 
G 6 HOH 162 462 115 HOH TIP A . 
G 6 HOH 163 463 116 HOH TIP A . 
G 6 HOH 164 464 1   HOH HOH A . 
G 6 HOH 165 465 2   HOH HOH A . 
G 6 HOH 166 466 3   HOH HOH A . 
# 
loop_
_pdbx_unobs_or_zero_occ_atoms.id 
_pdbx_unobs_or_zero_occ_atoms.PDB_model_num 
_pdbx_unobs_or_zero_occ_atoms.polymer_flag 
_pdbx_unobs_or_zero_occ_atoms.occupancy_flag 
_pdbx_unobs_or_zero_occ_atoms.auth_asym_id 
_pdbx_unobs_or_zero_occ_atoms.auth_comp_id 
_pdbx_unobs_or_zero_occ_atoms.auth_seq_id 
_pdbx_unobs_or_zero_occ_atoms.PDB_ins_code 
_pdbx_unobs_or_zero_occ_atoms.auth_atom_id 
_pdbx_unobs_or_zero_occ_atoms.label_alt_id 
_pdbx_unobs_or_zero_occ_atoms.label_asym_id 
_pdbx_unobs_or_zero_occ_atoms.label_comp_id 
_pdbx_unobs_or_zero_occ_atoms.label_seq_id 
_pdbx_unobs_or_zero_occ_atoms.label_atom_id 
1  1 Y 1 A HIS 7   ? CG  ? A HIS 10  CG  
2  1 Y 1 A HIS 7   ? ND1 ? A HIS 10  ND1 
3  1 Y 1 A HIS 7   ? CD2 ? A HIS 10  CD2 
4  1 Y 1 A HIS 7   ? CE1 ? A HIS 10  CE1 
5  1 Y 1 A HIS 7   ? NE2 ? A HIS 10  NE2 
6  1 Y 1 A GLU 42  ? CG  ? A GLU 45  CG  
7  1 Y 1 A GLU 42  ? CD  ? A GLU 45  CD  
8  1 Y 1 A GLU 42  ? OE1 ? A GLU 45  OE1 
9  1 Y 1 A GLU 42  ? OE2 ? A GLU 45  OE2 
10 1 Y 1 A GLU 91  ? CG  ? A GLU 94  CG  
11 1 Y 1 A GLU 91  ? CD  ? A GLU 94  CD  
12 1 Y 1 A GLU 91  ? OE1 ? A GLU 94  OE1 
13 1 Y 1 A GLU 91  ? OE2 ? A GLU 94  OE2 
14 1 Y 1 A GLU 153 ? CG  ? A GLU 156 CG  
15 1 Y 1 A GLU 153 ? CD  ? A GLU 156 CD  
16 1 Y 1 A GLU 153 ? OE1 ? A GLU 156 OE1 
17 1 Y 1 A GLU 153 ? OE2 ? A GLU 156 OE2 
# 
loop_
_software.pdbx_ordinal 
_software.name 
_software.version 
_software.date 
_software.type 
_software.contact_author 
_software.contact_author_email 
_software.classification 
_software.location 
_software.language 
_software.citation_id 
1 DENZO       .       ?                package 'Zbyszek Otwinowski' hkl@hkl-xray.com         'data reduction'  
http://www.hkl-xray.com/                  ?          ? 
2 SCALEPACK   .       ?                package 'Zbyszek Otwinowski' hkl@hkl-xray.com         'data scaling'    
http://www.hkl-xray.com/                  ?          ? 
3 CNS         .       ?                package 'Axel T. Brunger'    axel.brunger@yale.edu    refinement        
http://cns-online.org/                    Fortran_77 ? 
4 PDB_EXTRACT 3.11    'April 22, 2011' package PDB                  deposit@deposit.rcsb.org 'data extraction' 
http://sw-tools.pdb.org/apps/PDB_EXTRACT/ C++        ? 
5 ADSC        Quantum ?                ?       ?                    ?                        'data collection' ? ?          ? 
6 SOLVE       .       ?                ?       ?                    ?                        phasing           ? ?          ? 
# 
_cell.length_a           61.058 
_cell.length_b           61.058 
_cell.length_c           81.406 
_cell.angle_alpha        90.000 
_cell.angle_beta         90.000 
_cell.angle_gamma        120.000 
_cell.entry_id           4I3M 
_cell.pdbx_unique_axis   ? 
_cell.Z_PDB              6 
_cell.length_a_esd       ? 
_cell.length_b_esd       ? 
_cell.length_c_esd       ? 
_cell.angle_alpha_esd    ? 
_cell.angle_beta_esd     ? 
_cell.angle_gamma_esd    ? 
# 
_symmetry.space_group_name_H-M             'P 32 1 2' 
_symmetry.entry_id                         4I3M 
_symmetry.Int_Tables_number                153 
_symmetry.pdbx_full_space_group_name_H-M   ? 
_symmetry.cell_setting                     ? 
_symmetry.space_group_name_Hall            ? 
# 
_exptl.crystals_number   1 
_exptl.entry_id          4I3M 
_exptl.method            'X-RAY DIFFRACTION' 
# 
_exptl_crystal.id                    1 
_exptl_crystal.density_Matthews      2.53 
_exptl_crystal.density_meas          ? 
_exptl_crystal.density_percent_sol   46.63 
_exptl_crystal.description           ? 
_exptl_crystal.F_000                 ? 
_exptl_crystal.preparation           ? 
# 
_exptl_crystal_grow.crystal_id      1 
_exptl_crystal_grow.method          'VAPOR DIFFUSION, HANGING DROP' 
_exptl_crystal_grow.pH              8.5 
_exptl_crystal_grow.temp            298 
_exptl_crystal_grow.temp_details    ? 
_exptl_crystal_grow.pdbx_details    '1.5-1.7M magnesium sulfate, 0.1M Tris pH 8.5, VAPOR DIFFUSION, HANGING DROP, temperature 298K' 
_exptl_crystal_grow.pdbx_pH_range   ? 
# 
_diffrn.id                     1 
_diffrn.ambient_temp           193 
_diffrn.ambient_temp_details   ? 
_diffrn.crystal_id             1 
# 
_diffrn_detector.diffrn_id              1 
_diffrn_detector.detector               CCD 
_diffrn_detector.type                   'ADSC QUANTUM 210' 
_diffrn_detector.pdbx_collection_date   2010-06-10 
_diffrn_detector.details                ? 
# 
_diffrn_radiation.diffrn_id                        1 
_diffrn_radiation.wavelength_id                    1 
_diffrn_radiation.pdbx_diffrn_protocol             'SINGLE WAVELENGTH' 
_diffrn_radiation.monochromator                    ? 
_diffrn_radiation.pdbx_monochromatic_or_laue_m_l   M 
_diffrn_radiation.pdbx_scattering_type             x-ray 
# 
_diffrn_radiation_wavelength.id           1 
_diffrn_radiation_wavelength.wavelength   0.97720 
_diffrn_radiation_wavelength.wt           1.0 
# 
_diffrn_source.diffrn_id                   1 
_diffrn_source.source                      SYNCHROTRON 
_diffrn_source.type                        'CHESS BEAMLINE A1' 
_diffrn_source.pdbx_wavelength             ? 
_diffrn_source.pdbx_wavelength_list        0.97720 
_diffrn_source.pdbx_synchrotron_site       CHESS 
_diffrn_source.pdbx_synchrotron_beamline   A1 
# 
_reflns.entry_id                     4I3M 
_reflns.d_resolution_high            1.960 
_reflns.d_resolution_low             50.000 
_reflns.number_obs                   12597 
_reflns.pdbx_Rmerge_I_obs            0.074 
_reflns.pdbx_netI_over_sigmaI        15.600 
_reflns.pdbx_chi_squared             1.123 
_reflns.pdbx_redundancy              10.700 
_reflns.percent_possible_obs         99.700 
_reflns.observed_criterion_sigma_F   ? 
_reflns.observed_criterion_sigma_I   ? 
_reflns.number_all                   ? 
_reflns.pdbx_Rsym_value              ? 
_reflns.B_iso_Wilson_estimate        ? 
_reflns.R_free_details               ? 
_reflns.limit_h_max                  ? 
_reflns.limit_h_min                  ? 
_reflns.limit_k_max                  ? 
_reflns.limit_k_min                  ? 
_reflns.limit_l_max                  ? 
_reflns.limit_l_min                  ? 
_reflns.observed_criterion_F_max     ? 
_reflns.observed_criterion_F_min     ? 
_reflns.pdbx_scaling_rejects         ? 
_reflns.pdbx_ordinal                 1 
_reflns.pdbx_diffrn_id               1 
# 
loop_
_reflns_shell.d_res_high 
_reflns_shell.d_res_low 
_reflns_shell.number_measured_obs 
_reflns_shell.number_measured_all 
_reflns_shell.number_unique_obs 
_reflns_shell.Rmerge_I_obs 
_reflns_shell.meanI_over_sigI_obs 
_reflns_shell.pdbx_Rsym_value 
_reflns_shell.pdbx_chi_squared 
_reflns_shell.pdbx_redundancy 
_reflns_shell.percent_possible_obs 
_reflns_shell.number_unique_all 
_reflns_shell.percent_possible_all 
_reflns_shell.pdbx_ordinal 
_reflns_shell.pdbx_diffrn_id 
1.960 1.990  ? ? ? 0.330 ? ? 1.096 10.500 ? 614 100.000 1  1 
1.990 2.030  ? ? ? 0.286 ? ? 1.154 10.400 ? 629 100.000 2  1 
2.030 2.070  ? ? ? 0.250 ? ? 1.160 10.600 ? 613 100.000 3  1 
2.070 2.110  ? ? ? 0.204 ? ? 1.228 10.600 ? 630 100.000 4  1 
2.110 2.160  ? ? ? 0.187 ? ? 1.142 10.600 ? 621 100.000 5  1 
2.160 2.210  ? ? ? 0.166 ? ? 1.137 10.600 ? 631 100.000 6  1 
2.210 2.260  ? ? ? 0.151 ? ? 1.172 10.700 ? 621 100.000 7  1 
2.260 2.320  ? ? ? 0.138 ? ? 1.139 10.800 ? 618 100.000 8  1 
2.320 2.390  ? ? ? 0.127 ? ? 1.164 10.800 ? 631 100.000 9  1 
2.390 2.470  ? ? ? 0.118 ? ? 1.107 10.800 ? 636 100.000 10 1 
2.470 2.560  ? ? ? 0.106 ? ? 1.097 10.800 ? 629 100.000 11 1 
2.560 2.660  ? ? ? 0.099 ? ? 1.055 11.000 ? 634 100.000 12 1 
2.660 2.780  ? ? ? 0.086 ? ? 1.100 10.900 ? 629 100.000 13 1 
2.780 2.930  ? ? ? 0.077 ? ? 1.144 11.000 ? 624 100.000 14 1 
2.930 3.110  ? ? ? 0.071 ? ? 1.157 11.000 ? 639 100.000 15 1 
3.110 3.350  ? ? ? 0.063 ? ? 1.057 11.000 ? 628 100.000 16 1 
3.350 3.690  ? ? ? 0.058 ? ? 1.020 10.900 ? 634 100.000 17 1 
3.690 4.220  ? ? ? 0.052 ? ? 1.204 10.700 ? 646 100.000 18 1 
4.220 5.320  ? ? ? 0.053 ? ? 1.078 10.600 ? 650 99.800  19 1 
5.320 50.000 ? ? ? 0.093 ? ? 1.048 9.900  ? 640 93.700  20 1 
# 
_refine.entry_id                                 4I3M 
_refine.ls_d_res_high                            1.9500 
_refine.ls_d_res_low                             50.0000 
_refine.pdbx_ls_sigma_F                          0.000 
_refine.pdbx_data_cutoff_high_absF               ? 
_refine.pdbx_data_cutoff_low_absF                ? 
_refine.ls_percent_reflns_obs                    97.4000 
_refine.ls_number_reflns_obs                     12559 
_refine.ls_number_reflns_all                     ? 
_refine.pdbx_ls_cross_valid_method               ? 
_refine.pdbx_R_Free_selection_details            RANDOM 
_refine.details                                  ? 
_refine.ls_R_factor_all                          ? 
_refine.ls_R_factor_obs                          ? 
_refine.ls_R_factor_R_work                       0.2077 
_refine.ls_wR_factor_R_work                      ? 
_refine.ls_R_factor_R_free                       0.2592 
_refine.ls_wR_factor_R_free                      ? 
_refine.ls_percent_reflns_R_free                 10.0000 
_refine.ls_number_reflns_R_free                  1293 
_refine.ls_R_factor_R_free_error                 ? 
_refine.B_iso_mean                               36.9771 
_refine.solvent_model_param_bsol                 80.3635 
_refine.solvent_model_param_ksol                 ? 
_refine.pdbx_isotropic_thermal_model             ? 
_refine.aniso_B[1][1]                            -3.6970 
_refine.aniso_B[2][2]                            -3.6970 
_refine.aniso_B[3][3]                            7.3940 
_refine.aniso_B[1][2]                            0.0000 
_refine.aniso_B[1][3]                            0.0000 
_refine.aniso_B[2][3]                            0.0000 
_refine.correlation_coeff_Fo_to_Fc               ? 
_refine.correlation_coeff_Fo_to_Fc_free          ? 
_refine.overall_SU_R_Cruickshank_DPI             ? 
_refine.overall_SU_R_free                        ? 
_refine.pdbx_overall_ESU_R                       ? 
_refine.pdbx_overall_ESU_R_Free                  ? 
_refine.overall_SU_ML                            ? 
_refine.overall_SU_B                             ? 
_refine.solvent_model_details                    ? 
_refine.pdbx_solvent_vdw_probe_radii             ? 
_refine.pdbx_solvent_ion_probe_radii             ? 
_refine.pdbx_solvent_shrinkage_radii             ? 
_refine.ls_number_parameters                     ? 
_refine.ls_number_restraints                     ? 
_refine.pdbx_starting_model                      ? 
_refine.pdbx_method_to_determine_struct          'MOLECULAR REPLACEMENT' 
_refine.pdbx_stereochemistry_target_values       ? 
_refine.pdbx_stereochem_target_val_spec_case     ? 
_refine.overall_FOM_work_R_set                   ? 
_refine.B_iso_max                                84.570 
_refine.B_iso_min                                21.510 
_refine.pdbx_overall_phase_error                 ? 
_refine.occupancy_max                            1.000 
_refine.occupancy_min                            1.000 
_refine.pdbx_ls_sigma_I                          ? 
_refine.ls_redundancy_reflns_obs                 ? 
_refine.ls_R_factor_R_free_error_details         ? 
_refine.pdbx_data_cutoff_high_rms_absF           ? 
_refine.overall_FOM_free_R_set                   ? 
_refine.pdbx_diffrn_id                           1 
_refine.pdbx_refine_id                           'X-RAY DIFFRACTION' 
_refine.pdbx_TLS_residual_ADP_flag               ? 
_refine.pdbx_overall_SU_R_free_Cruickshank_DPI   ? 
_refine.pdbx_overall_SU_R_Blow_DPI               ? 
_refine.pdbx_overall_SU_R_free_Blow_DPI          ? 
# 
_refine_hist.pdbx_refine_id                   'X-RAY DIFFRACTION' 
_refine_hist.cycle_id                         LAST 
_refine_hist.pdbx_number_atoms_protein        1148 
_refine_hist.pdbx_number_atoms_nucleic_acid   0 
_refine_hist.pdbx_number_atoms_ligand         13 
_refine_hist.number_atoms_solvent             166 
_refine_hist.number_atoms_total               1327 
_refine_hist.d_res_high                       1.9500 
_refine_hist.d_res_low                        50.0000 
# 
loop_
_refine_ls_restr.type 
_refine_ls_restr.number 
_refine_ls_restr.dev_ideal 
_refine_ls_restr.dev_ideal_target 
_refine_ls_restr.weight 
_refine_ls_restr.pdbx_restraint_function 
_refine_ls_restr.pdbx_refine_id 
c_bond_d    ? 0.004 ? ? ? 'X-RAY DIFFRACTION' 
c_angle_deg ? 0.982 ? ? ? 'X-RAY DIFFRACTION' 
# 
loop_
_pdbx_xplor_file.serial_no 
_pdbx_xplor_file.param_file 
_pdbx_xplor_file.topol_file 
_pdbx_xplor_file.pdbx_refine_id 
1 protein_rep.param ? 'X-RAY DIFFRACTION' 
2 water_rep.param   ? 'X-RAY DIFFRACTION' 
3 ion.param         ? 'X-RAY DIFFRACTION' 
# 
_struct.entry_id                  4I3M 
_struct.title                     'Aer2 poly-HAMP domains: L44H HAMP1 CW-lock mutant' 
_struct.pdbx_model_details        ? 
_struct.pdbx_CASP_flag            ? 
_struct.pdbx_model_type_details   ? 
# 
_struct_keywords.entry_id        4I3M 
_struct_keywords.pdbx_keywords   'SIGNALING PROTEIN' 
_struct_keywords.text            'HAMP domain, poly-HAMP domain, signal transduction, signal relay, SIGNALING PROTEIN' 
# 
loop_
_struct_asym.id 
_struct_asym.pdbx_blank_PDB_chainid_flag 
_struct_asym.pdbx_modified 
_struct_asym.entity_id 
_struct_asym.details 
A N N 1 ? 
B N N 2 ? 
C N N 2 ? 
D N N 3 ? 
E N N 4 ? 
F N N 5 ? 
G N N 6 ? 
# 
_struct_ref.id                         1 
_struct_ref.db_name                    UNP 
_struct_ref.db_code                    Q9I6V6_PSEAE 
_struct_ref.pdbx_db_accession          Q9I6V6 
_struct_ref.entity_id                  1 
_struct_ref.pdbx_seq_one_letter_code   
;MGLFNAHAVAQQRADRIATLLQSFADGQLDTAVGEAPAPGYERLYDSLRALQRQLREQRAELQQVESLEAGLAEMSRQHE
AGWIDQTIPAERLEGRAARIAKGVNELVAAHIAVKMKVVSVVTAYGQGNFEPLMDRLPGKKAQITEAIDGVRERLRGAAE
ATSAQLATAAYN
;
_struct_ref.pdbx_align_begin           1 
_struct_ref.pdbx_db_isoform            ? 
# 
_struct_ref_seq.align_id                      1 
_struct_ref_seq.ref_id                        1 
_struct_ref_seq.pdbx_PDB_id_code              4I3M 
_struct_ref_seq.pdbx_strand_id                A 
_struct_ref_seq.seq_align_beg                 4 
_struct_ref_seq.pdbx_seq_align_beg_ins_code   ? 
_struct_ref_seq.seq_align_end                 175 
_struct_ref_seq.pdbx_seq_align_end_ins_code   ? 
_struct_ref_seq.pdbx_db_accession             Q9I6V6 
_struct_ref_seq.db_align_beg                  1 
_struct_ref_seq.pdbx_db_align_beg_ins_code    ? 
_struct_ref_seq.db_align_end                  172 
_struct_ref_seq.pdbx_db_align_end_ins_code    ? 
_struct_ref_seq.pdbx_auth_seq_align_beg       1 
_struct_ref_seq.pdbx_auth_seq_align_end       172 
# 
loop_
_struct_ref_seq_dif.align_id 
_struct_ref_seq_dif.pdbx_pdb_id_code 
_struct_ref_seq_dif.mon_id 
_struct_ref_seq_dif.pdbx_pdb_strand_id 
_struct_ref_seq_dif.seq_num 
_struct_ref_seq_dif.pdbx_pdb_ins_code 
_struct_ref_seq_dif.pdbx_seq_db_name 
_struct_ref_seq_dif.pdbx_seq_db_accession_code 
_struct_ref_seq_dif.db_mon_id 
_struct_ref_seq_dif.pdbx_seq_db_seq_num 
_struct_ref_seq_dif.details 
_struct_ref_seq_dif.pdbx_auth_seq_num 
_struct_ref_seq_dif.pdbx_ordinal 
1 4I3M GLY A 1  ? UNP Q9I6V6 ?   ?  'expression tag'      -2 1 
1 4I3M SER A 2  ? UNP Q9I6V6 ?   ?  'expression tag'      -1 2 
1 4I3M HIS A 3  ? UNP Q9I6V6 ?   ?  'expression tag'      0  3 
1 4I3M HIS A 47 ? UNP Q9I6V6 LEU 44 'engineered mutation' 44 4 
# 
_pdbx_struct_assembly.id                   1 
_pdbx_struct_assembly.details              author_and_software_defined_assembly 
_pdbx_struct_assembly.method_details       PISA 
_pdbx_struct_assembly.oligomeric_details   dimeric 
_pdbx_struct_assembly.oligomeric_count     2 
# 
loop_
_pdbx_struct_assembly_prop.biol_id 
_pdbx_struct_assembly_prop.type 
_pdbx_struct_assembly_prop.value 
_pdbx_struct_assembly_prop.details 
1 'ABSA (A^2)' 7040  ? 
1 MORE         -120  ? 
1 'SSA (A^2)'  16040 ? 
# 
_pdbx_struct_assembly_gen.assembly_id       1 
_pdbx_struct_assembly_gen.oper_expression   1,2 
_pdbx_struct_assembly_gen.asym_id_list      A,B,C,D,E,F,G 
# 
loop_
_pdbx_struct_oper_list.id 
_pdbx_struct_oper_list.type 
_pdbx_struct_oper_list.name 
_pdbx_struct_oper_list.symmetry_operation 
_pdbx_struct_oper_list.matrix[1][1] 
_pdbx_struct_oper_list.matrix[1][2] 
_pdbx_struct_oper_list.matrix[1][3] 
_pdbx_struct_oper_list.vector[1] 
_pdbx_struct_oper_list.matrix[2][1] 
_pdbx_struct_oper_list.matrix[2][2] 
_pdbx_struct_oper_list.matrix[2][3] 
_pdbx_struct_oper_list.vector[2] 
_pdbx_struct_oper_list.matrix[3][1] 
_pdbx_struct_oper_list.matrix[3][2] 
_pdbx_struct_oper_list.matrix[3][3] 
_pdbx_struct_oper_list.vector[3] 
1 'identity operation'         1_555 x,y,z           1.0000000000  0.0000000000  0.0000000000  0.0000000000  0.0000000000  1.0000000000 0.0000000000 0.0000000000  0.0000000000  0.0000000000 1.0000000000  0.0000000000  
2 'crystal symmetry operation' 5_654 -x+y+1,y,-z-1/3 -0.9728048516 -0.2159505031 -0.0837621685 -9.0329588041 -0.2159505031 0.7148139493 0.6651363756 -1.0793259911 -0.0837621685 0.6651363756 -0.7420090977 -0.1500876162 
# 
_struct_biol.id        1 
_struct_biol.details   ? 
# 
loop_
_struct_conf.conf_type_id 
_struct_conf.id 
_struct_conf.pdbx_PDB_helix_id 
_struct_conf.beg_label_comp_id 
_struct_conf.beg_label_asym_id 
_struct_conf.beg_label_seq_id 
_struct_conf.pdbx_beg_PDB_ins_code 
_struct_conf.end_label_comp_id 
_struct_conf.end_label_asym_id 
_struct_conf.end_label_seq_id 
_struct_conf.pdbx_end_PDB_ins_code 
_struct_conf.beg_auth_comp_id 
_struct_conf.beg_auth_asym_id 
_struct_conf.beg_auth_seq_id 
_struct_conf.end_auth_comp_id 
_struct_conf.end_auth_asym_id 
_struct_conf.end_auth_seq_id 
_struct_conf.pdbx_PDB_helix_class 
_struct_conf.details 
_struct_conf.pdbx_PDB_helix_length 
HELX_P HELX_P1 1 HIS A 10  ? GLY A 30  ? HIS A 7   GLY A 27  1 ? 21 
HELX_P HELX_P2 2 ALA A 41  ? GLY A 43  ? ALA A 38  GLY A 40  5 ? 3  
HELX_P HELX_P3 3 TYR A 44  ? ALA A 84  ? TYR A 41  ALA A 81  1 ? 41 
HELX_P HELX_P4 4 PRO A 92  ? LEU A 96  ? PRO A 89  LEU A 93  5 ? 5  
HELX_P HELX_P5 5 GLU A 97  ? GLN A 130 ? GLU A 94  GLN A 127 1 ? 34 
HELX_P HELX_P6 6 PRO A 141 ? LYS A 143 ? PRO A 138 LYS A 140 5 ? 3  
HELX_P HELX_P7 7 LYS A 144 ? ARG A 159 ? LYS A 141 ARG A 156 1 ? 16 
# 
_struct_conf_type.id          HELX_P 
_struct_conf_type.criteria    ? 
_struct_conf_type.reference   ? 
# 
loop_
_struct_conn.id 
_struct_conn.conn_type_id 
_struct_conn.pdbx_leaving_atom_flag 
_struct_conn.pdbx_PDB_id 
_struct_conn.ptnr1_label_asym_id 
_struct_conn.ptnr1_label_comp_id 
_struct_conn.ptnr1_label_seq_id 
_struct_conn.ptnr1_label_atom_id 
_struct_conn.pdbx_ptnr1_label_alt_id 
_struct_conn.pdbx_ptnr1_PDB_ins_code 
_struct_conn.pdbx_ptnr1_standard_comp_id 
_struct_conn.ptnr1_symmetry 
_struct_conn.ptnr2_label_asym_id 
_struct_conn.ptnr2_label_comp_id 
_struct_conn.ptnr2_label_seq_id 
_struct_conn.ptnr2_label_atom_id 
_struct_conn.pdbx_ptnr2_label_alt_id 
_struct_conn.pdbx_ptnr2_PDB_ins_code 
_struct_conn.ptnr1_auth_asym_id 
_struct_conn.ptnr1_auth_comp_id 
_struct_conn.ptnr1_auth_seq_id 
_struct_conn.ptnr2_auth_asym_id 
_struct_conn.ptnr2_auth_comp_id 
_struct_conn.ptnr2_auth_seq_id 
_struct_conn.ptnr2_symmetry 
_struct_conn.pdbx_ptnr3_label_atom_id 
_struct_conn.pdbx_ptnr3_label_seq_id 
_struct_conn.pdbx_ptnr3_label_comp_id 
_struct_conn.pdbx_ptnr3_label_asym_id 
_struct_conn.pdbx_ptnr3_label_alt_id 
_struct_conn.pdbx_ptnr3_PDB_ins_code 
_struct_conn.details 
_struct_conn.pdbx_dist_value 
_struct_conn.pdbx_value_order 
_struct_conn.pdbx_role 
metalc1 metalc ? ? A GLY 129 O  ? ? ? 1_555 F MG  . MG ? ? A GLY 126 A MG  205 1_555 ? ? ? ? ? ? ? 2.986 ? ? 
metalc2 metalc ? ? D NA  .   NA ? ? ? 1_555 G HOH . O  ? ? A NA  203 A HOH 308 1_555 ? ? ? ? ? ? ? 2.933 ? ? 
# 
_struct_conn_type.id          metalc 
_struct_conn_type.criteria    ? 
_struct_conn_type.reference   ? 
# 
loop_
_struct_site.id 
_struct_site.pdbx_evidence_code 
_struct_site.pdbx_auth_asym_id 
_struct_site.pdbx_auth_comp_id 
_struct_site.pdbx_auth_seq_id 
_struct_site.pdbx_auth_ins_code 
_struct_site.pdbx_num_residues 
_struct_site.details 
AC1 Software A SO4 201 ? 4 'BINDING SITE FOR RESIDUE SO4 A 201' 
AC2 Software A SO4 202 ? 3 'BINDING SITE FOR RESIDUE SO4 A 202' 
AC3 Software A NA  203 ? 1 'BINDING SITE FOR RESIDUE NA A 203'  
AC4 Software A CL  204 ? 2 'BINDING SITE FOR RESIDUE CL A 204'  
AC5 Software A MG  205 ? 1 'BINDING SITE FOR RESIDUE MG A 205'  
# 
loop_
_struct_site_gen.id 
_struct_site_gen.site_id 
_struct_site_gen.pdbx_num_res 
_struct_site_gen.label_comp_id 
_struct_site_gen.label_asym_id 
_struct_site_gen.label_seq_id 
_struct_site_gen.pdbx_auth_ins_code 
_struct_site_gen.auth_comp_id 
_struct_site_gen.auth_asym_id 
_struct_site_gen.auth_seq_id 
_struct_site_gen.label_atom_id 
_struct_site_gen.label_alt_id 
_struct_site_gen.symmetry 
_struct_site_gen.details 
1  AC1 4 SER A 26  ? SER A 23  . ? 1_555 ? 
2  AC1 4 LYS A 143 ? LYS A 140 . ? 1_565 ? 
3  AC1 4 GLN A 146 ? GLN A 143 . ? 1_565 ? 
4  AC1 4 HOH G .   ? HOH A 430 . ? 1_555 ? 
5  AC2 3 ARG A 155 ? ARG A 152 . ? 1_555 ? 
6  AC2 3 ARG A 159 ? ARG A 156 . ? 1_555 ? 
7  AC2 3 HOH G .   ? HOH A 457 . ? 1_555 ? 
8  AC3 1 HOH G .   ? HOH A 308 . ? 1_555 ? 
9  AC4 2 ARG A 19  ? ARG A 16  . ? 5_544 ? 
10 AC4 2 GLN A 89  ? GLN A 86  . ? 1_555 ? 
11 AC5 1 GLY A 129 ? GLY A 126 . ? 1_555 ? 
# 
_pdbx_validate_symm_contact.id                1 
_pdbx_validate_symm_contact.PDB_model_num     1 
_pdbx_validate_symm_contact.auth_atom_id_1    O 
_pdbx_validate_symm_contact.auth_asym_id_1    A 
_pdbx_validate_symm_contact.auth_comp_id_1    HOH 
_pdbx_validate_symm_contact.auth_seq_id_1     390 
_pdbx_validate_symm_contact.PDB_ins_code_1    ? 
_pdbx_validate_symm_contact.label_alt_id_1    ? 
_pdbx_validate_symm_contact.site_symmetry_1   1_555 
_pdbx_validate_symm_contact.auth_atom_id_2    O 
_pdbx_validate_symm_contact.auth_asym_id_2    A 
_pdbx_validate_symm_contact.auth_comp_id_2    HOH 
_pdbx_validate_symm_contact.auth_seq_id_2     390 
_pdbx_validate_symm_contact.PDB_ins_code_2    ? 
_pdbx_validate_symm_contact.label_alt_id_2    ? 
_pdbx_validate_symm_contact.site_symmetry_2   5_654 
_pdbx_validate_symm_contact.dist              1.92 
# 
loop_
_pdbx_struct_special_symmetry.id 
_pdbx_struct_special_symmetry.PDB_model_num 
_pdbx_struct_special_symmetry.auth_asym_id 
_pdbx_struct_special_symmetry.auth_comp_id 
_pdbx_struct_special_symmetry.auth_seq_id 
_pdbx_struct_special_symmetry.PDB_ins_code 
_pdbx_struct_special_symmetry.label_asym_id 
_pdbx_struct_special_symmetry.label_comp_id 
_pdbx_struct_special_symmetry.label_seq_id 
1 1 A HOH 377 ? G HOH . 
2 1 A HOH 413 ? G HOH . 
# 
loop_
_pdbx_unobs_or_zero_occ_residues.id 
_pdbx_unobs_or_zero_occ_residues.PDB_model_num 
_pdbx_unobs_or_zero_occ_residues.polymer_flag 
_pdbx_unobs_or_zero_occ_residues.occupancy_flag 
_pdbx_unobs_or_zero_occ_residues.auth_asym_id 
_pdbx_unobs_or_zero_occ_residues.auth_comp_id 
_pdbx_unobs_or_zero_occ_residues.auth_seq_id 
_pdbx_unobs_or_zero_occ_residues.PDB_ins_code 
_pdbx_unobs_or_zero_occ_residues.label_asym_id 
_pdbx_unobs_or_zero_occ_residues.label_comp_id 
_pdbx_unobs_or_zero_occ_residues.label_seq_id 
1  1 Y 1 A GLY -2  ? A GLY 1   
2  1 Y 1 A SER -1  ? A SER 2   
3  1 Y 1 A HIS 0   ? A HIS 3   
4  1 Y 1 A MET 1   ? A MET 4   
5  1 Y 1 A GLY 2   ? A GLY 5   
6  1 Y 1 A LEU 3   ? A LEU 6   
7  1 Y 1 A PHE 4   ? A PHE 7   
8  1 Y 1 A ASN 5   ? A ASN 8   
9  1 Y 1 A ALA 6   ? A ALA 9   
10 1 Y 1 A GLY 157 ? A GLY 160 
11 1 Y 1 A ALA 158 ? A ALA 161 
12 1 Y 1 A ALA 159 ? A ALA 162 
13 1 Y 1 A GLU 160 ? A GLU 163 
14 1 Y 1 A ALA 161 ? A ALA 164 
15 1 Y 1 A THR 162 ? A THR 165 
16 1 Y 1 A SER 163 ? A SER 166 
17 1 Y 1 A ALA 164 ? A ALA 167 
18 1 Y 1 A GLN 165 ? A GLN 168 
19 1 Y 1 A LEU 166 ? A LEU 169 
20 1 Y 1 A ALA 167 ? A ALA 170 
21 1 Y 1 A THR 168 ? A THR 171 
22 1 Y 1 A ALA 169 ? A ALA 172 
23 1 Y 1 A ALA 170 ? A ALA 173 
24 1 Y 1 A TYR 171 ? A TYR 174 
25 1 Y 1 A ASN 172 ? A ASN 175 
# 
loop_
_chem_comp_atom.comp_id 
_chem_comp_atom.atom_id 
_chem_comp_atom.type_symbol 
_chem_comp_atom.pdbx_aromatic_flag 
_chem_comp_atom.pdbx_stereo_config 
_chem_comp_atom.pdbx_ordinal 
ALA N    N  N N 1   
ALA CA   C  N S 2   
ALA C    C  N N 3   
ALA O    O  N N 4   
ALA CB   C  N N 5   
ALA OXT  O  N N 6   
ALA H    H  N N 7   
ALA H2   H  N N 8   
ALA HA   H  N N 9   
ALA HB1  H  N N 10  
ALA HB2  H  N N 11  
ALA HB3  H  N N 12  
ALA HXT  H  N N 13  
ARG N    N  N N 14  
ARG CA   C  N S 15  
ARG C    C  N N 16  
ARG O    O  N N 17  
ARG CB   C  N N 18  
ARG CG   C  N N 19  
ARG CD   C  N N 20  
ARG NE   N  N N 21  
ARG CZ   C  N N 22  
ARG NH1  N  N N 23  
ARG NH2  N  N N 24  
ARG OXT  O  N N 25  
ARG H    H  N N 26  
ARG H2   H  N N 27  
ARG HA   H  N N 28  
ARG HB2  H  N N 29  
ARG HB3  H  N N 30  
ARG HG2  H  N N 31  
ARG HG3  H  N N 32  
ARG HD2  H  N N 33  
ARG HD3  H  N N 34  
ARG HE   H  N N 35  
ARG HH11 H  N N 36  
ARG HH12 H  N N 37  
ARG HH21 H  N N 38  
ARG HH22 H  N N 39  
ARG HXT  H  N N 40  
ASN N    N  N N 41  
ASN CA   C  N S 42  
ASN C    C  N N 43  
ASN O    O  N N 44  
ASN CB   C  N N 45  
ASN CG   C  N N 46  
ASN OD1  O  N N 47  
ASN ND2  N  N N 48  
ASN OXT  O  N N 49  
ASN H    H  N N 50  
ASN H2   H  N N 51  
ASN HA   H  N N 52  
ASN HB2  H  N N 53  
ASN HB3  H  N N 54  
ASN HD21 H  N N 55  
ASN HD22 H  N N 56  
ASN HXT  H  N N 57  
ASP N    N  N N 58  
ASP CA   C  N S 59  
ASP C    C  N N 60  
ASP O    O  N N 61  
ASP CB   C  N N 62  
ASP CG   C  N N 63  
ASP OD1  O  N N 64  
ASP OD2  O  N N 65  
ASP OXT  O  N N 66  
ASP H    H  N N 67  
ASP H2   H  N N 68  
ASP HA   H  N N 69  
ASP HB2  H  N N 70  
ASP HB3  H  N N 71  
ASP HD2  H  N N 72  
ASP HXT  H  N N 73  
CL  CL   CL N N 74  
GLN N    N  N N 75  
GLN CA   C  N S 76  
GLN C    C  N N 77  
GLN O    O  N N 78  
GLN CB   C  N N 79  
GLN CG   C  N N 80  
GLN CD   C  N N 81  
GLN OE1  O  N N 82  
GLN NE2  N  N N 83  
GLN OXT  O  N N 84  
GLN H    H  N N 85  
GLN H2   H  N N 86  
GLN HA   H  N N 87  
GLN HB2  H  N N 88  
GLN HB3  H  N N 89  
GLN HG2  H  N N 90  
GLN HG3  H  N N 91  
GLN HE21 H  N N 92  
GLN HE22 H  N N 93  
GLN HXT  H  N N 94  
GLU N    N  N N 95  
GLU CA   C  N S 96  
GLU C    C  N N 97  
GLU O    O  N N 98  
GLU CB   C  N N 99  
GLU CG   C  N N 100 
GLU CD   C  N N 101 
GLU OE1  O  N N 102 
GLU OE2  O  N N 103 
GLU OXT  O  N N 104 
GLU H    H  N N 105 
GLU H2   H  N N 106 
GLU HA   H  N N 107 
GLU HB2  H  N N 108 
GLU HB3  H  N N 109 
GLU HG2  H  N N 110 
GLU HG3  H  N N 111 
GLU HE2  H  N N 112 
GLU HXT  H  N N 113 
GLY N    N  N N 114 
GLY CA   C  N N 115 
GLY C    C  N N 116 
GLY O    O  N N 117 
GLY OXT  O  N N 118 
GLY H    H  N N 119 
GLY H2   H  N N 120 
GLY HA2  H  N N 121 
GLY HA3  H  N N 122 
GLY HXT  H  N N 123 
HIS N    N  N N 124 
HIS CA   C  N S 125 
HIS C    C  N N 126 
HIS O    O  N N 127 
HIS CB   C  N N 128 
HIS CG   C  Y N 129 
HIS ND1  N  Y N 130 
HIS CD2  C  Y N 131 
HIS CE1  C  Y N 132 
HIS NE2  N  Y N 133 
HIS OXT  O  N N 134 
HIS H    H  N N 135 
HIS H2   H  N N 136 
HIS HA   H  N N 137 
HIS HB2  H  N N 138 
HIS HB3  H  N N 139 
HIS HD1  H  N N 140 
HIS HD2  H  N N 141 
HIS HE1  H  N N 142 
HIS HE2  H  N N 143 
HIS HXT  H  N N 144 
HOH O    O  N N 145 
HOH H1   H  N N 146 
HOH H2   H  N N 147 
ILE N    N  N N 148 
ILE CA   C  N S 149 
ILE C    C  N N 150 
ILE O    O  N N 151 
ILE CB   C  N S 152 
ILE CG1  C  N N 153 
ILE CG2  C  N N 154 
ILE CD1  C  N N 155 
ILE OXT  O  N N 156 
ILE H    H  N N 157 
ILE H2   H  N N 158 
ILE HA   H  N N 159 
ILE HB   H  N N 160 
ILE HG12 H  N N 161 
ILE HG13 H  N N 162 
ILE HG21 H  N N 163 
ILE HG22 H  N N 164 
ILE HG23 H  N N 165 
ILE HD11 H  N N 166 
ILE HD12 H  N N 167 
ILE HD13 H  N N 168 
ILE HXT  H  N N 169 
LEU N    N  N N 170 
LEU CA   C  N S 171 
LEU C    C  N N 172 
LEU O    O  N N 173 
LEU CB   C  N N 174 
LEU CG   C  N N 175 
LEU CD1  C  N N 176 
LEU CD2  C  N N 177 
LEU OXT  O  N N 178 
LEU H    H  N N 179 
LEU H2   H  N N 180 
LEU HA   H  N N 181 
LEU HB2  H  N N 182 
LEU HB3  H  N N 183 
LEU HG   H  N N 184 
LEU HD11 H  N N 185 
LEU HD12 H  N N 186 
LEU HD13 H  N N 187 
LEU HD21 H  N N 188 
LEU HD22 H  N N 189 
LEU HD23 H  N N 190 
LEU HXT  H  N N 191 
LYS N    N  N N 192 
LYS CA   C  N S 193 
LYS C    C  N N 194 
LYS O    O  N N 195 
LYS CB   C  N N 196 
LYS CG   C  N N 197 
LYS CD   C  N N 198 
LYS CE   C  N N 199 
LYS NZ   N  N N 200 
LYS OXT  O  N N 201 
LYS H    H  N N 202 
LYS H2   H  N N 203 
LYS HA   H  N N 204 
LYS HB2  H  N N 205 
LYS HB3  H  N N 206 
LYS HG2  H  N N 207 
LYS HG3  H  N N 208 
LYS HD2  H  N N 209 
LYS HD3  H  N N 210 
LYS HE2  H  N N 211 
LYS HE3  H  N N 212 
LYS HZ1  H  N N 213 
LYS HZ2  H  N N 214 
LYS HZ3  H  N N 215 
LYS HXT  H  N N 216 
MET N    N  N N 217 
MET CA   C  N S 218 
MET C    C  N N 219 
MET O    O  N N 220 
MET CB   C  N N 221 
MET CG   C  N N 222 
MET SD   S  N N 223 
MET CE   C  N N 224 
MET OXT  O  N N 225 
MET H    H  N N 226 
MET H2   H  N N 227 
MET HA   H  N N 228 
MET HB2  H  N N 229 
MET HB3  H  N N 230 
MET HG2  H  N N 231 
MET HG3  H  N N 232 
MET HE1  H  N N 233 
MET HE2  H  N N 234 
MET HE3  H  N N 235 
MET HXT  H  N N 236 
MG  MG   MG N N 237 
NA  NA   NA N N 238 
PHE N    N  N N 239 
PHE CA   C  N S 240 
PHE C    C  N N 241 
PHE O    O  N N 242 
PHE CB   C  N N 243 
PHE CG   C  Y N 244 
PHE CD1  C  Y N 245 
PHE CD2  C  Y N 246 
PHE CE1  C  Y N 247 
PHE CE2  C  Y N 248 
PHE CZ   C  Y N 249 
PHE OXT  O  N N 250 
PHE H    H  N N 251 
PHE H2   H  N N 252 
PHE HA   H  N N 253 
PHE HB2  H  N N 254 
PHE HB3  H  N N 255 
PHE HD1  H  N N 256 
PHE HD2  H  N N 257 
PHE HE1  H  N N 258 
PHE HE2  H  N N 259 
PHE HZ   H  N N 260 
PHE HXT  H  N N 261 
PRO N    N  N N 262 
PRO CA   C  N S 263 
PRO C    C  N N 264 
PRO O    O  N N 265 
PRO CB   C  N N 266 
PRO CG   C  N N 267 
PRO CD   C  N N 268 
PRO OXT  O  N N 269 
PRO H    H  N N 270 
PRO HA   H  N N 271 
PRO HB2  H  N N 272 
PRO HB3  H  N N 273 
PRO HG2  H  N N 274 
PRO HG3  H  N N 275 
PRO HD2  H  N N 276 
PRO HD3  H  N N 277 
PRO HXT  H  N N 278 
SER N    N  N N 279 
SER CA   C  N S 280 
SER C    C  N N 281 
SER O    O  N N 282 
SER CB   C  N N 283 
SER OG   O  N N 284 
SER OXT  O  N N 285 
SER H    H  N N 286 
SER H2   H  N N 287 
SER HA   H  N N 288 
SER HB2  H  N N 289 
SER HB3  H  N N 290 
SER HG   H  N N 291 
SER HXT  H  N N 292 
SO4 S    S  N N 293 
SO4 O1   O  N N 294 
SO4 O2   O  N N 295 
SO4 O3   O  N N 296 
SO4 O4   O  N N 297 
THR N    N  N N 298 
THR CA   C  N S 299 
THR C    C  N N 300 
THR O    O  N N 301 
THR CB   C  N R 302 
THR OG1  O  N N 303 
THR CG2  C  N N 304 
THR OXT  O  N N 305 
THR H    H  N N 306 
THR H2   H  N N 307 
THR HA   H  N N 308 
THR HB   H  N N 309 
THR HG1  H  N N 310 
THR HG21 H  N N 311 
THR HG22 H  N N 312 
THR HG23 H  N N 313 
THR HXT  H  N N 314 
TRP N    N  N N 315 
TRP CA   C  N S 316 
TRP C    C  N N 317 
TRP O    O  N N 318 
TRP CB   C  N N 319 
TRP CG   C  Y N 320 
TRP CD1  C  Y N 321 
TRP CD2  C  Y N 322 
TRP NE1  N  Y N 323 
TRP CE2  C  Y N 324 
TRP CE3  C  Y N 325 
TRP CZ2  C  Y N 326 
TRP CZ3  C  Y N 327 
TRP CH2  C  Y N 328 
TRP OXT  O  N N 329 
TRP H    H  N N 330 
TRP H2   H  N N 331 
TRP HA   H  N N 332 
TRP HB2  H  N N 333 
TRP HB3  H  N N 334 
TRP HD1  H  N N 335 
TRP HE1  H  N N 336 
TRP HE3  H  N N 337 
TRP HZ2  H  N N 338 
TRP HZ3  H  N N 339 
TRP HH2  H  N N 340 
TRP HXT  H  N N 341 
TYR N    N  N N 342 
TYR CA   C  N S 343 
TYR C    C  N N 344 
TYR O    O  N N 345 
TYR CB   C  N N 346 
TYR CG   C  Y N 347 
TYR CD1  C  Y N 348 
TYR CD2  C  Y N 349 
TYR CE1  C  Y N 350 
TYR CE2  C  Y N 351 
TYR CZ   C  Y N 352 
TYR OH   O  N N 353 
TYR OXT  O  N N 354 
TYR H    H  N N 355 
TYR H2   H  N N 356 
TYR HA   H  N N 357 
TYR HB2  H  N N 358 
TYR HB3  H  N N 359 
TYR HD1  H  N N 360 
TYR HD2  H  N N 361 
TYR HE1  H  N N 362 
TYR HE2  H  N N 363 
TYR HH   H  N N 364 
TYR HXT  H  N N 365 
VAL N    N  N N 366 
VAL CA   C  N S 367 
VAL C    C  N N 368 
VAL O    O  N N 369 
VAL CB   C  N N 370 
VAL CG1  C  N N 371 
VAL CG2  C  N N 372 
VAL OXT  O  N N 373 
VAL H    H  N N 374 
VAL H2   H  N N 375 
VAL HA   H  N N 376 
VAL HB   H  N N 377 
VAL HG11 H  N N 378 
VAL HG12 H  N N 379 
VAL HG13 H  N N 380 
VAL HG21 H  N N 381 
VAL HG22 H  N N 382 
VAL HG23 H  N N 383 
VAL HXT  H  N N 384 
# 
loop_
_chem_comp_bond.comp_id 
_chem_comp_bond.atom_id_1 
_chem_comp_bond.atom_id_2 
_chem_comp_bond.value_order 
_chem_comp_bond.pdbx_aromatic_flag 
_chem_comp_bond.pdbx_stereo_config 
_chem_comp_bond.pdbx_ordinal 
ALA N   CA   sing N N 1   
ALA N   H    sing N N 2   
ALA N   H2   sing N N 3   
ALA CA  C    sing N N 4   
ALA CA  CB   sing N N 5   
ALA CA  HA   sing N N 6   
ALA C   O    doub N N 7   
ALA C   OXT  sing N N 8   
ALA CB  HB1  sing N N 9   
ALA CB  HB2  sing N N 10  
ALA CB  HB3  sing N N 11  
ALA OXT HXT  sing N N 12  
ARG N   CA   sing N N 13  
ARG N   H    sing N N 14  
ARG N   H2   sing N N 15  
ARG CA  C    sing N N 16  
ARG CA  CB   sing N N 17  
ARG CA  HA   sing N N 18  
ARG C   O    doub N N 19  
ARG C   OXT  sing N N 20  
ARG CB  CG   sing N N 21  
ARG CB  HB2  sing N N 22  
ARG CB  HB3  sing N N 23  
ARG CG  CD   sing N N 24  
ARG CG  HG2  sing N N 25  
ARG CG  HG3  sing N N 26  
ARG CD  NE   sing N N 27  
ARG CD  HD2  sing N N 28  
ARG CD  HD3  sing N N 29  
ARG NE  CZ   sing N N 30  
ARG NE  HE   sing N N 31  
ARG CZ  NH1  sing N N 32  
ARG CZ  NH2  doub N N 33  
ARG NH1 HH11 sing N N 34  
ARG NH1 HH12 sing N N 35  
ARG NH2 HH21 sing N N 36  
ARG NH2 HH22 sing N N 37  
ARG OXT HXT  sing N N 38  
ASN N   CA   sing N N 39  
ASN N   H    sing N N 40  
ASN N   H2   sing N N 41  
ASN CA  C    sing N N 42  
ASN CA  CB   sing N N 43  
ASN CA  HA   sing N N 44  
ASN C   O    doub N N 45  
ASN C   OXT  sing N N 46  
ASN CB  CG   sing N N 47  
ASN CB  HB2  sing N N 48  
ASN CB  HB3  sing N N 49  
ASN CG  OD1  doub N N 50  
ASN CG  ND2  sing N N 51  
ASN ND2 HD21 sing N N 52  
ASN ND2 HD22 sing N N 53  
ASN OXT HXT  sing N N 54  
ASP N   CA   sing N N 55  
ASP N   H    sing N N 56  
ASP N   H2   sing N N 57  
ASP CA  C    sing N N 58  
ASP CA  CB   sing N N 59  
ASP CA  HA   sing N N 60  
ASP C   O    doub N N 61  
ASP C   OXT  sing N N 62  
ASP CB  CG   sing N N 63  
ASP CB  HB2  sing N N 64  
ASP CB  HB3  sing N N 65  
ASP CG  OD1  doub N N 66  
ASP CG  OD2  sing N N 67  
ASP OD2 HD2  sing N N 68  
ASP OXT HXT  sing N N 69  
GLN N   CA   sing N N 70  
GLN N   H    sing N N 71  
GLN N   H2   sing N N 72  
GLN CA  C    sing N N 73  
GLN CA  CB   sing N N 74  
GLN CA  HA   sing N N 75  
GLN C   O    doub N N 76  
GLN C   OXT  sing N N 77  
GLN CB  CG   sing N N 78  
GLN CB  HB2  sing N N 79  
GLN CB  HB3  sing N N 80  
GLN CG  CD   sing N N 81  
GLN CG  HG2  sing N N 82  
GLN CG  HG3  sing N N 83  
GLN CD  OE1  doub N N 84  
GLN CD  NE2  sing N N 85  
GLN NE2 HE21 sing N N 86  
GLN NE2 HE22 sing N N 87  
GLN OXT HXT  sing N N 88  
GLU N   CA   sing N N 89  
GLU N   H    sing N N 90  
GLU N   H2   sing N N 91  
GLU CA  C    sing N N 92  
GLU CA  CB   sing N N 93  
GLU CA  HA   sing N N 94  
GLU C   O    doub N N 95  
GLU C   OXT  sing N N 96  
GLU CB  CG   sing N N 97  
GLU CB  HB2  sing N N 98  
GLU CB  HB3  sing N N 99  
GLU CG  CD   sing N N 100 
GLU CG  HG2  sing N N 101 
GLU CG  HG3  sing N N 102 
GLU CD  OE1  doub N N 103 
GLU CD  OE2  sing N N 104 
GLU OE2 HE2  sing N N 105 
GLU OXT HXT  sing N N 106 
GLY N   CA   sing N N 107 
GLY N   H    sing N N 108 
GLY N   H2   sing N N 109 
GLY CA  C    sing N N 110 
GLY CA  HA2  sing N N 111 
GLY CA  HA3  sing N N 112 
GLY C   O    doub N N 113 
GLY C   OXT  sing N N 114 
GLY OXT HXT  sing N N 115 
HIS N   CA   sing N N 116 
HIS N   H    sing N N 117 
HIS N   H2   sing N N 118 
HIS CA  C    sing N N 119 
HIS CA  CB   sing N N 120 
HIS CA  HA   sing N N 121 
HIS C   O    doub N N 122 
HIS C   OXT  sing N N 123 
HIS CB  CG   sing N N 124 
HIS CB  HB2  sing N N 125 
HIS CB  HB3  sing N N 126 
HIS CG  ND1  sing Y N 127 
HIS CG  CD2  doub Y N 128 
HIS ND1 CE1  doub Y N 129 
HIS ND1 HD1  sing N N 130 
HIS CD2 NE2  sing Y N 131 
HIS CD2 HD2  sing N N 132 
HIS CE1 NE2  sing Y N 133 
HIS CE1 HE1  sing N N 134 
HIS NE2 HE2  sing N N 135 
HIS OXT HXT  sing N N 136 
HOH O   H1   sing N N 137 
HOH O   H2   sing N N 138 
ILE N   CA   sing N N 139 
ILE N   H    sing N N 140 
ILE N   H2   sing N N 141 
ILE CA  C    sing N N 142 
ILE CA  CB   sing N N 143 
ILE CA  HA   sing N N 144 
ILE C   O    doub N N 145 
ILE C   OXT  sing N N 146 
ILE CB  CG1  sing N N 147 
ILE CB  CG2  sing N N 148 
ILE CB  HB   sing N N 149 
ILE CG1 CD1  sing N N 150 
ILE CG1 HG12 sing N N 151 
ILE CG1 HG13 sing N N 152 
ILE CG2 HG21 sing N N 153 
ILE CG2 HG22 sing N N 154 
ILE CG2 HG23 sing N N 155 
ILE CD1 HD11 sing N N 156 
ILE CD1 HD12 sing N N 157 
ILE CD1 HD13 sing N N 158 
ILE OXT HXT  sing N N 159 
LEU N   CA   sing N N 160 
LEU N   H    sing N N 161 
LEU N   H2   sing N N 162 
LEU CA  C    sing N N 163 
LEU CA  CB   sing N N 164 
LEU CA  HA   sing N N 165 
LEU C   O    doub N N 166 
LEU C   OXT  sing N N 167 
LEU CB  CG   sing N N 168 
LEU CB  HB2  sing N N 169 
LEU CB  HB3  sing N N 170 
LEU CG  CD1  sing N N 171 
LEU CG  CD2  sing N N 172 
LEU CG  HG   sing N N 173 
LEU CD1 HD11 sing N N 174 
LEU CD1 HD12 sing N N 175 
LEU CD1 HD13 sing N N 176 
LEU CD2 HD21 sing N N 177 
LEU CD2 HD22 sing N N 178 
LEU CD2 HD23 sing N N 179 
LEU OXT HXT  sing N N 180 
LYS N   CA   sing N N 181 
LYS N   H    sing N N 182 
LYS N   H2   sing N N 183 
LYS CA  C    sing N N 184 
LYS CA  CB   sing N N 185 
LYS CA  HA   sing N N 186 
LYS C   O    doub N N 187 
LYS C   OXT  sing N N 188 
LYS CB  CG   sing N N 189 
LYS CB  HB2  sing N N 190 
LYS CB  HB3  sing N N 191 
LYS CG  CD   sing N N 192 
LYS CG  HG2  sing N N 193 
LYS CG  HG3  sing N N 194 
LYS CD  CE   sing N N 195 
LYS CD  HD2  sing N N 196 
LYS CD  HD3  sing N N 197 
LYS CE  NZ   sing N N 198 
LYS CE  HE2  sing N N 199 
LYS CE  HE3  sing N N 200 
LYS NZ  HZ1  sing N N 201 
LYS NZ  HZ2  sing N N 202 
LYS NZ  HZ3  sing N N 203 
LYS OXT HXT  sing N N 204 
MET N   CA   sing N N 205 
MET N   H    sing N N 206 
MET N   H2   sing N N 207 
MET CA  C    sing N N 208 
MET CA  CB   sing N N 209 
MET CA  HA   sing N N 210 
MET C   O    doub N N 211 
MET C   OXT  sing N N 212 
MET CB  CG   sing N N 213 
MET CB  HB2  sing N N 214 
MET CB  HB3  sing N N 215 
MET CG  SD   sing N N 216 
MET CG  HG2  sing N N 217 
MET CG  HG3  sing N N 218 
MET SD  CE   sing N N 219 
MET CE  HE1  sing N N 220 
MET CE  HE2  sing N N 221 
MET CE  HE3  sing N N 222 
MET OXT HXT  sing N N 223 
PHE N   CA   sing N N 224 
PHE N   H    sing N N 225 
PHE N   H2   sing N N 226 
PHE CA  C    sing N N 227 
PHE CA  CB   sing N N 228 
PHE CA  HA   sing N N 229 
PHE C   O    doub N N 230 
PHE C   OXT  sing N N 231 
PHE CB  CG   sing N N 232 
PHE CB  HB2  sing N N 233 
PHE CB  HB3  sing N N 234 
PHE CG  CD1  doub Y N 235 
PHE CG  CD2  sing Y N 236 
PHE CD1 CE1  sing Y N 237 
PHE CD1 HD1  sing N N 238 
PHE CD2 CE2  doub Y N 239 
PHE CD2 HD2  sing N N 240 
PHE CE1 CZ   doub Y N 241 
PHE CE1 HE1  sing N N 242 
PHE CE2 CZ   sing Y N 243 
PHE CE2 HE2  sing N N 244 
PHE CZ  HZ   sing N N 245 
PHE OXT HXT  sing N N 246 
PRO N   CA   sing N N 247 
PRO N   CD   sing N N 248 
PRO N   H    sing N N 249 
PRO CA  C    sing N N 250 
PRO CA  CB   sing N N 251 
PRO CA  HA   sing N N 252 
PRO C   O    doub N N 253 
PRO C   OXT  sing N N 254 
PRO CB  CG   sing N N 255 
PRO CB  HB2  sing N N 256 
PRO CB  HB3  sing N N 257 
PRO CG  CD   sing N N 258 
PRO CG  HG2  sing N N 259 
PRO CG  HG3  sing N N 260 
PRO CD  HD2  sing N N 261 
PRO CD  HD3  sing N N 262 
PRO OXT HXT  sing N N 263 
SER N   CA   sing N N 264 
SER N   H    sing N N 265 
SER N   H2   sing N N 266 
SER CA  C    sing N N 267 
SER CA  CB   sing N N 268 
SER CA  HA   sing N N 269 
SER C   O    doub N N 270 
SER C   OXT  sing N N 271 
SER CB  OG   sing N N 272 
SER CB  HB2  sing N N 273 
SER CB  HB3  sing N N 274 
SER OG  HG   sing N N 275 
SER OXT HXT  sing N N 276 
SO4 S   O1   doub N N 277 
SO4 S   O2   doub N N 278 
SO4 S   O3   sing N N 279 
SO4 S   O4   sing N N 280 
THR N   CA   sing N N 281 
THR N   H    sing N N 282 
THR N   H2   sing N N 283 
THR CA  C    sing N N 284 
THR CA  CB   sing N N 285 
THR CA  HA   sing N N 286 
THR C   O    doub N N 287 
THR C   OXT  sing N N 288 
THR CB  OG1  sing N N 289 
THR CB  CG2  sing N N 290 
THR CB  HB   sing N N 291 
THR OG1 HG1  sing N N 292 
THR CG2 HG21 sing N N 293 
THR CG2 HG22 sing N N 294 
THR CG2 HG23 sing N N 295 
THR OXT HXT  sing N N 296 
TRP N   CA   sing N N 297 
TRP N   H    sing N N 298 
TRP N   H2   sing N N 299 
TRP CA  C    sing N N 300 
TRP CA  CB   sing N N 301 
TRP CA  HA   sing N N 302 
TRP C   O    doub N N 303 
TRP C   OXT  sing N N 304 
TRP CB  CG   sing N N 305 
TRP CB  HB2  sing N N 306 
TRP CB  HB3  sing N N 307 
TRP CG  CD1  doub Y N 308 
TRP CG  CD2  sing Y N 309 
TRP CD1 NE1  sing Y N 310 
TRP CD1 HD1  sing N N 311 
TRP CD2 CE2  doub Y N 312 
TRP CD2 CE3  sing Y N 313 
TRP NE1 CE2  sing Y N 314 
TRP NE1 HE1  sing N N 315 
TRP CE2 CZ2  sing Y N 316 
TRP CE3 CZ3  doub Y N 317 
TRP CE3 HE3  sing N N 318 
TRP CZ2 CH2  doub Y N 319 
TRP CZ2 HZ2  sing N N 320 
TRP CZ3 CH2  sing Y N 321 
TRP CZ3 HZ3  sing N N 322 
TRP CH2 HH2  sing N N 323 
TRP OXT HXT  sing N N 324 
TYR N   CA   sing N N 325 
TYR N   H    sing N N 326 
TYR N   H2   sing N N 327 
TYR CA  C    sing N N 328 
TYR CA  CB   sing N N 329 
TYR CA  HA   sing N N 330 
TYR C   O    doub N N 331 
TYR C   OXT  sing N N 332 
TYR CB  CG   sing N N 333 
TYR CB  HB2  sing N N 334 
TYR CB  HB3  sing N N 335 
TYR CG  CD1  doub Y N 336 
TYR CG  CD2  sing Y N 337 
TYR CD1 CE1  sing Y N 338 
TYR CD1 HD1  sing N N 339 
TYR CD2 CE2  doub Y N 340 
TYR CD2 HD2  sing N N 341 
TYR CE1 CZ   doub Y N 342 
TYR CE1 HE1  sing N N 343 
TYR CE2 CZ   sing Y N 344 
TYR CE2 HE2  sing N N 345 
TYR CZ  OH   sing N N 346 
TYR OH  HH   sing N N 347 
TYR OXT HXT  sing N N 348 
VAL N   CA   sing N N 349 
VAL N   H    sing N N 350 
VAL N   H2   sing N N 351 
VAL CA  C    sing N N 352 
VAL CA  CB   sing N N 353 
VAL CA  HA   sing N N 354 
VAL C   O    doub N N 355 
VAL C   OXT  sing N N 356 
VAL CB  CG1  sing N N 357 
VAL CB  CG2  sing N N 358 
VAL CB  HB   sing N N 359 
VAL CG1 HG11 sing N N 360 
VAL CG1 HG12 sing N N 361 
VAL CG1 HG13 sing N N 362 
VAL CG2 HG21 sing N N 363 
VAL CG2 HG22 sing N N 364 
VAL CG2 HG23 sing N N 365 
VAL OXT HXT  sing N N 366 
# 
_atom_sites.entry_id                    4I3M 
_atom_sites.fract_transf_matrix[1][1]   -0.01067373 
_atom_sites.fract_transf_matrix[1][2]   -0.00595935 
_atom_sites.fract_transf_matrix[1][3]   -0.01442957 
_atom_sites.fract_transf_matrix[2][1]   0.00220530 
_atom_sites.fract_transf_matrix[2][2]   -0.01751181 
_atom_sites.fract_transf_matrix[2][3]   -0.00679242 
_atom_sites.fract_transf_matrix[3][1]   -0.00841601 
_atom_sites.fract_transf_matrix[3][2]   -0.00413730 
_atom_sites.fract_transf_matrix[3][3]   0.00793411 
_atom_sites.fract_transf_vector[1]      0.230388 
_atom_sites.fract_transf_vector[2]      -0.434218 
_atom_sites.fract_transf_vector[3]      -0.206313 
# 
loop_
_atom_type.symbol 
C  
CL 
MG 
N  
NA 
O  
S  
# 
loop_
_atom_site.group_PDB 
_atom_site.id 
_atom_site.type_symbol 
_atom_site.label_atom_id 
_atom_site.label_alt_id 
_atom_site.label_comp_id 
_atom_site.label_asym_id 
_atom_site.label_entity_id 
_atom_site.label_seq_id 
_atom_site.pdbx_PDB_ins_code 
_atom_site.Cartn_x 
_atom_site.Cartn_y 
_atom_site.Cartn_z 
_atom_site.occupancy 
_atom_site.B_iso_or_equiv 
_atom_site.pdbx_formal_charge 
_atom_site.auth_seq_id 
_atom_site.auth_comp_id 
_atom_site.auth_asym_id 
_atom_site.auth_atom_id 
_atom_site.pdbx_PDB_model_num 
ATOM   1    N  N   . HIS A 1 10  ? 6.882   -50.228 -15.011 1.00 54.46 ? 7   HIS A N   1 
ATOM   2    C  CA  . HIS A 1 10  ? 5.799   -50.537 -14.033 1.00 54.45 ? 7   HIS A CA  1 
ATOM   3    C  C   . HIS A 1 10  ? 6.089   -49.866 -12.696 1.00 54.32 ? 7   HIS A C   1 
ATOM   4    O  O   . HIS A 1 10  ? 5.262   -49.122 -12.167 1.00 53.48 ? 7   HIS A O   1 
ATOM   5    C  CB  . HIS A 1 10  ? 5.678   -52.048 -13.848 1.00 54.67 ? 7   HIS A CB  1 
ATOM   6    N  N   . ALA A 1 11  ? 7.271   -50.131 -12.153 1.00 53.93 ? 8   ALA A N   1 
ATOM   7    C  CA  . ALA A 1 11  ? 7.665   -49.541 -10.881 1.00 53.85 ? 8   ALA A CA  1 
ATOM   8    C  C   . ALA A 1 11  ? 7.947   -48.050 -11.072 1.00 52.80 ? 8   ALA A C   1 
ATOM   9    O  O   . ALA A 1 11  ? 7.414   -47.207 -10.351 1.00 52.87 ? 8   ALA A O   1 
ATOM   10   C  CB  . ALA A 1 11  ? 8.906   -50.249 -10.339 1.00 53.79 ? 8   ALA A CB  1 
ATOM   11   N  N   . VAL A 1 12  ? 8.784   -47.738 -12.055 1.00 51.66 ? 9   VAL A N   1 
ATOM   12   C  CA  . VAL A 1 12  ? 9.148   -46.358 -12.350 1.00 50.69 ? 9   VAL A CA  1 
ATOM   13   C  C   . VAL A 1 12  ? 7.928   -45.513 -12.711 1.00 49.57 ? 9   VAL A C   1 
ATOM   14   O  O   . VAL A 1 12  ? 7.801   -44.376 -12.262 1.00 48.66 ? 9   VAL A O   1 
ATOM   15   C  CB  . VAL A 1 12  ? 10.162  -46.295 -13.512 1.00 51.19 ? 9   VAL A CB  1 
ATOM   16   C  CG1 . VAL A 1 12  ? 10.615  -44.862 -13.734 1.00 51.48 ? 9   VAL A CG1 1 
ATOM   17   C  CG2 . VAL A 1 12  ? 11.351  -47.190 -13.208 1.00 51.02 ? 9   VAL A CG2 1 
ATOM   18   N  N   . ALA A 1 13  ? 7.032   -46.070 -13.522 1.00 48.05 ? 10  ALA A N   1 
ATOM   19   C  CA  . ALA A 1 13  ? 5.830   -45.355 -13.936 1.00 46.70 ? 10  ALA A CA  1 
ATOM   20   C  C   . ALA A 1 13  ? 5.057   -44.865 -12.720 1.00 46.51 ? 10  ALA A C   1 
ATOM   21   O  O   . ALA A 1 13  ? 4.684   -43.696 -12.634 1.00 43.80 ? 10  ALA A O   1 
ATOM   22   C  CB  . ALA A 1 13  ? 4.943   -46.264 -14.786 1.00 46.62 ? 10  ALA A CB  1 
ATOM   23   N  N   . GLN A 1 14  ? 4.827   -45.772 -11.778 1.00 47.07 ? 11  GLN A N   1 
ATOM   24   C  CA  . GLN A 1 14  ? 4.097   -45.450 -10.561 1.00 47.69 ? 11  GLN A CA  1 
ATOM   25   C  C   . GLN A 1 14  ? 4.847   -44.410 -9.734  1.00 46.71 ? 11  GLN A C   1 
ATOM   26   O  O   . GLN A 1 14  ? 4.245   -43.484 -9.193  1.00 47.18 ? 11  GLN A O   1 
ATOM   27   C  CB  . GLN A 1 14  ? 3.888   -46.723 -9.736  1.00 50.84 ? 11  GLN A CB  1 
ATOM   28   C  CG  . GLN A 1 14  ? 3.035   -46.542 -8.488  1.00 55.76 ? 11  GLN A CG  1 
ATOM   29   C  CD  . GLN A 1 14  ? 1.639   -46.037 -8.798  1.00 58.94 ? 11  GLN A CD  1 
ATOM   30   O  OE1 . GLN A 1 14  ? 1.445   -44.862 -9.114  1.00 61.66 ? 11  GLN A OE1 1 
ATOM   31   N  NE2 . GLN A 1 14  ? 0.655   -46.930 -8.718  1.00 60.43 ? 11  GLN A NE2 1 
ATOM   32   N  N   . GLN A 1 15  ? 6.164   -44.569 -9.640  1.00 45.39 ? 12  GLN A N   1 
ATOM   33   C  CA  . GLN A 1 15  ? 6.991   -43.644 -8.872  1.00 44.39 ? 12  GLN A CA  1 
ATOM   34   C  C   . GLN A 1 15  ? 6.909   -42.230 -9.445  1.00 41.80 ? 12  GLN A C   1 
ATOM   35   O  O   . GLN A 1 15  ? 6.686   -41.270 -8.711  1.00 40.14 ? 12  GLN A O   1 
ATOM   36   C  CB  . GLN A 1 15  ? 8.445   -44.134 -8.853  1.00 46.68 ? 12  GLN A CB  1 
ATOM   37   C  CG  . GLN A 1 15  ? 8.616   -45.515 -8.209  1.00 50.95 ? 12  GLN A CG  1 
ATOM   38   C  CD  . GLN A 1 15  ? 10.055  -46.008 -8.201  1.00 53.63 ? 12  GLN A CD  1 
ATOM   39   O  OE1 . GLN A 1 15  ? 10.694  -46.121 -9.251  1.00 55.13 ? 12  GLN A OE1 1 
ATOM   40   N  NE2 . GLN A 1 15  ? 10.572  -46.313 -7.014  1.00 54.46 ? 12  GLN A NE2 1 
ATOM   41   N  N   . ARG A 1 16  ? 7.079   -42.107 -10.757 1.00 39.93 ? 13  ARG A N   1 
ATOM   42   C  CA  . ARG A 1 16  ? 7.015   -40.803 -11.417 1.00 38.32 ? 13  ARG A CA  1 
ATOM   43   C  C   . ARG A 1 16  ? 5.623   -40.193 -11.299 1.00 37.73 ? 13  ARG A C   1 
ATOM   44   O  O   . ARG A 1 16  ? 5.474   -38.972 -11.242 1.00 35.26 ? 13  ARG A O   1 
ATOM   45   C  CB  . ARG A 1 16  ? 7.416   -40.946 -12.887 1.00 41.30 ? 13  ARG A CB  1 
ATOM   46   C  CG  . ARG A 1 16  ? 8.861   -41.382 -13.060 1.00 42.01 ? 13  ARG A CG  1 
ATOM   47   C  CD  . ARG A 1 16  ? 9.228   -41.651 -14.508 1.00 45.85 ? 13  ARG A CD  1 
ATOM   48   N  NE  . ARG A 1 16  ? 10.663  -41.899 -14.638 1.00 47.95 ? 13  ARG A NE  1 
ATOM   49   C  CZ  . ARG A 1 16  ? 11.253  -42.373 -15.729 1.00 49.11 ? 13  ARG A CZ  1 
ATOM   50   N  NH1 . ARG A 1 16  ? 10.538  -42.660 -16.810 1.00 49.18 ? 13  ARG A NH1 1 
ATOM   51   N  NH2 . ARG A 1 16  ? 12.565  -42.561 -15.738 1.00 51.56 ? 13  ARG A NH2 1 
ATOM   52   N  N   . ALA A 1 17  ? 4.605   -41.049 -11.257 1.00 36.30 ? 14  ALA A N   1 
ATOM   53   C  CA  . ALA A 1 17  ? 3.228   -40.598 -11.124 1.00 36.09 ? 14  ALA A CA  1 
ATOM   54   C  C   . ALA A 1 17  ? 2.990   -40.103 -9.704  1.00 35.35 ? 14  ALA A C   1 
ATOM   55   O  O   . ALA A 1 17  ? 2.294   -39.112 -9.488  1.00 33.07 ? 14  ALA A O   1 
ATOM   56   C  CB  . ALA A 1 17  ? 2.267   -41.739 -11.443 1.00 37.77 ? 14  ALA A CB  1 
ATOM   57   N  N   . ASP A 1 18  ? 3.568   -40.807 -8.734  1.00 35.28 ? 15  ASP A N   1 
ATOM   58   C  CA  . ASP A 1 18  ? 3.416   -40.418 -7.343  1.00 35.52 ? 15  ASP A CA  1 
ATOM   59   C  C   . ASP A 1 18  ? 4.099   -39.076 -7.109  1.00 32.51 ? 15  ASP A C   1 
ATOM   60   O  O   . ASP A 1 18  ? 3.582   -38.238 -6.378  1.00 34.53 ? 15  ASP A O   1 
ATOM   61   C  CB  . ASP A 1 18  ? 4.014   -41.477 -6.412  1.00 39.52 ? 15  ASP A CB  1 
ATOM   62   C  CG  . ASP A 1 18  ? 3.218   -42.771 -6.409  1.00 45.19 ? 15  ASP A CG  1 
ATOM   63   O  OD1 . ASP A 1 18  ? 1.972   -42.704 -6.471  1.00 48.07 ? 15  ASP A OD1 1 
ATOM   64   O  OD2 . ASP A 1 18  ? 3.834   -43.856 -6.330  1.00 50.12 ? 15  ASP A OD2 1 
ATOM   65   N  N   . ARG A 1 19  ? 5.253   -38.874 -7.741  1.00 31.37 ? 16  ARG A N   1 
ATOM   66   C  CA  . ARG A 1 19  ? 6.002   -37.622 -7.606  1.00 29.90 ? 16  ARG A CA  1 
ATOM   67   C  C   . ARG A 1 19  ? 5.141   -36.440 -8.055  1.00 28.50 ? 16  ARG A C   1 
ATOM   68   O  O   . ARG A 1 19  ? 5.059   -35.419 -7.369  1.00 27.70 ? 16  ARG A O   1 
ATOM   69   C  CB  . ARG A 1 19  ? 7.291   -37.698 -8.434  1.00 29.81 ? 16  ARG A CB  1 
ATOM   70   C  CG  . ARG A 1 19  ? 8.128   -36.407 -8.504  1.00 32.33 ? 16  ARG A CG  1 
ATOM   71   C  CD  . ARG A 1 19  ? 8.593   -35.914 -7.134  1.00 28.85 ? 16  ARG A CD  1 
ATOM   72   N  NE  . ARG A 1 19  ? 9.291   -36.939 -6.365  1.00 31.10 ? 16  ARG A NE  1 
ATOM   73   C  CZ  . ARG A 1 19  ? 10.472  -37.463 -6.678  1.00 30.65 ? 16  ARG A CZ  1 
ATOM   74   N  NH1 . ARG A 1 19  ? 11.125  -37.069 -7.759  1.00 32.14 ? 16  ARG A NH1 1 
ATOM   75   N  NH2 . ARG A 1 19  ? 10.996  -38.398 -5.898  1.00 34.18 ? 16  ARG A NH2 1 
ATOM   76   N  N   . ILE A 1 20  ? 4.487   -36.580 -9.205  1.00 28.68 ? 17  ILE A N   1 
ATOM   77   C  CA  . ILE A 1 20  ? 3.632   -35.508 -9.704  1.00 28.37 ? 17  ILE A CA  1 
ATOM   78   C  C   . ILE A 1 20  ? 2.469   -35.270 -8.746  1.00 28.39 ? 17  ILE A C   1 
ATOM   79   O  O   . ILE A 1 20  ? 2.094   -34.130 -8.485  1.00 29.18 ? 17  ILE A O   1 
ATOM   80   C  CB  . ILE A 1 20  ? 3.088   -35.831 -11.125 1.00 30.56 ? 17  ILE A CB  1 
ATOM   81   C  CG1 . ILE A 1 20  ? 4.231   -35.737 -12.143 1.00 31.24 ? 17  ILE A CG1 1 
ATOM   82   C  CG2 . ILE A 1 20  ? 1.982   -34.837 -11.513 1.00 28.49 ? 17  ILE A CG2 1 
ATOM   83   C  CD1 . ILE A 1 20  ? 3.823   -36.079 -13.575 1.00 34.41 ? 17  ILE A CD1 1 
ATOM   84   N  N   . ALA A 1 21  ? 1.909   -36.346 -8.203  1.00 30.84 ? 18  ALA A N   1 
ATOM   85   C  CA  . ALA A 1 21  ? 0.799   -36.215 -7.265  1.00 31.49 ? 18  ALA A CA  1 
ATOM   86   C  C   . ALA A 1 21  ? 1.265   -35.479 -6.004  1.00 31.73 ? 18  ALA A C   1 
ATOM   87   O  O   . ALA A 1 21  ? 0.571   -34.603 -5.488  1.00 31.35 ? 18  ALA A O   1 
ATOM   88   C  CB  . ALA A 1 21  ? 0.257   -37.602 -6.900  1.00 34.68 ? 18  ALA A CB  1 
ATOM   89   N  N   . THR A 1 22  ? 2.445   -35.842 -5.516  1.00 31.75 ? 19  THR A N   1 
ATOM   90   C  CA  . THR A 1 22  ? 3.006   -35.226 -4.322  1.00 33.19 ? 19  THR A CA  1 
ATOM   91   C  C   . THR A 1 22  ? 3.276   -33.732 -4.516  1.00 32.96 ? 19  THR A C   1 
ATOM   92   O  O   . THR A 1 22  ? 2.990   -32.921 -3.635  1.00 31.73 ? 19  THR A O   1 
ATOM   93   C  CB  . THR A 1 22  ? 4.311   -35.935 -3.913  1.00 35.17 ? 19  THR A CB  1 
ATOM   94   O  OG1 . THR A 1 22  ? 4.008   -37.275 -3.501  1.00 39.35 ? 19  THR A OG1 1 
ATOM   95   C  CG2 . THR A 1 22  ? 4.997   -35.196 -2.772  1.00 39.05 ? 19  THR A CG2 1 
ATOM   96   N  N   . LEU A 1 23  ? 3.835   -33.369 -5.667  1.00 31.18 ? 20  LEU A N   1 
ATOM   97   C  CA  . LEU A 1 23  ? 4.116   -31.964 -5.948  1.00 28.93 ? 20  LEU A CA  1 
ATOM   98   C  C   . LEU A 1 23  ? 2.816   -31.166 -5.984  1.00 28.46 ? 20  LEU A C   1 
ATOM   99   O  O   . LEU A 1 23  ? 2.726   -30.089 -5.397  1.00 27.68 ? 20  LEU A O   1 
ATOM   100  C  CB  . LEU A 1 23  ? 4.859   -31.830 -7.285  1.00 28.47 ? 20  LEU A CB  1 
ATOM   101  C  CG  . LEU A 1 23  ? 6.281   -32.392 -7.280  1.00 28.84 ? 20  LEU A CG  1 
ATOM   102  C  CD1 . LEU A 1 23  ? 6.912   -32.257 -8.665  1.00 31.73 ? 20  LEU A CD1 1 
ATOM   103  C  CD2 . LEU A 1 23  ? 7.107   -31.636 -6.256  1.00 32.58 ? 20  LEU A CD2 1 
ATOM   104  N  N   . LEU A 1 24  ? 1.807   -31.699 -6.669  1.00 27.06 ? 21  LEU A N   1 
ATOM   105  C  CA  . LEU A 1 24  ? 0.513   -31.031 -6.767  1.00 27.83 ? 21  LEU A CA  1 
ATOM   106  C  C   . LEU A 1 24  ? -0.143  -30.928 -5.402  1.00 30.34 ? 21  LEU A C   1 
ATOM   107  O  O   . LEU A 1 24  ? -0.807  -29.940 -5.093  1.00 29.39 ? 21  LEU A O   1 
ATOM   108  C  CB  . LEU A 1 24  ? -0.420  -31.800 -7.696  1.00 29.33 ? 21  LEU A CB  1 
ATOM   109  C  CG  . LEU A 1 24  ? -0.196  -31.682 -9.196  1.00 29.29 ? 21  LEU A CG  1 
ATOM   110  C  CD1 . LEU A 1 24  ? -1.197  -32.577 -9.921  1.00 28.20 ? 21  LEU A CD1 1 
ATOM   111  C  CD2 . LEU A 1 24  ? -0.370  -30.224 -9.626  1.00 28.16 ? 21  LEU A CD2 1 
ATOM   112  N  N   . GLN A 1 25  ? 0.036   -31.966 -4.593  1.00 32.64 ? 22  GLN A N   1 
ATOM   113  C  CA  . GLN A 1 25  ? -0.543  -31.994 -3.255  1.00 36.05 ? 22  GLN A CA  1 
ATOM   114  C  C   . GLN A 1 25  ? 0.111   -30.896 -2.432  1.00 35.67 ? 22  GLN A C   1 
ATOM   115  O  O   . GLN A 1 25  ? -0.558  -30.187 -1.683  1.00 37.81 ? 22  GLN A O   1 
ATOM   116  C  CB  . GLN A 1 25  ? -0.306  -33.360 -2.609  1.00 38.83 ? 22  GLN A CB  1 
ATOM   117  C  CG  . GLN A 1 25  ? -0.770  -33.466 -1.165  1.00 45.42 ? 22  GLN A CG  1 
ATOM   118  C  CD  . GLN A 1 25  ? -2.268  -33.316 -1.017  1.00 47.26 ? 22  GLN A CD  1 
ATOM   119  O  OE1 . GLN A 1 25  ? -2.844  -32.289 -1.374  1.00 50.85 ? 22  GLN A OE1 1 
ATOM   120  N  NE2 . GLN A 1 25  ? -2.911  -34.347 -0.482  1.00 52.49 ? 22  GLN A NE2 1 
ATOM   121  N  N   . SER A 1 26  ? 1.424   -30.752 -2.580  1.00 35.17 ? 23  SER A N   1 
ATOM   122  C  CA  . SER A 1 26  ? 2.156   -29.723 -1.848  1.00 35.28 ? 23  SER A CA  1 
ATOM   123  C  C   . SER A 1 26  ? 1.655   -28.334 -2.220  1.00 35.35 ? 23  SER A C   1 
ATOM   124  O  O   . SER A 1 26  ? 1.394   -27.505 -1.343  1.00 37.27 ? 23  SER A O   1 
ATOM   125  C  CB  . SER A 1 26  ? 3.656   -29.828 -2.134  1.00 36.30 ? 23  SER A CB  1 
ATOM   126  O  OG  . SER A 1 26  ? 4.201   -30.970 -1.502  1.00 37.11 ? 23  SER A OG  1 
ATOM   127  N  N   . PHE A 1 27  ? 1.522   -28.079 -3.521  1.00 33.86 ? 24  PHE A N   1 
ATOM   128  C  CA  . PHE A 1 27  ? 1.038   -26.788 -3.993  1.00 34.00 ? 24  PHE A CA  1 
ATOM   129  C  C   . PHE A 1 27  ? -0.293  -26.488 -3.321  1.00 34.88 ? 24  PHE A C   1 
ATOM   130  O  O   . PHE A 1 27  ? -0.507  -25.397 -2.793  1.00 35.25 ? 24  PHE A O   1 
ATOM   131  C  CB  . PHE A 1 27  ? 0.824   -26.810 -5.510  1.00 33.11 ? 24  PHE A CB  1 
ATOM   132  C  CG  . PHE A 1 27  ? 2.093   -26.874 -6.313  1.00 32.66 ? 24  PHE A CG  1 
ATOM   133  C  CD1 . PHE A 1 27  ? 3.330   -26.995 -5.693  1.00 33.56 ? 24  PHE A CD1 1 
ATOM   134  C  CD2 . PHE A 1 27  ? 2.043   -26.812 -7.702  1.00 34.77 ? 24  PHE A CD2 1 
ATOM   135  C  CE1 . PHE A 1 27  ? 4.504   -27.052 -6.446  1.00 32.55 ? 24  PHE A CE1 1 
ATOM   136  C  CE2 . PHE A 1 27  ? 3.206   -26.870 -8.457  1.00 34.36 ? 24  PHE A CE2 1 
ATOM   137  C  CZ  . PHE A 1 27  ? 4.439   -26.989 -7.824  1.00 31.61 ? 24  PHE A CZ  1 
ATOM   138  N  N   . ALA A 1 28  ? -1.185  -27.470 -3.353  1.00 35.81 ? 25  ALA A N   1 
ATOM   139  C  CA  . ALA A 1 28  ? -2.513  -27.331 -2.757  1.00 37.72 ? 25  ALA A CA  1 
ATOM   140  C  C   . ALA A 1 28  ? -2.460  -26.966 -1.279  1.00 37.51 ? 25  ALA A C   1 
ATOM   141  O  O   . ALA A 1 28  ? -3.202  -26.094 -0.821  1.00 39.69 ? 25  ALA A O   1 
ATOM   142  C  CB  . ALA A 1 28  ? -3.299  -28.627 -2.937  1.00 37.60 ? 25  ALA A CB  1 
ATOM   143  N  N   . ASP A 1 29  ? -1.574  -27.623 -0.538  1.00 36.98 ? 26  ASP A N   1 
ATOM   144  C  CA  . ASP A 1 29  ? -1.453  -27.379 0.894   1.00 36.06 ? 26  ASP A CA  1 
ATOM   145  C  C   . ASP A 1 29  ? -0.681  -26.119 1.283   1.00 36.49 ? 26  ASP A C   1 
ATOM   146  O  O   . ASP A 1 29  ? -0.535  -25.823 2.469   1.00 36.17 ? 26  ASP A O   1 
ATOM   147  C  CB  . ASP A 1 29  ? -0.833  -28.602 1.583   1.00 38.74 ? 26  ASP A CB  1 
ATOM   148  C  CG  . ASP A 1 29  ? -1.720  -29.835 1.499   1.00 41.85 ? 26  ASP A CG  1 
ATOM   149  O  OD1 . ASP A 1 29  ? -2.959  -29.674 1.469   1.00 44.27 ? 26  ASP A OD1 1 
ATOM   150  O  OD2 . ASP A 1 29  ? -1.184  -30.963 1.481   1.00 42.45 ? 26  ASP A OD2 1 
ATOM   151  N  N   . GLY A 1 30  ? -0.190  -25.377 0.296   1.00 34.95 ? 27  GLY A N   1 
ATOM   152  C  CA  . GLY A 1 30  ? 0.541   -24.158 0.591   1.00 32.25 ? 27  GLY A CA  1 
ATOM   153  C  C   . GLY A 1 30  ? 2.037   -24.323 0.808   1.00 31.59 ? 27  GLY A C   1 
ATOM   154  O  O   . GLY A 1 30  ? 2.698   -23.399 1.281   1.00 31.55 ? 27  GLY A O   1 
ATOM   155  N  N   . GLN A 1 31  ? 2.565   -25.500 0.482   1.00 29.42 ? 28  GLN A N   1 
ATOM   156  C  CA  . GLN A 1 31  ? 3.994   -25.779 0.614   1.00 29.73 ? 28  GLN A CA  1 
ATOM   157  C  C   . GLN A 1 31  ? 4.603   -25.458 -0.741  1.00 29.06 ? 28  GLN A C   1 
ATOM   158  O  O   . GLN A 1 31  ? 4.626   -26.300 -1.634  1.00 29.65 ? 28  GLN A O   1 
ATOM   159  C  CB  . GLN A 1 31  ? 4.213   -27.254 0.962   1.00 29.95 ? 28  GLN A CB  1 
ATOM   160  C  CG  . GLN A 1 31  ? 5.666   -27.731 0.941   1.00 31.32 ? 28  GLN A CG  1 
ATOM   161  C  CD  . GLN A 1 31  ? 6.601   -26.812 1.702   1.00 32.44 ? 28  GLN A CD  1 
ATOM   162  O  OE1 . GLN A 1 31  ? 7.237   -25.941 1.118   1.00 32.12 ? 28  GLN A OE1 1 
ATOM   163  N  NE2 . GLN A 1 31  ? 6.678   -26.996 3.015   1.00 35.31 ? 28  GLN A NE2 1 
ATOM   164  N  N   . LEU A 1 32  ? 5.084   -24.228 -0.890  1.00 28.03 ? 29  LEU A N   1 
ATOM   165  C  CA  . LEU A 1 32  ? 5.657   -23.777 -2.156  1.00 27.42 ? 29  LEU A CA  1 
ATOM   166  C  C   . LEU A 1 32  ? 7.173   -23.718 -2.157  1.00 28.71 ? 29  LEU A C   1 
ATOM   167  O  O   . LEU A 1 32  ? 7.775   -23.236 -3.116  1.00 28.93 ? 29  LEU A O   1 
ATOM   168  C  CB  . LEU A 1 32  ? 5.113   -22.388 -2.491  1.00 28.78 ? 29  LEU A CB  1 
ATOM   169  C  CG  . LEU A 1 32  ? 3.614   -22.187 -2.250  1.00 28.71 ? 29  LEU A CG  1 
ATOM   170  C  CD1 . LEU A 1 32  ? 3.227   -20.758 -2.596  1.00 32.67 ? 29  LEU A CD1 1 
ATOM   171  C  CD2 . LEU A 1 32  ? 2.825   -23.175 -3.088  1.00 29.99 ? 29  LEU A CD2 1 
ATOM   172  N  N   . ASP A 1 33  ? 7.799   -24.215 -1.099  1.00 29.93 ? 30  ASP A N   1 
ATOM   173  C  CA  . ASP A 1 33  ? 9.250   -24.153 -1.008  1.00 30.11 ? 30  ASP A CA  1 
ATOM   174  C  C   . ASP A 1 33  ? 10.011  -25.299 -1.659  1.00 32.23 ? 30  ASP A C   1 
ATOM   175  O  O   . ASP A 1 33  ? 11.216  -25.190 -1.899  1.00 32.96 ? 30  ASP A O   1 
ATOM   176  C  CB  . ASP A 1 33  ? 9.657   -23.997 0.458   1.00 32.53 ? 30  ASP A CB  1 
ATOM   177  C  CG  . ASP A 1 33  ? 9.069   -22.738 1.084   1.00 35.61 ? 30  ASP A CG  1 
ATOM   178  O  OD1 . ASP A 1 33  ? 9.148   -21.667 0.451   1.00 34.92 ? 30  ASP A OD1 1 
ATOM   179  O  OD2 . ASP A 1 33  ? 8.527   -22.811 2.204   1.00 39.06 ? 30  ASP A OD2 1 
ATOM   180  N  N   . THR A 1 34  ? 9.322   -26.394 -1.964  1.00 30.19 ? 31  THR A N   1 
ATOM   181  C  CA  . THR A 1 34  ? 9.991   -27.521 -2.607  1.00 31.42 ? 31  THR A CA  1 
ATOM   182  C  C   . THR A 1 34  ? 10.492  -27.084 -3.986  1.00 31.40 ? 31  THR A C   1 
ATOM   183  O  O   . THR A 1 34  ? 9.799   -26.356 -4.690  1.00 32.86 ? 31  THR A O   1 
ATOM   184  C  CB  . THR A 1 34  ? 9.020   -28.712 -2.766  1.00 30.79 ? 31  THR A CB  1 
ATOM   185  O  OG1 . THR A 1 34  ? 8.586   -29.142 -1.471  1.00 31.74 ? 31  THR A OG1 1 
ATOM   186  C  CG2 . THR A 1 34  ? 9.696   -29.873 -3.483  1.00 32.69 ? 31  THR A CG2 1 
ATOM   187  N  N   . ALA A 1 35  ? 11.701  -27.488 -4.366  1.00 29.68 ? 32  ALA A N   1 
ATOM   188  C  CA  . ALA A 1 35  ? 12.200  -27.127 -5.690  1.00 29.62 ? 32  ALA A CA  1 
ATOM   189  C  C   . ALA A 1 35  ? 11.730  -28.216 -6.660  1.00 29.46 ? 32  ALA A C   1 
ATOM   190  O  O   . ALA A 1 35  ? 12.080  -29.384 -6.510  1.00 31.00 ? 32  ALA A O   1 
ATOM   191  C  CB  . ALA A 1 35  ? 13.718  -27.034 -5.688  1.00 29.13 ? 32  ALA A CB  1 
ATOM   192  N  N   . VAL A 1 36  ? 10.938  -27.827 -7.651  1.00 28.23 ? 33  VAL A N   1 
ATOM   193  C  CA  . VAL A 1 36  ? 10.398  -28.771 -8.627  1.00 28.58 ? 33  VAL A CA  1 
ATOM   194  C  C   . VAL A 1 36  ? 11.464  -29.500 -9.441  1.00 30.78 ? 33  VAL A C   1 
ATOM   195  O  O   . VAL A 1 36  ? 11.420  -30.725 -9.586  1.00 32.33 ? 33  VAL A O   1 
ATOM   196  C  CB  . VAL A 1 36  ? 9.416   -28.052 -9.581  1.00 29.47 ? 33  VAL A CB  1 
ATOM   197  C  CG1 . VAL A 1 36  ? 8.915   -29.008 -10.649 1.00 28.05 ? 33  VAL A CG1 1 
ATOM   198  C  CG2 . VAL A 1 36  ? 8.245   -27.494 -8.783  1.00 30.97 ? 33  VAL A CG2 1 
ATOM   199  N  N   . GLY A 1 37  ? 12.423  -28.758 -9.978  1.00 29.70 ? 34  GLY A N   1 
ATOM   200  C  CA  . GLY A 1 37  ? 13.467  -29.398 -10.757 1.00 31.82 ? 34  GLY A CA  1 
ATOM   201  C  C   . GLY A 1 37  ? 13.028  -29.727 -12.170 1.00 31.60 ? 34  GLY A C   1 
ATOM   202  O  O   . GLY A 1 37  ? 12.012  -29.221 -12.648 1.00 33.35 ? 34  GLY A O   1 
ATOM   203  N  N   . GLU A 1 38  ? 13.787  -30.587 -12.841 1.00 33.29 ? 35  GLU A N   1 
ATOM   204  C  CA  . GLU A 1 38  ? 13.489  -30.964 -14.221 1.00 34.04 ? 35  GLU A CA  1 
ATOM   205  C  C   . GLU A 1 38  ? 12.721  -32.273 -14.330 1.00 33.14 ? 35  GLU A C   1 
ATOM   206  O  O   . GLU A 1 38  ? 12.673  -33.055 -13.382 1.00 30.29 ? 35  GLU A O   1 
ATOM   207  C  CB  . GLU A 1 38  ? 14.791  -31.075 -15.023 1.00 39.77 ? 35  GLU A CB  1 
ATOM   208  C  CG  . GLU A 1 38  ? 15.585  -29.774 -15.111 1.00 44.25 ? 35  GLU A CG  1 
ATOM   209  C  CD  . GLU A 1 38  ? 14.766  -28.629 -15.682 1.00 48.87 ? 35  GLU A CD  1 
ATOM   210  O  OE1 . GLU A 1 38  ? 14.245  -28.778 -16.809 1.00 51.58 ? 35  GLU A OE1 1 
ATOM   211  O  OE2 . GLU A 1 38  ? 14.641  -27.581 -15.006 1.00 51.65 ? 35  GLU A OE2 1 
ATOM   212  N  N   . ALA A 1 39  ? 12.123  -32.505 -15.496 1.00 31.48 ? 36  ALA A N   1 
ATOM   213  C  CA  . ALA A 1 39  ? 11.362  -33.726 -15.745 1.00 33.36 ? 36  ALA A CA  1 
ATOM   214  C  C   . ALA A 1 39  ? 12.298  -34.931 -15.724 1.00 34.81 ? 36  ALA A C   1 
ATOM   215  O  O   . ALA A 1 39  ? 13.470  -34.814 -16.081 1.00 36.11 ? 36  ALA A O   1 
ATOM   216  C  CB  . ALA A 1 39  ? 10.660  -33.636 -17.088 1.00 32.99 ? 36  ALA A CB  1 
ATOM   217  N  N   . PRO A 1 40  ? 11.790  -36.106 -15.304 1.00 35.76 ? 37  PRO A N   1 
ATOM   218  C  CA  . PRO A 1 40  ? 12.579  -37.340 -15.232 1.00 36.63 ? 37  PRO A CA  1 
ATOM   219  C  C   . PRO A 1 40  ? 12.776  -38.045 -16.576 1.00 38.56 ? 37  PRO A C   1 
ATOM   220  O  O   . PRO A 1 40  ? 13.775  -38.737 -16.779 1.00 38.43 ? 37  PRO A O   1 
ATOM   221  C  CB  . PRO A 1 40  ? 11.778  -38.191 -14.255 1.00 37.43 ? 37  PRO A CB  1 
ATOM   222  C  CG  . PRO A 1 40  ? 10.374  -37.830 -14.612 1.00 37.06 ? 37  PRO A CG  1 
ATOM   223  C  CD  . PRO A 1 40  ? 10.448  -36.316 -14.726 1.00 34.18 ? 37  PRO A CD  1 
ATOM   224  N  N   . ALA A 1 41  ? 11.817  -37.874 -17.480 1.00 38.13 ? 38  ALA A N   1 
ATOM   225  C  CA  . ALA A 1 41  ? 11.869  -38.495 -18.801 1.00 39.30 ? 38  ALA A CA  1 
ATOM   226  C  C   . ALA A 1 41  ? 11.163  -37.601 -19.815 1.00 39.53 ? 38  ALA A C   1 
ATOM   227  O  O   . ALA A 1 41  ? 10.360  -36.752 -19.440 1.00 38.80 ? 38  ALA A O   1 
ATOM   228  C  CB  . ALA A 1 41  ? 11.206  -39.868 -18.752 1.00 38.61 ? 38  ALA A CB  1 
ATOM   229  N  N   . PRO A 1 42  ? 11.440  -37.791 -21.118 1.00 40.49 ? 39  PRO A N   1 
ATOM   230  C  CA  . PRO A 1 42  ? 10.834  -36.993 -22.192 1.00 40.48 ? 39  PRO A CA  1 
ATOM   231  C  C   . PRO A 1 42  ? 9.313   -36.816 -22.181 1.00 41.29 ? 39  PRO A C   1 
ATOM   232  O  O   . PRO A 1 42  ? 8.813   -35.721 -22.462 1.00 43.44 ? 39  PRO A O   1 
ATOM   233  C  CB  . PRO A 1 42  ? 11.330  -37.688 -23.464 1.00 40.86 ? 39  PRO A CB  1 
ATOM   234  C  CG  . PRO A 1 42  ? 11.572  -39.096 -23.018 1.00 41.30 ? 39  PRO A CG  1 
ATOM   235  C  CD  . PRO A 1 42  ? 12.235  -38.892 -21.685 1.00 39.85 ? 39  PRO A CD  1 
ATOM   236  N  N   . GLY A 1 43  ? 8.578   -37.876 -21.859 1.00 40.01 ? 40  GLY A N   1 
ATOM   237  C  CA  . GLY A 1 43  ? 7.125   -37.786 -21.844 1.00 37.76 ? 40  GLY A CA  1 
ATOM   238  C  C   . GLY A 1 43  ? 6.493   -36.983 -20.710 1.00 37.37 ? 40  GLY A C   1 
ATOM   239  O  O   . GLY A 1 43  ? 5.266   -36.910 -20.617 1.00 37.06 ? 40  GLY A O   1 
ATOM   240  N  N   . TYR A 1 44  ? 7.309   -36.378 -19.852 1.00 36.20 ? 41  TYR A N   1 
ATOM   241  C  CA  . TYR A 1 44  ? 6.788   -35.590 -18.730 1.00 34.82 ? 41  TYR A CA  1 
ATOM   242  C  C   . TYR A 1 44  ? 7.175   -34.115 -18.818 1.00 34.48 ? 41  TYR A C   1 
ATOM   243  O  O   . TYR A 1 44  ? 6.930   -33.343 -17.883 1.00 31.76 ? 41  TYR A O   1 
ATOM   244  C  CB  . TYR A 1 44  ? 7.311   -36.149 -17.405 1.00 36.49 ? 41  TYR A CB  1 
ATOM   245  C  CG  . TYR A 1 44  ? 6.976   -37.599 -17.157 1.00 37.33 ? 41  TYR A CG  1 
ATOM   246  C  CD1 . TYR A 1 44  ? 7.692   -38.621 -17.781 1.00 39.31 ? 41  TYR A CD1 1 
ATOM   247  C  CD2 . TYR A 1 44  ? 5.944   -37.950 -16.292 1.00 37.60 ? 41  TYR A CD2 1 
ATOM   248  C  CE1 . TYR A 1 44  ? 7.387   -39.962 -17.545 1.00 40.19 ? 41  TYR A CE1 1 
ATOM   249  C  CE2 . TYR A 1 44  ? 5.629   -39.284 -16.048 1.00 39.28 ? 41  TYR A CE2 1 
ATOM   250  C  CZ  . TYR A 1 44  ? 6.354   -40.284 -16.676 1.00 40.38 ? 41  TYR A CZ  1 
ATOM   251  O  OH  . TYR A 1 44  ? 6.050   -41.602 -16.423 1.00 40.65 ? 41  TYR A OH  1 
ATOM   252  N  N   . GLU A 1 45  ? 7.777   -33.724 -19.936 1.00 32.23 ? 42  GLU A N   1 
ATOM   253  C  CA  . GLU A 1 45  ? 8.216   -32.345 -20.119 1.00 32.52 ? 42  GLU A CA  1 
ATOM   254  C  C   . GLU A 1 45  ? 7.089   -31.326 -19.946 1.00 31.31 ? 42  GLU A C   1 
ATOM   255  O  O   . GLU A 1 45  ? 7.267   -30.311 -19.278 1.00 30.33 ? 42  GLU A O   1 
ATOM   256  C  CB  . GLU A 1 45  ? 8.870   -32.182 -21.503 1.00 35.14 ? 42  GLU A CB  1 
ATOM   257  N  N   . ARG A 1 46  ? 5.935   -31.596 -20.551 1.00 32.38 ? 43  ARG A N   1 
ATOM   258  C  CA  . ARG A 1 46  ? 4.793   -30.685 -20.466 1.00 32.73 ? 43  ARG A CA  1 
ATOM   259  C  C   . ARG A 1 46  ? 4.327   -30.530 -19.023 1.00 31.11 ? 43  ARG A C   1 
ATOM   260  O  O   . ARG A 1 46  ? 4.085   -29.418 -18.564 1.00 31.22 ? 43  ARG A O   1 
ATOM   261  C  CB  . ARG A 1 46  ? 3.630   -31.201 -21.314 1.00 34.76 ? 43  ARG A CB  1 
ATOM   262  C  CG  . ARG A 1 46  ? 3.889   -31.223 -22.811 1.00 41.00 ? 43  ARG A CG  1 
ATOM   263  C  CD  . ARG A 1 46  ? 2.728   -31.886 -23.537 1.00 41.82 ? 43  ARG A CD  1 
ATOM   264  N  NE  . ARG A 1 46  ? 1.472   -31.177 -23.303 1.00 47.97 ? 43  ARG A NE  1 
ATOM   265  C  CZ  . ARG A 1 46  ? 0.267   -31.672 -23.575 1.00 48.95 ? 43  ARG A CZ  1 
ATOM   266  N  NH1 . ARG A 1 46  ? -0.817  -30.950 -23.328 1.00 51.22 ? 43  ARG A NH1 1 
ATOM   267  N  NH2 . ARG A 1 46  ? 0.146   -32.892 -24.085 1.00 49.70 ? 43  ARG A NH2 1 
ATOM   268  N  N   . HIS A 1 47  ? 4.203   -31.649 -18.316 1.00 30.06 ? 44  HIS A N   1 
ATOM   269  C  CA  . HIS A 1 47  ? 3.769   -31.616 -16.923 1.00 29.98 ? 44  HIS A CA  1 
ATOM   270  C  C   . HIS A 1 47  ? 4.675   -30.736 -16.071 1.00 27.72 ? 44  HIS A C   1 
ATOM   271  O  O   . HIS A 1 47  ? 4.206   -29.838 -15.376 1.00 27.73 ? 44  HIS A O   1 
ATOM   272  C  CB  . HIS A 1 47  ? 3.757   -33.026 -16.326 1.00 32.64 ? 44  HIS A CB  1 
ATOM   273  C  CG  . HIS A 1 47  ? 2.694   -33.917 -16.889 1.00 35.68 ? 44  HIS A CG  1 
ATOM   274  N  ND1 . HIS A 1 47  ? 1.350   -33.619 -16.801 1.00 37.77 ? 44  HIS A ND1 1 
ATOM   275  C  CD2 . HIS A 1 47  ? 2.774   -35.108 -17.526 1.00 36.63 ? 44  HIS A CD2 1 
ATOM   276  C  CE1 . HIS A 1 47  ? 0.649   -34.591 -17.358 1.00 35.90 ? 44  HIS A CE1 1 
ATOM   277  N  NE2 . HIS A 1 47  ? 1.490   -35.507 -17.805 1.00 38.75 ? 44  HIS A NE2 1 
ATOM   278  N  N   . TYR A 1 48  ? 5.976   -30.997 -16.126 1.00 26.83 ? 45  TYR A N   1 
ATOM   279  C  CA  . TYR A 1 48  ? 6.931   -30.237 -15.335 1.00 26.81 ? 45  TYR A CA  1 
ATOM   280  C  C   . TYR A 1 48  ? 7.024   -28.766 -15.724 1.00 26.25 ? 45  TYR A C   1 
ATOM   281  O  O   . TYR A 1 48  ? 7.189   -27.901 -14.864 1.00 26.26 ? 45  TYR A O   1 
ATOM   282  C  CB  . TYR A 1 48  ? 8.297   -30.923 -15.383 1.00 26.51 ? 45  TYR A CB  1 
ATOM   283  C  CG  . TYR A 1 48  ? 8.421   -32.009 -14.334 1.00 27.87 ? 45  TYR A CG  1 
ATOM   284  C  CD1 . TYR A 1 48  ? 9.076   -31.765 -13.125 1.00 28.57 ? 45  TYR A CD1 1 
ATOM   285  C  CD2 . TYR A 1 48  ? 7.829   -33.256 -14.521 1.00 28.07 ? 45  TYR A CD2 1 
ATOM   286  C  CE1 . TYR A 1 48  ? 9.138   -32.738 -12.125 1.00 29.91 ? 45  TYR A CE1 1 
ATOM   287  C  CE2 . TYR A 1 48  ? 7.882   -34.240 -13.525 1.00 27.62 ? 45  TYR A CE2 1 
ATOM   288  C  CZ  . TYR A 1 48  ? 8.537   -33.970 -12.332 1.00 29.85 ? 45  TYR A CZ  1 
ATOM   289  O  OH  . TYR A 1 48  ? 8.582   -34.926 -11.341 1.00 32.46 ? 45  TYR A OH  1 
ATOM   290  N  N   . ASP A 1 49  ? 6.907   -28.479 -17.013 1.00 27.84 ? 46  ASP A N   1 
ATOM   291  C  CA  . ASP A 1 49  ? 6.949   -27.098 -17.470 1.00 29.42 ? 46  ASP A CA  1 
ATOM   292  C  C   . ASP A 1 49  ? 5.821   -26.335 -16.768 1.00 29.24 ? 46  ASP A C   1 
ATOM   293  O  O   . ASP A 1 49  ? 6.024   -25.248 -16.215 1.00 26.77 ? 46  ASP A O   1 
ATOM   294  C  CB  . ASP A 1 49  ? 6.749   -27.055 -18.986 1.00 34.05 ? 46  ASP A CB  1 
ATOM   295  C  CG  . ASP A 1 49  ? 6.713   -25.643 -19.531 1.00 41.35 ? 46  ASP A CG  1 
ATOM   296  O  OD1 . ASP A 1 49  ? 5.699   -24.946 -19.321 1.00 46.07 ? 46  ASP A OD1 1 
ATOM   297  O  OD2 . ASP A 1 49  ? 7.703   -25.225 -20.166 1.00 45.85 ? 46  ASP A OD2 1 
ATOM   298  N  N   . SER A 1 50  ? 4.632   -26.922 -16.781 1.00 28.29 ? 47  SER A N   1 
ATOM   299  C  CA  . SER A 1 50  ? 3.470   -26.300 -16.156 1.00 29.18 ? 47  SER A CA  1 
ATOM   300  C  C   . SER A 1 50  ? 3.609   -26.218 -14.638 1.00 27.81 ? 47  SER A C   1 
ATOM   301  O  O   . SER A 1 50  ? 3.242   -25.215 -14.033 1.00 27.67 ? 47  SER A O   1 
ATOM   302  C  CB  . SER A 1 50  ? 2.203   -27.082 -16.516 1.00 30.16 ? 47  SER A CB  1 
ATOM   303  O  OG  . SER A 1 50  ? 1.976   -27.072 -17.919 1.00 30.13 ? 47  SER A OG  1 
ATOM   304  N  N   . LEU A 1 51  ? 4.133   -27.276 -14.023 1.00 27.91 ? 48  LEU A N   1 
ATOM   305  C  CA  . LEU A 1 51  ? 4.310   -27.299 -12.573 1.00 26.63 ? 48  LEU A CA  1 
ATOM   306  C  C   . LEU A 1 51  ? 5.231   -26.178 -12.112 1.00 27.23 ? 48  LEU A C   1 
ATOM   307  O  O   . LEU A 1 51  ? 4.954   -25.509 -11.117 1.00 26.14 ? 48  LEU A O   1 
ATOM   308  C  CB  . LEU A 1 51  ? 4.868   -28.654 -12.119 1.00 26.15 ? 48  LEU A CB  1 
ATOM   309  C  CG  . LEU A 1 51  ? 3.880   -29.822 -12.185 1.00 25.35 ? 48  LEU A CG  1 
ATOM   310  C  CD1 . LEU A 1 51  ? 4.606   -31.114 -11.871 1.00 25.51 ? 48  LEU A CD1 1 
ATOM   311  C  CD2 . LEU A 1 51  ? 2.733   -29.591 -11.201 1.00 28.25 ? 48  LEU A CD2 1 
ATOM   312  N  N   . ARG A 1 52  ? 6.334   -25.972 -12.825 1.00 26.16 ? 49  ARG A N   1 
ATOM   313  C  CA  . ARG A 1 52  ? 7.259   -24.905 -12.454 1.00 24.82 ? 49  ARG A CA  1 
ATOM   314  C  C   . ARG A 1 52  ? 6.600   -23.539 -12.608 1.00 25.78 ? 49  ARG A C   1 
ATOM   315  O  O   . ARG A 1 52  ? 6.741   -22.668 -11.750 1.00 27.38 ? 49  ARG A O   1 
ATOM   316  C  CB  . ARG A 1 52  ? 8.524   -24.967 -13.316 1.00 28.25 ? 49  ARG A CB  1 
ATOM   317  C  CG  . ARG A 1 52  ? 9.485   -26.093 -12.933 1.00 29.59 ? 49  ARG A CG  1 
ATOM   318  C  CD  . ARG A 1 52  ? 10.835  -25.905 -13.631 1.00 34.39 ? 49  ARG A CD  1 
ATOM   319  N  NE  . ARG A 1 52  ? 10.690  -25.932 -15.083 1.00 32.31 ? 49  ARG A NE  1 
ATOM   320  C  CZ  . ARG A 1 52  ? 10.712  -27.037 -15.821 1.00 31.69 ? 49  ARG A CZ  1 
ATOM   321  N  NH1 . ARG A 1 52  ? 10.560  -26.961 -17.135 1.00 31.86 ? 49  ARG A NH1 1 
ATOM   322  N  NH2 . ARG A 1 52  ? 10.920  -28.216 -15.254 1.00 32.82 ? 49  ARG A NH2 1 
ATOM   323  N  N   . ALA A 1 53  ? 5.878   -23.355 -13.706 1.00 27.81 ? 50  ALA A N   1 
ATOM   324  C  CA  . ALA A 1 53  ? 5.204   -22.088 -13.978 1.00 27.54 ? 50  ALA A CA  1 
ATOM   325  C  C   . ALA A 1 53  ? 4.151   -21.789 -12.922 1.00 29.12 ? 50  ALA A C   1 
ATOM   326  O  O   . ALA A 1 53  ? 4.037   -20.657 -12.452 1.00 28.17 ? 50  ALA A O   1 
ATOM   327  C  CB  . ALA A 1 53  ? 4.569   -22.128 -15.359 1.00 30.41 ? 50  ALA A CB  1 
ATOM   328  N  N   . LEU A 1 54  ? 3.379   -22.806 -12.556 1.00 28.85 ? 51  LEU A N   1 
ATOM   329  C  CA  . LEU A 1 54  ? 2.344   -22.645 -11.540 1.00 32.68 ? 51  LEU A CA  1 
ATOM   330  C  C   . LEU A 1 54  ? 2.961   -22.267 -10.198 1.00 33.79 ? 51  LEU A C   1 
ATOM   331  O  O   . LEU A 1 54  ? 2.461   -21.389 -9.493  1.00 34.35 ? 51  LEU A O   1 
ATOM   332  C  CB  . LEU A 1 54  ? 1.544   -23.940 -11.392 1.00 33.53 ? 51  LEU A CB  1 
ATOM   333  C  CG  . LEU A 1 54  ? 0.353   -24.117 -12.335 1.00 38.28 ? 51  LEU A CG  1 
ATOM   334  C  CD1 . LEU A 1 54  ? 0.792   -23.900 -13.759 1.00 42.25 ? 51  LEU A CD1 1 
ATOM   335  C  CD2 . LEU A 1 54  ? -0.244  -25.503 -12.161 1.00 38.52 ? 51  LEU A CD2 1 
ATOM   336  N  N   . GLN A 1 55  ? 4.049   -22.938 -9.843  1.00 33.73 ? 52  GLN A N   1 
ATOM   337  C  CA  . GLN A 1 55  ? 4.714   -22.651 -8.584  1.00 33.91 ? 52  GLN A CA  1 
ATOM   338  C  C   . GLN A 1 55  ? 5.164   -21.196 -8.521  1.00 34.87 ? 52  GLN A C   1 
ATOM   339  O  O   . GLN A 1 55  ? 4.962   -20.528 -7.511  1.00 36.94 ? 52  GLN A O   1 
ATOM   340  C  CB  . GLN A 1 55  ? 5.920   -23.565 -8.398  1.00 33.72 ? 52  GLN A CB  1 
ATOM   341  C  CG  . GLN A 1 55  ? 6.687   -23.280 -7.122  1.00 32.84 ? 52  GLN A CG  1 
ATOM   342  C  CD  . GLN A 1 55  ? 7.870   -24.190 -6.962  1.00 32.41 ? 52  GLN A CD  1 
ATOM   343  O  OE1 . GLN A 1 55  ? 8.751   -24.222 -7.816  1.00 35.23 ? 52  GLN A OE1 1 
ATOM   344  N  NE2 . GLN A 1 55  ? 7.902   -24.942 -5.866  1.00 29.26 ? 52  GLN A NE2 1 
ATOM   345  N  N   . ARG A 1 56  ? 5.779   -20.708 -9.596  1.00 36.49 ? 53  ARG A N   1 
ATOM   346  C  CA  . ARG A 1 56  ? 6.243   -19.326 -9.636  1.00 38.71 ? 53  ARG A CA  1 
ATOM   347  C  C   . ARG A 1 56  ? 5.076   -18.372 -9.409  1.00 38.88 ? 53  ARG A C   1 
ATOM   348  O  O   . ARG A 1 56  ? 5.212   -17.364 -8.711  1.00 37.99 ? 53  ARG A O   1 
ATOM   349  C  CB  . ARG A 1 56  ? 6.903   -19.017 -10.983 1.00 41.22 ? 53  ARG A CB  1 
ATOM   350  C  CG  . ARG A 1 56  ? 7.281   -17.555 -11.158 1.00 46.26 ? 53  ARG A CG  1 
ATOM   351  C  CD  . ARG A 1 56  ? 8.033   -17.311 -12.457 1.00 50.43 ? 53  ARG A CD  1 
ATOM   352  N  NE  . ARG A 1 56  ? 7.249   -17.663 -13.639 1.00 55.90 ? 53  ARG A NE  1 
ATOM   353  C  CZ  . ARG A 1 56  ? 6.144   -17.033 -14.029 1.00 58.28 ? 53  ARG A CZ  1 
ATOM   354  N  NH1 . ARG A 1 56  ? 5.672   -16.005 -13.333 1.00 59.34 ? 53  ARG A NH1 1 
ATOM   355  N  NH2 . ARG A 1 56  ? 5.511   -17.431 -15.126 1.00 60.01 ? 53  ARG A NH2 1 
ATOM   356  N  N   . GLN A 1 57  ? 3.925   -18.705 -9.988  1.00 38.78 ? 54  GLN A N   1 
ATOM   357  C  CA  . GLN A 1 57  ? 2.736   -17.870 -9.854  1.00 39.75 ? 54  GLN A CA  1 
ATOM   358  C  C   . GLN A 1 57  ? 2.152   -17.889 -8.446  1.00 38.40 ? 54  GLN A C   1 
ATOM   359  O  O   . GLN A 1 57  ? 1.723   -16.855 -7.937  1.00 37.48 ? 54  GLN A O   1 
ATOM   360  C  CB  . GLN A 1 57  ? 1.668   -18.298 -10.857 1.00 41.61 ? 54  GLN A CB  1 
ATOM   361  C  CG  . GLN A 1 57  ? 0.450   -17.392 -10.855 1.00 47.90 ? 54  GLN A CG  1 
ATOM   362  C  CD  . GLN A 1 57  ? -0.515  -17.718 -11.971 1.00 50.55 ? 54  GLN A CD  1 
ATOM   363  O  OE1 . GLN A 1 57  ? -0.148  -17.701 -13.143 1.00 53.66 ? 54  GLN A OE1 1 
ATOM   364  N  NE2 . GLN A 1 57  ? -1.759  -18.017 -11.613 1.00 53.57 ? 54  GLN A NE2 1 
ATOM   365  N  N   . LEU A 1 58  ? 2.130   -19.062 -7.821  1.00 36.11 ? 55  LEU A N   1 
ATOM   366  C  CA  . LEU A 1 58  ? 1.609   -19.177 -6.463  1.00 34.98 ? 55  LEU A CA  1 
ATOM   367  C  C   . LEU A 1 58  ? 2.507   -18.412 -5.494  1.00 34.23 ? 55  LEU A C   1 
ATOM   368  O  O   . LEU A 1 58  ? 2.026   -17.793 -4.545  1.00 33.83 ? 55  LEU A O   1 
ATOM   369  C  CB  . LEU A 1 58  ? 1.519   -20.647 -6.050  1.00 33.84 ? 55  LEU A CB  1 
ATOM   370  C  CG  . LEU A 1 58  ? 0.461   -21.472 -6.788  1.00 34.74 ? 55  LEU A CG  1 
ATOM   371  C  CD1 . LEU A 1 58  ? 0.594   -22.937 -6.404  1.00 32.85 ? 55  LEU A CD1 1 
ATOM   372  C  CD2 . LEU A 1 58  ? -0.931  -20.953 -6.444  1.00 34.31 ? 55  LEU A CD2 1 
ATOM   373  N  N   . ARG A 1 59  ? 3.812   -18.454 -5.735  1.00 33.44 ? 56  ARG A N   1 
ATOM   374  C  CA  . ARG A 1 59  ? 4.758   -17.741 -4.882  1.00 34.05 ? 56  ARG A CA  1 
ATOM   375  C  C   . ARG A 1 59  ? 4.584   -16.231 -5.046  1.00 35.71 ? 56  ARG A C   1 
ATOM   376  O  O   . ARG A 1 59  ? 4.551   -15.492 -4.060  1.00 32.57 ? 56  ARG A O   1 
ATOM   377  C  CB  . ARG A 1 59  ? 6.193   -18.130 -5.238  1.00 36.08 ? 56  ARG A CB  1 
ATOM   378  C  CG  . ARG A 1 59  ? 6.591   -19.539 -4.815  1.00 33.87 ? 56  ARG A CG  1 
ATOM   379  C  CD  . ARG A 1 59  ? 7.945   -19.904 -5.407  1.00 34.94 ? 56  ARG A CD  1 
ATOM   380  N  NE  . ARG A 1 59  ? 8.466   -21.167 -4.891  1.00 32.78 ? 56  ARG A NE  1 
ATOM   381  C  CZ  . ARG A 1 59  ? 9.647   -21.673 -5.230  1.00 35.78 ? 56  ARG A CZ  1 
ATOM   382  N  NH1 . ARG A 1 59  ? 10.422  -21.022 -6.088  1.00 34.78 ? 56  ARG A NH1 1 
ATOM   383  N  NH2 . ARG A 1 59  ? 10.064  -22.821 -4.704  1.00 35.26 ? 56  ARG A NH2 1 
ATOM   384  N  N   . GLU A 1 60  ? 4.471   -15.780 -6.293  1.00 35.91 ? 57  GLU A N   1 
ATOM   385  C  CA  . GLU A 1 60  ? 4.301   -14.355 -6.577  1.00 39.68 ? 57  GLU A CA  1 
ATOM   386  C  C   . GLU A 1 60  ? 3.021   -13.799 -5.969  1.00 38.93 ? 57  GLU A C   1 
ATOM   387  O  O   . GLU A 1 60  ? 3.030   -12.743 -5.335  1.00 40.84 ? 57  GLU A O   1 
ATOM   388  C  CB  . GLU A 1 60  ? 4.284   -14.103 -8.084  1.00 43.10 ? 57  GLU A CB  1 
ATOM   389  C  CG  . GLU A 1 60  ? 5.620   -14.305 -8.767  1.00 48.97 ? 57  GLU A CG  1 
ATOM   390  C  CD  . GLU A 1 60  ? 5.609   -13.817 -10.202 1.00 52.57 ? 57  GLU A CD  1 
ATOM   391  O  OE1 . GLU A 1 60  ? 5.280   -12.630 -10.421 1.00 54.78 ? 57  GLU A OE1 1 
ATOM   392  O  OE2 . GLU A 1 60  ? 5.928   -14.613 -11.110 1.00 55.23 ? 57  GLU A OE2 1 
ATOM   393  N  N   . GLN A 1 61  ? 1.919   -14.509 -6.174  1.00 37.80 ? 58  GLN A N   1 
ATOM   394  C  CA  . GLN A 1 61  ? 0.640   -14.073 -5.640  1.00 38.41 ? 58  GLN A CA  1 
ATOM   395  C  C   . GLN A 1 61  ? 0.648   -14.107 -4.122  1.00 37.87 ? 58  GLN A C   1 
ATOM   396  O  O   . GLN A 1 61  ? -0.017  -13.298 -3.476  1.00 33.74 ? 58  GLN A O   1 
ATOM   397  C  CB  . GLN A 1 61  ? -0.486  -14.943 -6.191  1.00 40.16 ? 58  GLN A CB  1 
ATOM   398  C  CG  . GLN A 1 61  ? -0.632  -14.821 -7.700  1.00 43.18 ? 58  GLN A CG  1 
ATOM   399  C  CD  . GLN A 1 61  ? -1.778  -15.635 -8.258  1.00 43.47 ? 58  GLN A CD  1 
ATOM   400  O  OE1 . GLN A 1 61  ? -1.979  -15.678 -9.468  1.00 47.71 ? 58  GLN A OE1 1 
ATOM   401  N  NE2 . GLN A 1 61  ? -2.537  -16.282 -7.383  1.00 44.57 ? 58  GLN A NE2 1 
ATOM   402  N  N   . ARG A 1 62  ? 1.396   -15.047 -3.551  1.00 36.87 ? 59  ARG A N   1 
ATOM   403  C  CA  . ARG A 1 62  ? 1.485   -15.136 -2.098  1.00 37.99 ? 59  ARG A CA  1 
ATOM   404  C  C   . ARG A 1 62  ? 2.189   -13.890 -1.576  1.00 37.26 ? 59  ARG A C   1 
ATOM   405  O  O   . ARG A 1 62  ? 1.745   -13.268 -0.612  1.00 37.47 ? 59  ARG A O   1 
ATOM   406  C  CB  . ARG A 1 62  ? 2.267   -16.382 -1.672  1.00 38.49 ? 59  ARG A CB  1 
ATOM   407  C  CG  . ARG A 1 62  ? 2.801   -16.298 -0.242  1.00 41.94 ? 59  ARG A CG  1 
ATOM   408  C  CD  . ARG A 1 62  ? 3.575   -17.543 0.156   1.00 41.37 ? 59  ARG A CD  1 
ATOM   409  N  NE  . ARG A 1 62  ? 2.687   -18.666 0.439   1.00 43.07 ? 59  ARG A NE  1 
ATOM   410  C  CZ  . ARG A 1 62  ? 3.106   -19.877 0.791   1.00 42.20 ? 59  ARG A CZ  1 
ATOM   411  N  NH1 . ARG A 1 62  ? 4.406   -20.123 0.899   1.00 39.16 ? 59  ARG A NH1 1 
ATOM   412  N  NH2 . ARG A 1 62  ? 2.223   -20.837 1.041   1.00 40.49 ? 59  ARG A NH2 1 
ATOM   413  N  N   . ALA A 1 63  ? 3.290   -13.526 -2.225  1.00 37.04 ? 60  ALA A N   1 
ATOM   414  C  CA  . ALA A 1 63  ? 4.060   -12.357 -1.824  1.00 37.98 ? 60  ALA A CA  1 
ATOM   415  C  C   . ALA A 1 63  ? 3.227   -11.085 -1.939  1.00 38.44 ? 60  ALA A C   1 
ATOM   416  O  O   . ALA A 1 63  ? 3.197   -10.269 -1.012  1.00 37.67 ? 60  ALA A O   1 
ATOM   417  C  CB  . ALA A 1 63  ? 5.317   -12.237 -2.683  1.00 37.27 ? 60  ALA A CB  1 
ATOM   418  N  N   . GLU A 1 64  ? 2.555   -10.917 -3.073  1.00 38.37 ? 61  GLU A N   1 
ATOM   419  C  CA  . GLU A 1 64  ? 1.731   -9.732  -3.293  1.00 38.86 ? 61  GLU A CA  1 
ATOM   420  C  C   . GLU A 1 64  ? 0.606   -9.618  -2.270  1.00 37.30 ? 61  GLU A C   1 
ATOM   421  O  O   . GLU A 1 64  ? 0.312   -8.527  -1.786  1.00 37.15 ? 61  GLU A O   1 
ATOM   422  C  CB  . GLU A 1 64  ? 1.152   -9.734  -4.713  1.00 41.40 ? 61  GLU A CB  1 
ATOM   423  C  CG  . GLU A 1 64  ? 2.209   -9.631  -5.805  1.00 48.37 ? 61  GLU A CG  1 
ATOM   424  C  CD  . GLU A 1 64  ? 1.622   -9.329  -7.174  1.00 52.45 ? 61  GLU A CD  1 
ATOM   425  O  OE1 . GLU A 1 64  ? 0.829   -10.146 -7.687  1.00 56.71 ? 61  GLU A OE1 1 
ATOM   426  O  OE2 . GLU A 1 64  ? 1.958   -8.270  -7.741  1.00 55.81 ? 61  GLU A OE2 1 
ATOM   427  N  N   . LEU A 1 65  ? -0.022  -10.740 -1.934  1.00 36.92 ? 62  LEU A N   1 
ATOM   428  C  CA  . LEU A 1 65  ? -1.103  -10.724 -0.954  1.00 37.34 ? 62  LEU A CA  1 
ATOM   429  C  C   . LEU A 1 65  ? -0.574  -10.416 0.446   1.00 37.90 ? 62  LEU A C   1 
ATOM   430  O  O   . LEU A 1 65  ? -1.271  -9.810  1.262   1.00 37.61 ? 62  LEU A O   1 
ATOM   431  C  CB  . LEU A 1 65  ? -1.844  -12.061 -0.952  1.00 39.25 ? 62  LEU A CB  1 
ATOM   432  C  CG  . LEU A 1 65  ? -2.683  -12.354 -2.198  1.00 40.60 ? 62  LEU A CG  1 
ATOM   433  C  CD1 . LEU A 1 65  ? -3.324  -13.719 -2.067  1.00 42.32 ? 62  LEU A CD1 1 
ATOM   434  C  CD2 . LEU A 1 65  ? -3.746  -11.279 -2.366  1.00 42.88 ? 62  LEU A CD2 1 
ATOM   435  N  N   . GLN A 1 66  ? 0.661   -10.832 0.718   1.00 37.26 ? 63  GLN A N   1 
ATOM   436  C  CA  . GLN A 1 66  ? 1.278   -10.574 2.015   1.00 39.54 ? 63  GLN A CA  1 
ATOM   437  C  C   . GLN A 1 66  ? 1.581   -9.084  2.143   1.00 38.16 ? 63  GLN A C   1 
ATOM   438  O  O   . GLN A 1 66  ? 1.483   -8.511  3.229   1.00 37.84 ? 63  GLN A O   1 
ATOM   439  C  CB  . GLN A 1 66  ? 2.567   -11.389 2.167   1.00 42.05 ? 63  GLN A CB  1 
ATOM   440  C  CG  . GLN A 1 66  ? 2.336   -12.897 2.145   1.00 47.06 ? 63  GLN A CG  1 
ATOM   441  C  CD  . GLN A 1 66  ? 3.618   -13.694 2.289   1.00 48.96 ? 63  GLN A CD  1 
ATOM   442  O  OE1 . GLN A 1 66  ? 4.584   -13.480 1.554   1.00 50.48 ? 63  GLN A OE1 1 
ATOM   443  N  NE2 . GLN A 1 66  ? 3.629   -14.628 3.236   1.00 49.40 ? 63  GLN A NE2 1 
ATOM   444  N  N   . GLN A 1 67  ? 1.949   -8.463  1.027   1.00 37.26 ? 64  GLN A N   1 
ATOM   445  C  CA  . GLN A 1 67  ? 2.247   -7.036  1.003   1.00 38.26 ? 64  GLN A CA  1 
ATOM   446  C  C   . GLN A 1 67  ? 0.982   -6.251  1.347   1.00 37.67 ? 64  GLN A C   1 
ATOM   447  O  O   . GLN A 1 67  ? 1.032   -5.239  2.053   1.00 34.83 ? 64  GLN A O   1 
ATOM   448  C  CB  . GLN A 1 67  ? 2.747   -6.630  -0.385  1.00 40.30 ? 64  GLN A CB  1 
ATOM   449  C  CG  . GLN A 1 67  ? 4.125   -7.165  -0.746  1.00 45.55 ? 64  GLN A CG  1 
ATOM   450  C  CD  . GLN A 1 67  ? 5.246   -6.347  -0.135  1.00 48.17 ? 64  GLN A CD  1 
ATOM   451  O  OE1 . GLN A 1 67  ? 5.374   -5.151  -0.406  1.00 50.25 ? 64  GLN A OE1 1 
ATOM   452  N  NE2 . GLN A 1 67  ? 6.064   -6.983  0.694   1.00 49.07 ? 64  GLN A NE2 1 
ATOM   453  N  N   . VAL A 1 68  ? -0.152  -6.726  0.841   1.00 36.20 ? 65  VAL A N   1 
ATOM   454  C  CA  . VAL A 1 68  ? -1.432  -6.076  1.096   1.00 36.40 ? 65  VAL A CA  1 
ATOM   455  C  C   . VAL A 1 68  ? -1.795  -6.201  2.567   1.00 35.47 ? 65  VAL A C   1 
ATOM   456  O  O   . VAL A 1 68  ? -2.332  -5.267  3.167   1.00 33.59 ? 65  VAL A O   1 
ATOM   457  C  CB  . VAL A 1 68  ? -2.562  -6.706  0.248   1.00 36.94 ? 65  VAL A CB  1 
ATOM   458  C  CG1 . VAL A 1 68  ? -3.878  -5.991  0.523   1.00 38.32 ? 65  VAL A CG1 1 
ATOM   459  C  CG2 . VAL A 1 68  ? -2.207  -6.624  -1.232  1.00 37.53 ? 65  VAL A CG2 1 
ATOM   460  N  N   . GLU A 1 69  ? -1.513  -7.364  3.148   1.00 35.05 ? 66  GLU A N   1 
ATOM   461  C  CA  . GLU A 1 69  ? -1.801  -7.585  4.558   1.00 35.14 ? 66  GLU A CA  1 
ATOM   462  C  C   . GLU A 1 69  ? -0.956  -6.611  5.374   1.00 34.95 ? 66  GLU A C   1 
ATOM   463  O  O   . GLU A 1 69  ? -1.415  -6.073  6.385   1.00 33.40 ? 66  GLU A O   1 
ATOM   464  C  CB  . GLU A 1 69  ? -1.475  -9.030  4.952   1.00 39.88 ? 66  GLU A CB  1 
ATOM   465  C  CG  . GLU A 1 69  ? -1.702  -9.349  6.425   1.00 43.56 ? 66  GLU A CG  1 
ATOM   466  C  CD  . GLU A 1 69  ? -1.517  -10.827 6.737   1.00 48.20 ? 66  GLU A CD  1 
ATOM   467  O  OE1 . GLU A 1 69  ? -0.506  -11.412 6.293   1.00 49.59 ? 66  GLU A OE1 1 
ATOM   468  O  OE2 . GLU A 1 69  ? -2.378  -11.401 7.436   1.00 50.44 ? 66  GLU A OE2 1 
ATOM   469  N  N   . SER A 1 70  ? 0.276   -6.384  4.926   1.00 32.82 ? 67  SER A N   1 
ATOM   470  C  CA  . SER A 1 70  ? 1.178   -5.461  5.609   1.00 33.92 ? 67  SER A CA  1 
ATOM   471  C  C   . SER A 1 70  ? 0.711   -4.021  5.423   1.00 33.30 ? 67  SER A C   1 
ATOM   472  O  O   . SER A 1 70  ? 0.915   -3.176  6.293   1.00 33.81 ? 67  SER A O   1 
ATOM   473  C  CB  . SER A 1 70  ? 2.601   -5.612  5.076   1.00 34.92 ? 67  SER A CB  1 
ATOM   474  O  OG  . SER A 1 70  ? 3.134   -6.871  5.441   1.00 38.08 ? 67  SER A OG  1 
ATOM   475  N  N   . LEU A 1 71  ? 0.084   -3.754  4.282   1.00 31.88 ? 68  LEU A N   1 
ATOM   476  C  CA  . LEU A 1 71  ? -0.432  -2.430  3.974   1.00 31.25 ? 68  LEU A CA  1 
ATOM   477  C  C   . LEU A 1 71  ? -1.589  -2.114  4.918   1.00 31.77 ? 68  LEU A C   1 
ATOM   478  O  O   . LEU A 1 71  ? -1.715  -0.989  5.408   1.00 33.02 ? 68  LEU A O   1 
ATOM   479  C  CB  . LEU A 1 71  ? -0.908  -2.381  2.517   1.00 30.24 ? 68  LEU A CB  1 
ATOM   480  C  CG  . LEU A 1 71  ? -1.609  -1.105  2.046   1.00 32.07 ? 68  LEU A CG  1 
ATOM   481  C  CD1 . LEU A 1 71  ? -0.710  0.105   2.267   1.00 31.75 ? 68  LEU A CD1 1 
ATOM   482  C  CD2 . LEU A 1 71  ? -1.967  -1.245  0.569   1.00 33.05 ? 68  LEU A CD2 1 
ATOM   483  N  N   . GLU A 1 72  ? -2.438  -3.104  5.176   1.00 30.47 ? 69  GLU A N   1 
ATOM   484  C  CA  . GLU A 1 72  ? -3.560  -2.889  6.078   1.00 31.13 ? 69  GLU A CA  1 
ATOM   485  C  C   . GLU A 1 72  ? -3.075  -2.608  7.497   1.00 32.28 ? 69  GLU A C   1 
ATOM   486  O  O   . GLU A 1 72  ? -3.639  -1.765  8.194   1.00 30.87 ? 69  GLU A O   1 
ATOM   487  C  CB  . GLU A 1 72  ? -4.509  -4.091  6.086   1.00 32.89 ? 69  GLU A CB  1 
ATOM   488  C  CG  . GLU A 1 72  ? -5.461  -4.063  7.281   1.00 35.67 ? 69  GLU A CG  1 
ATOM   489  C  CD  . GLU A 1 72  ? -6.541  -5.120  7.228   1.00 37.37 ? 69  GLU A CD  1 
ATOM   490  O  OE1 . GLU A 1 72  ? -6.248  -6.264  6.825   1.00 40.22 ? 69  GLU A OE1 1 
ATOM   491  O  OE2 . GLU A 1 72  ? -7.685  -4.807  7.613   1.00 38.80 ? 69  GLU A OE2 1 
ATOM   492  N  N   . ALA A 1 73  ? -2.035  -3.315  7.925   1.00 30.47 ? 70  ALA A N   1 
ATOM   493  C  CA  . ALA A 1 73  ? -1.486  -3.119  9.264   1.00 31.28 ? 70  ALA A CA  1 
ATOM   494  C  C   . ALA A 1 73  ? -0.810  -1.751  9.364   1.00 32.43 ? 70  ALA A C   1 
ATOM   495  O  O   . ALA A 1 73  ? -0.916  -1.067  10.387  1.00 32.33 ? 70  ALA A O   1 
ATOM   496  C  CB  . ALA A 1 73  ? -0.486  -4.232  9.589   1.00 31.50 ? 70  ALA A CB  1 
ATOM   497  N  N   . GLY A 1 74  ? -0.113  -1.359  8.302   1.00 30.54 ? 71  GLY A N   1 
ATOM   498  C  CA  . GLY A 1 74  ? 0.552   -0.067  8.286   1.00 31.38 ? 71  GLY A CA  1 
ATOM   499  C  C   . GLY A 1 74  ? -0.456  1.065   8.366   1.00 31.14 ? 71  GLY A C   1 
ATOM   500  O  O   . GLY A 1 74  ? -0.246  2.048   9.074   1.00 32.71 ? 71  GLY A O   1 
ATOM   501  N  N   . LEU A 1 75  ? -1.558  0.938   7.636   1.00 30.31 ? 72  LEU A N   1 
ATOM   502  C  CA  . LEU A 1 75  ? -2.602  1.962   7.667   1.00 31.07 ? 72  LEU A CA  1 
ATOM   503  C  C   . LEU A 1 75  ? -3.214  2.006   9.067   1.00 31.60 ? 72  LEU A C   1 
ATOM   504  O  O   . LEU A 1 75  ? -3.467  3.081   9.616   1.00 31.00 ? 72  LEU A O   1 
ATOM   505  C  CB  . LEU A 1 75  ? -3.686  1.648   6.635   1.00 30.60 ? 72  LEU A CB  1 
ATOM   506  C  CG  . LEU A 1 75  ? -4.925  2.552   6.627   1.00 31.70 ? 72  LEU A CG  1 
ATOM   507  C  CD1 . LEU A 1 75  ? -4.519  3.988   6.343   1.00 30.83 ? 72  LEU A CD1 1 
ATOM   508  C  CD2 . LEU A 1 75  ? -5.909  2.062   5.578   1.00 30.09 ? 72  LEU A CD2 1 
ATOM   509  N  N   . ALA A 1 76  ? -3.451  0.832   9.642   1.00 31.26 ? 73  ALA A N   1 
ATOM   510  C  CA  . ALA A 1 76  ? -4.023  0.747   10.978  1.00 33.98 ? 73  ALA A CA  1 
ATOM   511  C  C   . ALA A 1 76  ? -3.147  1.489   11.990  1.00 33.29 ? 73  ALA A C   1 
ATOM   512  O  O   . ALA A 1 76  ? -3.647  2.256   12.810  1.00 35.11 ? 73  ALA A O   1 
ATOM   513  C  CB  . ALA A 1 76  ? -4.176  -0.714  11.388  1.00 35.80 ? 73  ALA A CB  1 
ATOM   514  N  N   . GLU A 1 77  ? -1.839  1.262   11.923  1.00 33.81 ? 74  GLU A N   1 
ATOM   515  C  CA  . GLU A 1 77  ? -0.902  1.910   12.836  1.00 33.87 ? 74  GLU A CA  1 
ATOM   516  C  C   . GLU A 1 77  ? -0.846  3.411   12.574  1.00 32.46 ? 74  GLU A C   1 
ATOM   517  O  O   . GLU A 1 77  ? -0.765  4.205   13.508  1.00 32.17 ? 74  GLU A O   1 
ATOM   518  C  CB  . GLU A 1 77  ? 0.495   1.295   12.681  1.00 35.73 ? 74  GLU A CB  1 
ATOM   519  C  CG  . GLU A 1 77  ? 1.595   1.931   13.538  1.00 38.23 ? 74  GLU A CG  1 
ATOM   520  C  CD  . GLU A 1 77  ? 1.345   1.806   15.036  1.00 40.12 ? 74  GLU A CD  1 
ATOM   521  O  OE1 . GLU A 1 77  ? 0.516   0.963   15.443  1.00 39.97 ? 74  GLU A OE1 1 
ATOM   522  O  OE2 . GLU A 1 77  ? 1.991   2.547   15.808  1.00 40.69 ? 74  GLU A OE2 1 
ATOM   523  N  N   . MET A 1 78  ? -0.886  3.803   11.304  1.00 30.89 ? 75  MET A N   1 
ATOM   524  C  CA  . MET A 1 78  ? -0.853  5.224   10.971  1.00 30.34 ? 75  MET A CA  1 
ATOM   525  C  C   . MET A 1 78  ? -2.087  5.895   11.568  1.00 30.06 ? 75  MET A C   1 
ATOM   526  O  O   . MET A 1 78  ? -1.999  6.988   12.123  1.00 29.67 ? 75  MET A O   1 
ATOM   527  C  CB  . MET A 1 78  ? -0.829  5.431   9.447   1.00 30.75 ? 75  MET A CB  1 
ATOM   528  C  CG  . MET A 1 78  ? -0.791  6.901   9.017   1.00 31.27 ? 75  MET A CG  1 
ATOM   529  S  SD  . MET A 1 78  ? -0.652  7.157   7.220   1.00 27.84 ? 75  MET A SD  1 
ATOM   530  C  CE  . MET A 1 78  ? -0.675  8.944   7.093   1.00 29.86 ? 75  MET A CE  1 
ATOM   531  N  N   . SER A 1 79  ? -3.237  5.237   11.449  1.00 29.53 ? 76  SER A N   1 
ATOM   532  C  CA  . SER A 1 79  ? -4.486  5.775   11.988  1.00 30.54 ? 76  SER A CA  1 
ATOM   533  C  C   . SER A 1 79  ? -4.396  5.919   13.503  1.00 30.85 ? 76  SER A C   1 
ATOM   534  O  O   . SER A 1 79  ? -4.833  6.916   14.075  1.00 31.79 ? 76  SER A O   1 
ATOM   535  C  CB  . SER A 1 79  ? -5.654  4.854   11.639  1.00 31.32 ? 76  SER A CB  1 
ATOM   536  O  OG  . SER A 1 79  ? -5.876  4.831   10.241  1.00 35.53 ? 76  SER A OG  1 
ATOM   537  N  N   . ARG A 1 80  ? -3.829  4.905   14.143  1.00 32.53 ? 77  ARG A N   1 
ATOM   538  C  CA  . ARG A 1 80  ? -3.664  4.897   15.589  1.00 33.72 ? 77  ARG A CA  1 
ATOM   539  C  C   . ARG A 1 80  ? -2.786  6.069   16.017  1.00 32.26 ? 77  ARG A C   1 
ATOM   540  O  O   . ARG A 1 80  ? -3.101  6.784   16.972  1.00 31.81 ? 77  ARG A O   1 
ATOM   541  C  CB  . ARG A 1 80  ? -3.029  3.576   16.017  1.00 37.27 ? 77  ARG A CB  1 
ATOM   542  C  CG  . ARG A 1 80  ? -2.995  3.345   17.510  1.00 42.40 ? 77  ARG A CG  1 
ATOM   543  C  CD  . ARG A 1 80  ? -2.628  1.906   17.819  1.00 45.81 ? 77  ARG A CD  1 
ATOM   544  N  NE  . ARG A 1 80  ? -3.534  0.968   17.161  1.00 50.04 ? 77  ARG A NE  1 
ATOM   545  C  CZ  . ARG A 1 80  ? -3.225  0.252   16.083  1.00 51.28 ? 77  ARG A CZ  1 
ATOM   546  N  NH1 . ARG A 1 80  ? -2.025  0.358   15.530  1.00 52.74 ? 77  ARG A NH1 1 
ATOM   547  N  NH2 . ARG A 1 80  ? -4.122  -0.572  15.556  1.00 51.53 ? 77  ARG A NH2 1 
ATOM   548  N  N   . GLN A 1 81  ? -1.681  6.260   15.302  1.00 29.62 ? 78  GLN A N   1 
ATOM   549  C  CA  . GLN A 1 81  ? -0.745  7.342   15.591  1.00 27.61 ? 78  GLN A CA  1 
ATOM   550  C  C   . GLN A 1 81  ? -1.396  8.714   15.427  1.00 26.45 ? 78  GLN A C   1 
ATOM   551  O  O   . GLN A 1 81  ? -1.241  9.585   16.283  1.00 24.75 ? 78  GLN A O   1 
ATOM   552  C  CB  . GLN A 1 81  ? 0.473   7.249   14.665  1.00 29.71 ? 78  GLN A CB  1 
ATOM   553  C  CG  . GLN A 1 81  ? 1.403   6.076   14.944  1.00 29.95 ? 78  GLN A CG  1 
ATOM   554  C  CD  . GLN A 1 81  ? 2.179   6.241   16.239  1.00 32.00 ? 78  GLN A CD  1 
ATOM   555  O  OE1 . GLN A 1 81  ? 2.339   7.350   16.740  1.00 30.86 ? 78  GLN A OE1 1 
ATOM   556  N  NE2 . GLN A 1 81  ? 2.686   5.135   16.775  1.00 34.40 ? 78  GLN A NE2 1 
ATOM   557  N  N   . HIS A 1 82  ? -2.126  8.911   14.332  1.00 25.89 ? 79  HIS A N   1 
ATOM   558  C  CA  . HIS A 1 82  ? -2.768  10.203  14.108  1.00 26.52 ? 79  HIS A CA  1 
ATOM   559  C  C   . HIS A 1 82  ? -3.882  10.518  15.108  1.00 28.33 ? 79  HIS A C   1 
ATOM   560  O  O   . HIS A 1 82  ? -4.053  11.671  15.502  1.00 28.88 ? 79  HIS A O   1 
ATOM   561  C  CB  . HIS A 1 82  ? -3.288  10.305  12.670  1.00 26.64 ? 79  HIS A CB  1 
ATOM   562  C  CG  . HIS A 1 82  ? -2.196  10.445  11.653  1.00 24.99 ? 79  HIS A CG  1 
ATOM   563  N  ND1 . HIS A 1 82  ? -2.332  11.201  10.509  1.00 26.34 ? 79  HIS A ND1 1 
ATOM   564  C  CD2 . HIS A 1 82  ? -0.935  9.952   11.630  1.00 24.44 ? 79  HIS A CD2 1 
ATOM   565  C  CE1 . HIS A 1 82  ? -1.200  11.175  9.828   1.00 26.00 ? 79  HIS A CE1 1 
ATOM   566  N  NE2 . HIS A 1 82  ? -0.335  10.424  10.487  1.00 26.01 ? 79  HIS A NE2 1 
ATOM   567  N  N   . GLU A 1 83  ? -4.631  9.507   15.531  1.00 29.39 ? 80  GLU A N   1 
ATOM   568  C  CA  . GLU A 1 83  ? -5.688  9.745   16.510  1.00 30.89 ? 80  GLU A CA  1 
ATOM   569  C  C   . GLU A 1 83  ? -5.052  10.184  17.833  1.00 29.84 ? 80  GLU A C   1 
ATOM   570  O  O   . GLU A 1 83  ? -5.676  10.880  18.637  1.00 29.79 ? 80  GLU A O   1 
ATOM   571  C  CB  . GLU A 1 83  ? -6.526  8.478   16.714  1.00 34.86 ? 80  GLU A CB  1 
ATOM   572  C  CG  . GLU A 1 83  ? -7.339  8.085   15.491  1.00 42.56 ? 80  GLU A CG  1 
ATOM   573  C  CD  . GLU A 1 83  ? -8.379  7.022   15.788  1.00 47.12 ? 80  GLU A CD  1 
ATOM   574  O  OE1 . GLU A 1 83  ? -8.005  5.945   16.299  1.00 48.55 ? 80  GLU A OE1 1 
ATOM   575  O  OE2 . GLU A 1 83  ? -9.574  7.266   15.506  1.00 51.24 ? 80  GLU A OE2 1 
ATOM   576  N  N   . ALA A 1 84  ? -3.798  9.781   18.036  1.00 28.27 ? 81  ALA A N   1 
ATOM   577  C  CA  . ALA A 1 84  ? -3.035  10.121  19.232  1.00 28.21 ? 81  ALA A CA  1 
ATOM   578  C  C   . ALA A 1 84  ? -2.318  11.455  19.036  1.00 27.38 ? 81  ALA A C   1 
ATOM   579  O  O   . ALA A 1 84  ? -1.639  11.933  19.934  1.00 28.13 ? 81  ALA A O   1 
ATOM   580  C  CB  . ALA A 1 84  ? -2.016  9.021   19.533  1.00 28.19 ? 81  ALA A CB  1 
ATOM   581  N  N   . GLY A 1 85  ? -2.452  12.036  17.846  1.00 26.26 ? 82  GLY A N   1 
ATOM   582  C  CA  . GLY A 1 85  ? -1.838  13.325  17.574  1.00 25.29 ? 82  GLY A CA  1 
ATOM   583  C  C   . GLY A 1 85  ? -0.456  13.344  16.948  1.00 26.41 ? 82  GLY A C   1 
ATOM   584  O  O   . GLY A 1 85  ? 0.118   14.417  16.757  1.00 28.23 ? 82  GLY A O   1 
ATOM   585  N  N   . TRP A 1 86  ? 0.088   12.178  16.620  1.00 24.69 ? 83  TRP A N   1 
ATOM   586  C  CA  . TRP A 1 86  ? 1.420   12.118  16.019  1.00 26.03 ? 83  TRP A CA  1 
ATOM   587  C  C   . TRP A 1 86  ? 1.220   12.098  14.512  1.00 25.98 ? 83  TRP A C   1 
ATOM   588  O  O   . TRP A 1 86  ? 1.446   11.087  13.849  1.00 23.93 ? 83  TRP A O   1 
ATOM   589  C  CB  . TRP A 1 86  ? 2.142   10.860  16.514  1.00 26.61 ? 83  TRP A CB  1 
ATOM   590  C  CG  . TRP A 1 86  ? 2.117   10.771  18.021  1.00 26.77 ? 83  TRP A CG  1 
ATOM   591  C  CD1 . TRP A 1 86  ? 1.431   9.864   18.782  1.00 28.27 ? 83  TRP A CD1 1 
ATOM   592  C  CD2 . TRP A 1 86  ? 2.747   11.670  18.943  1.00 26.44 ? 83  TRP A CD2 1 
ATOM   593  N  NE1 . TRP A 1 86  ? 1.595   10.145  20.122  1.00 27.02 ? 83  TRP A NE1 1 
ATOM   594  C  CE2 . TRP A 1 86  ? 2.398   11.249  20.247  1.00 27.14 ? 83  TRP A CE2 1 
ATOM   595  C  CE3 . TRP A 1 86  ? 3.572   12.792  18.794  1.00 28.87 ? 83  TRP A CE3 1 
ATOM   596  C  CZ2 . TRP A 1 86  ? 2.846   11.912  21.397  1.00 28.42 ? 83  TRP A CZ2 1 
ATOM   597  C  CZ3 . TRP A 1 86  ? 4.016   13.454  19.941  1.00 30.35 ? 83  TRP A CZ3 1 
ATOM   598  C  CH2 . TRP A 1 86  ? 3.650   13.008  21.224  1.00 26.93 ? 83  TRP A CH2 1 
ATOM   599  N  N   . ILE A 1 87  ? 0.797   13.244  13.988  1.00 27.86 ? 84  ILE A N   1 
ATOM   600  C  CA  . ILE A 1 87  ? 0.481   13.391  12.573  1.00 30.66 ? 84  ILE A CA  1 
ATOM   601  C  C   . ILE A 1 87  ? 1.626   13.399  11.574  1.00 31.87 ? 84  ILE A C   1 
ATOM   602  O  O   . ILE A 1 87  ? 1.393   13.576  10.371  1.00 30.54 ? 84  ILE A O   1 
ATOM   603  C  CB  . ILE A 1 87  ? -0.392  14.644  12.339  1.00 32.19 ? 84  ILE A CB  1 
ATOM   604  C  CG1 . ILE A 1 87  ? 0.355   15.904  12.775  1.00 35.65 ? 84  ILE A CG1 1 
ATOM   605  C  CG2 . ILE A 1 87  ? -1.699  14.506  13.117  1.00 30.10 ? 84  ILE A CG2 1 
ATOM   606  C  CD1 . ILE A 1 87  ? -0.374  17.191  12.447  1.00 41.21 ? 84  ILE A CD1 1 
ATOM   607  N  N   . ASP A 1 88  ? 2.855   13.217  12.052  1.00 31.01 ? 85  ASP A N   1 
ATOM   608  C  CA  . ASP A 1 88  ? 3.994   13.173  11.142  1.00 32.85 ? 85  ASP A CA  1 
ATOM   609  C  C   . ASP A 1 88  ? 4.243   11.730  10.735  1.00 30.26 ? 85  ASP A C   1 
ATOM   610  O  O   . ASP A 1 88  ? 5.020   11.464  9.826   1.00 30.91 ? 85  ASP A O   1 
ATOM   611  C  CB  . ASP A 1 88  ? 5.266   13.727  11.796  1.00 36.06 ? 85  ASP A CB  1 
ATOM   612  C  CG  . ASP A 1 88  ? 5.303   15.241  11.818  1.00 38.22 ? 85  ASP A CG  1 
ATOM   613  O  OD1 . ASP A 1 88  ? 4.630   15.866  10.976  1.00 41.87 ? 85  ASP A OD1 1 
ATOM   614  O  OD2 . ASP A 1 88  ? 6.018   15.808  12.668  1.00 41.01 ? 85  ASP A OD2 1 
ATOM   615  N  N   . GLN A 1 89  ? 3.582   10.800  11.418  1.00 29.14 ? 86  GLN A N   1 
ATOM   616  C  CA  . GLN A 1 89  ? 3.752   9.381   11.120  1.00 29.66 ? 86  GLN A CA  1 
ATOM   617  C  C   . GLN A 1 89  ? 3.126   9.028   9.776   1.00 29.11 ? 86  GLN A C   1 
ATOM   618  O  O   . GLN A 1 89  ? 2.048   9.510   9.441   1.00 28.56 ? 86  GLN A O   1 
ATOM   619  C  CB  . GLN A 1 89  ? 3.130   8.533   12.231  1.00 29.66 ? 86  GLN A CB  1 
ATOM   620  C  CG  . GLN A 1 89  ? 3.802   8.725   13.587  1.00 34.91 ? 86  GLN A CG  1 
ATOM   621  C  CD  . GLN A 1 89  ? 5.275   8.362   13.564  1.00 37.17 ? 86  GLN A CD  1 
ATOM   622  O  OE1 . GLN A 1 89  ? 5.637   7.202   13.370  1.00 38.27 ? 86  GLN A OE1 1 
ATOM   623  N  NE2 . GLN A 1 89  ? 6.135   9.357   13.756  1.00 42.01 ? 86  GLN A NE2 1 
ATOM   624  N  N   . THR A 1 90  ? 3.815   8.182   9.014   1.00 30.13 ? 87  THR A N   1 
ATOM   625  C  CA  . THR A 1 90  ? 3.349   7.760   7.694   1.00 28.82 ? 87  THR A CA  1 
ATOM   626  C  C   . THR A 1 90  ? 3.480   6.244   7.563   1.00 31.32 ? 87  THR A C   1 
ATOM   627  O  O   . THR A 1 90  ? 4.095   5.592   8.408   1.00 28.67 ? 87  THR A O   1 
ATOM   628  C  CB  . THR A 1 90  ? 4.215   8.374   6.585   1.00 28.85 ? 87  THR A CB  1 
ATOM   629  O  OG1 . THR A 1 90  ? 5.574   7.956   6.772   1.00 31.93 ? 87  THR A OG1 1 
ATOM   630  C  CG2 . THR A 1 90  ? 4.160   9.880   6.630   1.00 28.79 ? 87  THR A CG2 1 
ATOM   631  N  N   . ILE A 1 91  ? 2.894   5.684   6.508   1.00 30.52 ? 88  ILE A N   1 
ATOM   632  C  CA  . ILE A 1 91  ? 3.014   4.250   6.265   1.00 32.58 ? 88  ILE A CA  1 
ATOM   633  C  C   . ILE A 1 91  ? 4.383   4.127   5.597   1.00 33.87 ? 88  ILE A C   1 
ATOM   634  O  O   . ILE A 1 91  ? 4.676   4.855   4.646   1.00 34.06 ? 88  ILE A O   1 
ATOM   635  C  CB  . ILE A 1 91  ? 1.936   3.732   5.288   1.00 32.99 ? 88  ILE A CB  1 
ATOM   636  C  CG1 . ILE A 1 91  ? 0.537   4.025   5.840   1.00 32.11 ? 88  ILE A CG1 1 
ATOM   637  C  CG2 . ILE A 1 91  ? 2.114   2.234   5.073   1.00 34.18 ? 88  ILE A CG2 1 
ATOM   638  C  CD1 . ILE A 1 91  ? -0.591  3.638   4.903   1.00 34.26 ? 88  ILE A CD1 1 
ATOM   639  N  N   . PRO A 1 92  ? 5.245   3.226   6.094   1.00 35.30 ? 89  PRO A N   1 
ATOM   640  C  CA  . PRO A 1 92  ? 6.578   3.057   5.506   1.00 36.66 ? 89  PRO A CA  1 
ATOM   641  C  C   . PRO A 1 92  ? 6.544   2.361   4.148   1.00 38.24 ? 89  PRO A C   1 
ATOM   642  O  O   . PRO A 1 92  ? 6.853   1.177   4.034   1.00 38.98 ? 89  PRO A O   1 
ATOM   643  C  CB  . PRO A 1 92  ? 7.313   2.244   6.562   1.00 36.62 ? 89  PRO A CB  1 
ATOM   644  C  CG  . PRO A 1 92  ? 6.239   1.375   7.105   1.00 36.75 ? 89  PRO A CG  1 
ATOM   645  C  CD  . PRO A 1 92  ? 5.061   2.324   7.245   1.00 35.80 ? 89  PRO A CD  1 
ATOM   646  N  N   . ALA A 1 93  ? 6.169   3.116   3.119   1.00 39.44 ? 90  ALA A N   1 
ATOM   647  C  CA  . ALA A 1 93  ? 6.073   2.594   1.758   1.00 40.20 ? 90  ALA A CA  1 
ATOM   648  C  C   . ALA A 1 93  ? 7.382   1.989   1.251   1.00 41.55 ? 90  ALA A C   1 
ATOM   649  O  O   . ALA A 1 93  ? 7.373   1.030   0.477   1.00 40.58 ? 90  ALA A O   1 
ATOM   650  C  CB  . ALA A 1 93  ? 5.619   3.702   0.815   1.00 39.61 ? 90  ALA A CB  1 
ATOM   651  N  N   . GLU A 1 94  ? 8.503   2.557   1.683   1.00 41.83 ? 91  GLU A N   1 
ATOM   652  C  CA  . GLU A 1 94  ? 9.814   2.077   1.262   1.00 43.03 ? 91  GLU A CA  1 
ATOM   653  C  C   . GLU A 1 94  ? 10.038  0.619   1.645   1.00 43.75 ? 91  GLU A C   1 
ATOM   654  O  O   . GLU A 1 94  ? 10.885  -0.062  1.063   1.00 45.56 ? 91  GLU A O   1 
ATOM   655  C  CB  . GLU A 1 94  ? 10.909  2.953   1.867   1.00 43.94 ? 91  GLU A CB  1 
ATOM   656  N  N   . ARG A 1 95  ? 9.274   0.139   2.621   1.00 42.79 ? 92  ARG A N   1 
ATOM   657  C  CA  . ARG A 1 95  ? 9.409   -1.239  3.071   1.00 42.99 ? 92  ARG A CA  1 
ATOM   658  C  C   . ARG A 1 95  ? 8.454   -2.168  2.328   1.00 41.88 ? 92  ARG A C   1 
ATOM   659  O  O   . ARG A 1 95  ? 8.423   -3.371  2.573   1.00 41.11 ? 92  ARG A O   1 
ATOM   660  C  CB  . ARG A 1 95  ? 9.172   -1.310  4.577   1.00 44.29 ? 92  ARG A CB  1 
ATOM   661  C  CG  . ARG A 1 95  ? 10.173  -0.479  5.365   1.00 47.75 ? 92  ARG A CG  1 
ATOM   662  C  CD  . ARG A 1 95  ? 9.792   -0.374  6.831   1.00 50.03 ? 92  ARG A CD  1 
ATOM   663  N  NE  . ARG A 1 95  ? 9.903   -1.651  7.528   1.00 52.27 ? 92  ARG A NE  1 
ATOM   664  C  CZ  . ARG A 1 95  ? 9.533   -1.842  8.790   1.00 51.64 ? 92  ARG A CZ  1 
ATOM   665  N  NH1 . ARG A 1 95  ? 9.023   -0.836  9.489   1.00 51.87 ? 92  ARG A NH1 1 
ATOM   666  N  NH2 . ARG A 1 95  ? 9.678   -3.034  9.352   1.00 51.80 ? 92  ARG A NH2 1 
ATOM   667  N  N   . LEU A 1 96  ? 7.683   -1.591  1.413   1.00 40.35 ? 93  LEU A N   1 
ATOM   668  C  CA  . LEU A 1 96  ? 6.729   -2.343  0.602   1.00 40.05 ? 93  LEU A CA  1 
ATOM   669  C  C   . LEU A 1 96  ? 7.190   -2.252  -0.847  1.00 41.00 ? 93  LEU A C   1 
ATOM   670  O  O   . LEU A 1 96  ? 8.153   -1.547  -1.153  1.00 40.32 ? 93  LEU A O   1 
ATOM   671  C  CB  . LEU A 1 96  ? 5.329   -1.732  0.730   1.00 38.13 ? 93  LEU A CB  1 
ATOM   672  C  CG  . LEU A 1 96  ? 4.667   -1.757  2.111   1.00 37.95 ? 93  LEU A CG  1 
ATOM   673  C  CD1 . LEU A 1 96  ? 3.444   -0.841  2.123   1.00 37.40 ? 93  LEU A CD1 1 
ATOM   674  C  CD2 . LEU A 1 96  ? 4.276   -3.183  2.457   1.00 36.68 ? 93  LEU A CD2 1 
ATOM   675  N  N   . GLU A 1 97  ? 6.510   -2.963  -1.740  1.00 41.12 ? 94  GLU A N   1 
ATOM   676  C  CA  . GLU A 1 97  ? 6.867   -2.923  -3.152  1.00 43.18 ? 94  GLU A CA  1 
ATOM   677  C  C   . GLU A 1 97  ? 5.649   -3.122  -4.043  1.00 43.27 ? 94  GLU A C   1 
ATOM   678  O  O   . GLU A 1 97  ? 4.582   -3.530  -3.575  1.00 43.17 ? 94  GLU A O   1 
ATOM   679  C  CB  . GLU A 1 97  ? 7.936   -3.979  -3.464  1.00 48.22 ? 94  GLU A CB  1 
ATOM   680  C  CG  . GLU A 1 97  ? 7.578   -5.398  -3.047  1.00 52.09 ? 94  GLU A CG  1 
ATOM   681  C  CD  . GLU A 1 97  ? 8.733   -6.372  -3.240  1.00 55.80 ? 94  GLU A CD  1 
ATOM   682  O  OE1 . GLU A 1 97  ? 9.791   -6.180  -2.603  1.00 57.69 ? 94  GLU A OE1 1 
ATOM   683  O  OE2 . GLU A 1 97  ? 8.583   -7.332  -4.026  1.00 57.70 ? 94  GLU A OE2 1 
ATOM   684  N  N   . GLY A 1 98  ? 5.806   -2.808  -5.324  1.00 42.09 ? 95  GLY A N   1 
ATOM   685  C  CA  . GLY A 1 98  ? 4.714   -2.971  -6.268  1.00 41.37 ? 95  GLY A CA  1 
ATOM   686  C  C   . GLY A 1 98  ? 3.503   -2.092  -6.016  1.00 41.33 ? 95  GLY A C   1 
ATOM   687  O  O   . GLY A 1 98  ? 3.627   -0.929  -5.629  1.00 40.90 ? 95  GLY A O   1 
ATOM   688  N  N   . ARG A 1 99  ? 2.320   -2.653  -6.241  1.00 39.57 ? 96  ARG A N   1 
ATOM   689  C  CA  . ARG A 1 99  ? 1.078   -1.919  -6.050  1.00 39.23 ? 96  ARG A CA  1 
ATOM   690  C  C   . ARG A 1 99  ? 0.865   -1.513  -4.596  1.00 38.47 ? 96  ARG A C   1 
ATOM   691  O  O   . ARG A 1 99  ? 0.348   -0.431  -4.316  1.00 37.36 ? 96  ARG A O   1 
ATOM   692  C  CB  . ARG A 1 99  ? -0.107  -2.760  -6.539  1.00 40.12 ? 96  ARG A CB  1 
ATOM   693  C  CG  . ARG A 1 99  ? -1.468  -2.173  -6.194  1.00 41.49 ? 96  ARG A CG  1 
ATOM   694  C  CD  . ARG A 1 99  ? -2.573  -2.791  -7.032  1.00 41.81 ? 96  ARG A CD  1 
ATOM   695  N  NE  . ARG A 1 99  ? -2.483  -2.376  -8.429  1.00 42.89 ? 96  ARG A NE  1 
ATOM   696  C  CZ  . ARG A 1 99  ? -2.185  -3.189  -9.435  1.00 44.37 ? 96  ARG A CZ  1 
ATOM   697  N  NH1 . ARG A 1 99  ? -1.948  -4.474  -9.209  1.00 44.32 ? 96  ARG A NH1 1 
ATOM   698  N  NH2 . ARG A 1 99  ? -2.128  -2.717  -10.670 1.00 45.93 ? 96  ARG A NH2 1 
ATOM   699  N  N   . ALA A 1 100 ? 1.260   -2.383  -3.674  1.00 36.78 ? 97  ALA A N   1 
ATOM   700  C  CA  . ALA A 1 100 ? 1.102   -2.091  -2.255  1.00 36.54 ? 97  ALA A CA  1 
ATOM   701  C  C   . ALA A 1 100 ? 1.839   -0.808  -1.901  1.00 35.62 ? 97  ALA A C   1 
ATOM   702  O  O   . ALA A 1 100 ? 1.332   0.029   -1.155  1.00 35.39 ? 97  ALA A O   1 
ATOM   703  C  CB  . ALA A 1 100 ? 1.635   -3.246  -1.426  1.00 38.80 ? 97  ALA A CB  1 
ATOM   704  N  N   . ALA A 1 101 ? 3.037   -0.653  -2.453  1.00 33.60 ? 98  ALA A N   1 
ATOM   705  C  CA  . ALA A 1 101 ? 3.859   0.521   -2.189  1.00 33.87 ? 98  ALA A CA  1 
ATOM   706  C  C   . ALA A 1 101 ? 3.250   1.790   -2.769  1.00 33.29 ? 98  ALA A C   1 
ATOM   707  O  O   . ALA A 1 101 ? 3.303   2.846   -2.136  1.00 32.73 ? 98  ALA A O   1 
ATOM   708  C  CB  . ALA A 1 101 ? 5.260   0.313   -2.749  1.00 35.49 ? 98  ALA A CB  1 
ATOM   709  N  N   . ARG A 1 102 ? 2.676   1.689   -3.966  1.00 30.91 ? 99  ARG A N   1 
ATOM   710  C  CA  . ARG A 1 102 ? 2.062   2.847   -4.611  1.00 31.09 ? 99  ARG A CA  1 
ATOM   711  C  C   . ARG A 1 102 ? 0.845   3.328   -3.835  1.00 30.73 ? 99  ARG A C   1 
ATOM   712  O  O   . ARG A 1 102 ? 0.625   4.532   -3.697  1.00 30.61 ? 99  ARG A O   1 
ATOM   713  C  CB  . ARG A 1 102 ? 1.652   2.521   -6.053  1.00 30.78 ? 99  ARG A CB  1 
ATOM   714  C  CG  . ARG A 1 102 ? 2.824   2.241   -6.985  1.00 32.74 ? 99  ARG A CG  1 
ATOM   715  C  CD  . ARG A 1 102 ? 2.411   2.365   -8.451  1.00 33.26 ? 99  ARG A CD  1 
ATOM   716  N  NE  . ARG A 1 102 ? 1.447   1.351   -8.876  1.00 34.94 ? 99  ARG A NE  1 
ATOM   717  C  CZ  . ARG A 1 102 ? 1.758   0.092   -9.170  1.00 36.48 ? 99  ARG A CZ  1 
ATOM   718  N  NH1 . ARG A 1 102 ? 0.812   -0.756  -9.547  1.00 33.44 ? 99  ARG A NH1 1 
ATOM   719  N  NH2 . ARG A 1 102 ? 3.016   -0.319  -9.094  1.00 38.01 ? 99  ARG A NH2 1 
ATOM   720  N  N   . ILE A 1 103 ? 0.049   2.387   -3.337  1.00 29.17 ? 100 ILE A N   1 
ATOM   721  C  CA  . ILE A 1 103 ? -1.132  2.740   -2.556  1.00 28.94 ? 100 ILE A CA  1 
ATOM   722  C  C   . ILE A 1 103 ? -0.691  3.428   -1.267  1.00 28.28 ? 100 ILE A C   1 
ATOM   723  O  O   . ILE A 1 103 ? -1.248  4.452   -0.880  1.00 28.33 ? 100 ILE A O   1 
ATOM   724  C  CB  . ILE A 1 103 ? -1.966  1.489   -2.211  1.00 29.38 ? 100 ILE A CB  1 
ATOM   725  C  CG1 . ILE A 1 103 ? -2.526  0.880   -3.496  1.00 29.08 ? 100 ILE A CG1 1 
ATOM   726  C  CG2 . ILE A 1 103 ? -3.107  1.859   -1.261  1.00 28.65 ? 100 ILE A CG2 1 
ATOM   727  C  CD1 . ILE A 1 103 ? -3.343  -0.376  -3.271  1.00 31.47 ? 100 ILE A CD1 1 
ATOM   728  N  N   . ALA A 1 104 ? 0.323   2.873   -0.609  1.00 29.75 ? 101 ALA A N   1 
ATOM   729  C  CA  . ALA A 1 104 ? 0.836   3.460   0.623   1.00 29.60 ? 101 ALA A CA  1 
ATOM   730  C  C   . ALA A 1 104 ? 1.279   4.905   0.385   1.00 31.42 ? 101 ALA A C   1 
ATOM   731  O  O   . ALA A 1 104 ? 0.932   5.801   1.153   1.00 28.91 ? 101 ALA A O   1 
ATOM   732  C  CB  . ALA A 1 104 ? 2.000   2.630   1.155   1.00 31.09 ? 101 ALA A CB  1 
ATOM   733  N  N   . LYS A 1 105 ? 2.053   5.129   -0.674  1.00 32.32 ? 102 LYS A N   1 
ATOM   734  C  CA  . LYS A 1 105 ? 2.511   6.476   -1.005  1.00 32.48 ? 102 LYS A CA  1 
ATOM   735  C  C   . LYS A 1 105 ? 1.307   7.360   -1.301  1.00 31.78 ? 102 LYS A C   1 
ATOM   736  O  O   . LYS A 1 105 ? 1.271   8.528   -0.919  1.00 32.00 ? 102 LYS A O   1 
ATOM   737  C  CB  . LYS A 1 105 ? 3.437   6.454   -2.228  1.00 36.36 ? 102 LYS A CB  1 
ATOM   738  C  CG  . LYS A 1 105 ? 4.782   5.791   -1.977  1.00 41.52 ? 102 LYS A CG  1 
ATOM   739  C  CD  . LYS A 1 105 ? 5.712   5.927   -3.178  1.00 45.62 ? 102 LYS A CD  1 
ATOM   740  C  CE  . LYS A 1 105 ? 6.016   7.388   -3.490  1.00 48.32 ? 102 LYS A CE  1 
ATOM   741  N  NZ  . LYS A 1 105 ? 6.729   8.057   -2.366  1.00 52.80 ? 102 LYS A NZ  1 
ATOM   742  N  N   . GLY A 1 106 ? 0.324   6.797   -1.994  1.00 30.55 ? 103 GLY A N   1 
ATOM   743  C  CA  . GLY A 1 106 ? -0.873  7.553   -2.312  1.00 29.75 ? 103 GLY A CA  1 
ATOM   744  C  C   . GLY A 1 106 ? -1.582  8.028   -1.058  1.00 28.41 ? 103 GLY A C   1 
ATOM   745  O  O   . GLY A 1 106 ? -2.040  9.171   -0.992  1.00 27.36 ? 103 GLY A O   1 
ATOM   746  N  N   . VAL A 1 107 ? -1.681  7.158   -0.055  1.00 27.38 ? 104 VAL A N   1 
ATOM   747  C  CA  . VAL A 1 107 ? -2.346  7.536   1.191   1.00 26.94 ? 104 VAL A CA  1 
ATOM   748  C  C   . VAL A 1 107 ? -1.538  8.607   1.919   1.00 26.36 ? 104 VAL A C   1 
ATOM   749  O  O   . VAL A 1 107 ? -2.093  9.608   2.374   1.00 26.73 ? 104 VAL A O   1 
ATOM   750  C  CB  . VAL A 1 107 ? -2.542  6.320   2.122   1.00 26.69 ? 104 VAL A CB  1 
ATOM   751  C  CG1 . VAL A 1 107 ? -3.124  6.774   3.454   1.00 26.78 ? 104 VAL A CG1 1 
ATOM   752  C  CG2 . VAL A 1 107 ? -3.472  5.313   1.465   1.00 27.09 ? 104 VAL A CG2 1 
ATOM   753  N  N   . ASN A 1 108 ? -0.228  8.404   2.015   1.00 27.43 ? 105 ASN A N   1 
ATOM   754  C  CA  . ASN A 1 108 ? 0.637   9.372   2.681   1.00 29.18 ? 105 ASN A CA  1 
ATOM   755  C  C   . ASN A 1 108 ? 0.491   10.762  2.063   1.00 28.93 ? 105 ASN A C   1 
ATOM   756  O  O   . ASN A 1 108 ? 0.353   11.755  2.778   1.00 29.67 ? 105 ASN A O   1 
ATOM   757  C  CB  . ASN A 1 108 ? 2.109   8.944   2.596   1.00 28.78 ? 105 ASN A CB  1 
ATOM   758  C  CG  . ASN A 1 108 ? 2.428   7.743   3.462   1.00 30.22 ? 105 ASN A CG  1 
ATOM   759  O  OD1 . ASN A 1 108 ? 1.727   7.449   4.435   1.00 29.97 ? 105 ASN A OD1 1 
ATOM   760  N  ND2 . ASN A 1 108 ? 3.510   7.050   3.125   1.00 29.53 ? 105 ASN A ND2 1 
ATOM   761  N  N   . GLU A 1 109 ? 0.519   10.826  0.734   1.00 30.78 ? 106 GLU A N   1 
ATOM   762  C  CA  . GLU A 1 109 ? 0.409   12.101  0.023   1.00 29.48 ? 106 GLU A CA  1 
ATOM   763  C  C   . GLU A 1 109 ? -0.938  12.804  0.197   1.00 29.22 ? 106 GLU A C   1 
ATOM   764  O  O   . GLU A 1 109 ? -0.983  14.023  0.369   1.00 27.66 ? 106 GLU A O   1 
ATOM   765  C  CB  . GLU A 1 109 ? 0.702   11.895  -1.468  1.00 32.34 ? 106 GLU A CB  1 
ATOM   766  C  CG  . GLU A 1 109 ? 2.024   11.179  -1.725  1.00 37.64 ? 106 GLU A CG  1 
ATOM   767  C  CD  . GLU A 1 109 ? 2.333   11.005  -3.203  1.00 42.07 ? 106 GLU A CD  1 
ATOM   768  O  OE1 . GLU A 1 109 ? 1.398   10.708  -3.978  1.00 44.46 ? 106 GLU A OE1 1 
ATOM   769  O  OE2 . GLU A 1 109 ? 3.515   11.150  -3.586  1.00 41.70 ? 106 GLU A OE2 1 
ATOM   770  N  N   . LEU A 1 110 ? -2.028  12.042  0.148   1.00 27.21 ? 107 LEU A N   1 
ATOM   771  C  CA  . LEU A 1 110 ? -3.366  12.610  0.309   1.00 27.79 ? 107 LEU A CA  1 
ATOM   772  C  C   . LEU A 1 110 ? -3.542  13.156  1.729   1.00 26.42 ? 107 LEU A C   1 
ATOM   773  O  O   . LEU A 1 110 ? -4.063  14.257  1.924   1.00 27.28 ? 107 LEU A O   1 
ATOM   774  C  CB  . LEU A 1 110 ? -4.441  11.549  0.016   1.00 26.22 ? 107 LEU A CB  1 
ATOM   775  C  CG  . LEU A 1 110 ? -5.912  11.967  0.173   1.00 26.83 ? 107 LEU A CG  1 
ATOM   776  C  CD1 . LEU A 1 110 ? -6.217  13.164  -0.717  1.00 28.39 ? 107 LEU A CD1 1 
ATOM   777  C  CD2 . LEU A 1 110 ? -6.811  10.801  -0.196  1.00 26.99 ? 107 LEU A CD2 1 
ATOM   778  N  N   . VAL A 1 111 ? -3.118  12.385  2.722   1.00 26.07 ? 108 VAL A N   1 
ATOM   779  C  CA  . VAL A 1 111 ? -3.232  12.837  4.103   1.00 24.98 ? 108 VAL A CA  1 
ATOM   780  C  C   . VAL A 1 111 ? -2.356  14.075  4.297   1.00 25.19 ? 108 VAL A C   1 
ATOM   781  O  O   . VAL A 1 111 ? -2.790  15.057  4.893   1.00 27.21 ? 108 VAL A O   1 
ATOM   782  C  CB  . VAL A 1 111 ? -2.796  11.740  5.099   1.00 25.66 ? 108 VAL A CB  1 
ATOM   783  C  CG1 . VAL A 1 111 ? -2.773  12.304  6.518   1.00 25.73 ? 108 VAL A CG1 1 
ATOM   784  C  CG2 . VAL A 1 111 ? -3.754  10.552  5.022   1.00 28.26 ? 108 VAL A CG2 1 
ATOM   785  N  N   . ALA A 1 112 ? -1.128  14.027  3.785   1.00 26.10 ? 109 ALA A N   1 
ATOM   786  C  CA  . ALA A 1 112 ? -0.204  15.153  3.912   1.00 26.65 ? 109 ALA A CA  1 
ATOM   787  C  C   . ALA A 1 112 ? -0.770  16.424  3.292   1.00 27.50 ? 109 ALA A C   1 
ATOM   788  O  O   . ALA A 1 112 ? -0.576  17.524  3.821   1.00 27.04 ? 109 ALA A O   1 
ATOM   789  C  CB  . ALA A 1 112 ? 1.144   14.809  3.270   1.00 25.89 ? 109 ALA A CB  1 
ATOM   790  N  N   . ALA A 1 113 ? -1.469  16.271  2.170   1.00 26.99 ? 110 ALA A N   1 
ATOM   791  C  CA  . ALA A 1 113 ? -2.074  17.406  1.477   1.00 28.66 ? 110 ALA A CA  1 
ATOM   792  C  C   . ALA A 1 113 ? -3.136  18.077  2.338   1.00 28.76 ? 110 ALA A C   1 
ATOM   793  O  O   . ALA A 1 113 ? -3.229  19.306  2.380   1.00 27.88 ? 110 ALA A O   1 
ATOM   794  C  CB  . ALA A 1 113 ? -2.691  16.950  0.154   1.00 29.56 ? 110 ALA A CB  1 
ATOM   795  N  N   . HIS A 1 114 ? -3.948  17.272  3.017   1.00 28.07 ? 111 HIS A N   1 
ATOM   796  C  CA  . HIS A 1 114 ? -4.994  17.821  3.872   1.00 26.69 ? 111 HIS A CA  1 
ATOM   797  C  C   . HIS A 1 114 ? -4.390  18.522  5.092   1.00 27.57 ? 111 HIS A C   1 
ATOM   798  O  O   . HIS A 1 114 ? -4.849  19.593  5.494   1.00 28.50 ? 111 HIS A O   1 
ATOM   799  C  CB  . HIS A 1 114 ? -5.953  16.710  4.311   1.00 28.08 ? 111 HIS A CB  1 
ATOM   800  C  CG  . HIS A 1 114 ? -7.014  16.395  3.302   1.00 27.02 ? 111 HIS A CG  1 
ATOM   801  N  ND1 . HIS A 1 114 ? -8.105  17.210  3.094   1.00 27.69 ? 111 HIS A ND1 1 
ATOM   802  C  CD2 . HIS A 1 114 ? -7.135  15.374  2.420   1.00 26.94 ? 111 HIS A CD2 1 
ATOM   803  C  CE1 . HIS A 1 114 ? -8.855  16.706  2.129   1.00 27.57 ? 111 HIS A CE1 1 
ATOM   804  N  NE2 . HIS A 1 114 ? -8.287  15.592  1.702   1.00 26.44 ? 111 HIS A NE2 1 
ATOM   805  N  N   . ILE A 1 115 ? -3.361  17.915  5.673   1.00 27.19 ? 112 ILE A N   1 
ATOM   806  C  CA  . ILE A 1 115 ? -2.690  18.499  6.831   1.00 27.06 ? 112 ILE A CA  1 
ATOM   807  C  C   . ILE A 1 115 ? -2.091  19.851  6.445   1.00 27.16 ? 112 ILE A C   1 
ATOM   808  O  O   . ILE A 1 115 ? -2.162  20.811  7.208   1.00 27.81 ? 112 ILE A O   1 
ATOM   809  C  CB  . ILE A 1 115 ? -1.569  17.574  7.344   1.00 23.72 ? 112 ILE A CB  1 
ATOM   810  C  CG1 . ILE A 1 115 ? -2.180  16.274  7.879   1.00 25.17 ? 112 ILE A CG1 1 
ATOM   811  C  CG2 . ILE A 1 115 ? -0.753  18.286  8.426   1.00 25.50 ? 112 ILE A CG2 1 
ATOM   812  C  CD1 . ILE A 1 115 ? -1.148  15.210  8.241   1.00 26.96 ? 112 ILE A CD1 1 
ATOM   813  N  N   . ALA A 1 116 ? -1.520  19.926  5.247   1.00 27.07 ? 113 ALA A N   1 
ATOM   814  C  CA  . ALA A 1 116 ? -0.914  21.165  4.757   1.00 27.66 ? 113 ALA A CA  1 
ATOM   815  C  C   . ALA A 1 116 ? -1.930  22.298  4.630   1.00 28.70 ? 113 ALA A C   1 
ATOM   816  O  O   . ALA A 1 116 ? -1.619  23.454  4.935   1.00 27.53 ? 113 ALA A O   1 
ATOM   817  C  CB  . ALA A 1 116 ? -0.232  20.921  3.418   1.00 30.64 ? 113 ALA A CB  1 
ATOM   818  N  N   . VAL A 1 117 ? -3.135  21.977  4.164   1.00 27.72 ? 114 VAL A N   1 
ATOM   819  C  CA  . VAL A 1 117 ? -4.180  22.983  4.032   1.00 27.07 ? 114 VAL A CA  1 
ATOM   820  C  C   . VAL A 1 117 ? -4.582  23.424  5.435   1.00 27.99 ? 114 VAL A C   1 
ATOM   821  O  O   . VAL A 1 117 ? -4.755  24.611  5.704   1.00 26.90 ? 114 VAL A O   1 
ATOM   822  C  CB  . VAL A 1 117 ? -5.428  22.424  3.310   1.00 28.44 ? 114 VAL A CB  1 
ATOM   823  C  CG1 . VAL A 1 117 ? -6.523  23.476  3.278   1.00 31.81 ? 114 VAL A CG1 1 
ATOM   824  C  CG2 . VAL A 1 117 ? -5.071  22.003  1.890   1.00 28.55 ? 114 VAL A CG2 1 
ATOM   825  N  N   . LYS A 1 118 ? -4.718  22.452  6.332   1.00 27.68 ? 115 LYS A N   1 
ATOM   826  C  CA  . LYS A 1 118 ? -5.097  22.728  7.716   1.00 26.57 ? 115 LYS A CA  1 
ATOM   827  C  C   . LYS A 1 118 ? -4.085  23.649  8.396   1.00 26.15 ? 115 LYS A C   1 
ATOM   828  O  O   . LYS A 1 118 ? -4.457  24.617  9.062   1.00 27.01 ? 115 LYS A O   1 
ATOM   829  C  CB  . LYS A 1 118 ? -5.186  21.418  8.511   1.00 28.29 ? 115 LYS A CB  1 
ATOM   830  C  CG  . LYS A 1 118 ? -5.697  21.588  9.939   1.00 29.20 ? 115 LYS A CG  1 
ATOM   831  C  CD  . LYS A 1 118 ? -5.567  20.287  10.731  1.00 34.20 ? 115 LYS A CD  1 
ATOM   832  C  CE  . LYS A 1 118 ? -4.107  19.871  10.853  1.00 35.32 ? 115 LYS A CE  1 
ATOM   833  N  NZ  . LYS A 1 118 ? -3.911  18.665  11.696  1.00 42.64 ? 115 LYS A NZ  1 
ATOM   834  N  N   . MET A 1 119 ? -2.804  23.346  8.239   1.00 25.55 ? 116 MET A N   1 
ATOM   835  C  CA  . MET A 1 119 ? -1.780  24.168  8.871   1.00 26.84 ? 116 MET A CA  1 
ATOM   836  C  C   . MET A 1 119 ? -1.652  25.539  8.219   1.00 26.05 ? 116 MET A C   1 
ATOM   837  O  O   . MET A 1 119 ? -1.181  26.493  8.850   1.00 25.93 ? 116 MET A O   1 
ATOM   838  C  CB  . MET A 1 119 ? -0.433  23.435  8.872   1.00 29.00 ? 116 MET A CB  1 
ATOM   839  C  CG  . MET A 1 119 ? -0.466  22.117  9.646   1.00 32.42 ? 116 MET A CG  1 
ATOM   840  S  SD  . MET A 1 119 ? -1.176  22.262  11.322  1.00 35.49 ? 116 MET A SD  1 
ATOM   841  C  CE  . MET A 1 119 ? -0.439  20.813  12.113  1.00 40.61 ? 116 MET A CE  1 
ATOM   842  N  N   . LYS A 1 120 ? -2.062  25.644  6.955   1.00 26.22 ? 117 LYS A N   1 
ATOM   843  C  CA  . LYS A 1 120 ? -2.018  26.927  6.251   1.00 25.57 ? 117 LYS A CA  1 
ATOM   844  C  C   . LYS A 1 120 ? -3.066  27.822  6.904   1.00 24.99 ? 117 LYS A C   1 
ATOM   845  O  O   . LYS A 1 120 ? -2.821  29.000  7.176   1.00 23.51 ? 117 LYS A O   1 
ATOM   846  C  CB  . LYS A 1 120 ? -2.346  26.746  4.766   1.00 27.80 ? 117 LYS A CB  1 
ATOM   847  C  CG  . LYS A 1 120 ? -2.438  28.053  3.975   1.00 30.01 ? 117 LYS A CG  1 
ATOM   848  C  CD  . LYS A 1 120 ? -1.175  28.890  4.140   1.00 33.74 ? 117 LYS A CD  1 
ATOM   849  C  CE  . LYS A 1 120 ? -1.181  30.107  3.216   1.00 34.64 ? 117 LYS A CE  1 
ATOM   850  N  NZ  . LYS A 1 120 ? 0.015   30.972  3.430   1.00 35.94 ? 117 LYS A NZ  1 
ATOM   851  N  N   . VAL A 1 121 ? -4.239  27.248  7.163   1.00 24.45 ? 118 VAL A N   1 
ATOM   852  C  CA  . VAL A 1 121 ? -5.313  27.989  7.809   1.00 23.53 ? 118 VAL A CA  1 
ATOM   853  C  C   . VAL A 1 121 ? -4.838  28.477  9.168   1.00 24.95 ? 118 VAL A C   1 
ATOM   854  O  O   . VAL A 1 121 ? -4.998  29.642  9.510   1.00 25.14 ? 118 VAL A O   1 
ATOM   855  C  CB  . VAL A 1 121 ? -6.550  27.102  8.028   1.00 25.28 ? 118 VAL A CB  1 
ATOM   856  C  CG1 . VAL A 1 121 ? -7.598  27.860  8.817   1.00 26.76 ? 118 VAL A CG1 1 
ATOM   857  C  CG2 . VAL A 1 121 ? -7.109  26.657  6.687   1.00 27.55 ? 118 VAL A CG2 1 
ATOM   858  N  N   . VAL A 1 122 ? -4.240  27.580  9.943   1.00 24.50 ? 119 VAL A N   1 
ATOM   859  C  CA  . VAL A 1 122 ? -3.765  27.947  11.278  1.00 25.11 ? 119 VAL A CA  1 
ATOM   860  C  C   . VAL A 1 122 ? -2.696  29.040  11.218  1.00 26.17 ? 119 VAL A C   1 
ATOM   861  O  O   . VAL A 1 122 ? -2.698  29.970  12.025  1.00 26.35 ? 119 VAL A O   1 
ATOM   862  C  CB  . VAL A 1 122 ? -3.189  26.720  12.008  1.00 26.19 ? 119 VAL A CB  1 
ATOM   863  C  CG1 . VAL A 1 122 ? -2.661  27.122  13.378  1.00 27.62 ? 119 VAL A CG1 1 
ATOM   864  C  CG2 . VAL A 1 122 ? -4.271  25.644  12.145  1.00 27.24 ? 119 VAL A CG2 1 
ATOM   865  N  N   . SER A 1 123 ? -1.781  28.923  10.264  1.00 25.50 ? 120 SER A N   1 
ATOM   866  C  CA  . SER A 1 123 ? -0.714  29.907  10.119  1.00 28.03 ? 120 SER A CA  1 
ATOM   867  C  C   . SER A 1 123 ? -1.257  31.300  9.820   1.00 25.25 ? 120 SER A C   1 
ATOM   868  O  O   . SER A 1 123 ? -0.815  32.284  10.396  1.00 25.36 ? 120 SER A O   1 
ATOM   869  C  CB  . SER A 1 123 ? 0.241   29.491  8.997   1.00 30.65 ? 120 SER A CB  1 
ATOM   870  O  OG  . SER A 1 123 ? 1.362   30.357  8.957   1.00 35.80 ? 120 SER A OG  1 
ATOM   871  N  N   . VAL A 1 124 ? -2.215  31.377  8.907   1.00 25.76 ? 121 VAL A N   1 
ATOM   872  C  CA  . VAL A 1 124 ? -2.804  32.650  8.516   1.00 26.27 ? 121 VAL A CA  1 
ATOM   873  C  C   . VAL A 1 124 ? -3.576  33.312  9.648   1.00 26.05 ? 121 VAL A C   1 
ATOM   874  O  O   . VAL A 1 124 ? -3.367  34.489  9.944   1.00 27.36 ? 121 VAL A O   1 
ATOM   875  C  CB  . VAL A 1 124 ? -3.726  32.456  7.297   1.00 29.05 ? 121 VAL A CB  1 
ATOM   876  C  CG1 . VAL A 1 124 ? -4.448  33.736  6.977   1.00 31.32 ? 121 VAL A CG1 1 
ATOM   877  C  CG2 . VAL A 1 124 ? -2.892  31.999  6.098   1.00 30.49 ? 121 VAL A CG2 1 
ATOM   878  N  N   . VAL A 1 125 ? -4.465  32.568  10.296  1.00 24.04 ? 122 VAL A N   1 
ATOM   879  C  CA  . VAL A 1 125 ? -5.240  33.152  11.386  1.00 24.11 ? 122 VAL A CA  1 
ATOM   880  C  C   . VAL A 1 125 ? -4.367  33.505  12.597  1.00 23.48 ? 122 VAL A C   1 
ATOM   881  O  O   . VAL A 1 125 ? -4.640  34.479  13.295  1.00 25.96 ? 122 VAL A O   1 
ATOM   882  C  CB  . VAL A 1 125 ? -6.401  32.217  11.797  1.00 24.21 ? 122 VAL A CB  1 
ATOM   883  C  CG1 . VAL A 1 125 ? -7.344  32.030  10.606  1.00 22.00 ? 122 VAL A CG1 1 
ATOM   884  C  CG2 . VAL A 1 125 ? -5.865  30.878  12.251  1.00 26.44 ? 122 VAL A CG2 1 
ATOM   885  N  N   . THR A 1 126 ? -3.322  32.725  12.848  1.00 24.82 ? 123 THR A N   1 
ATOM   886  C  CA  . THR A 1 126 ? -2.422  33.022  13.963  1.00 25.09 ? 123 THR A CA  1 
ATOM   887  C  C   . THR A 1 126 ? -1.815  34.409  13.724  1.00 26.27 ? 123 THR A C   1 
ATOM   888  O  O   . THR A 1 126 ? -1.660  35.206  14.654  1.00 25.11 ? 123 THR A O   1 
ATOM   889  C  CB  . THR A 1 126 ? -1.284  31.975  14.059  1.00 26.96 ? 123 THR A CB  1 
ATOM   890  O  OG1 . THR A 1 126 ? -1.823  30.715  14.487  1.00 29.94 ? 123 THR A OG1 1 
ATOM   891  C  CG2 . THR A 1 126 ? -0.220  32.419  15.056  1.00 26.28 ? 123 THR A CG2 1 
ATOM   892  N  N   . ALA A 1 127 ? -1.471  34.687  12.469  1.00 26.12 ? 124 ALA A N   1 
ATOM   893  C  CA  . ALA A 1 127 ? -0.893  35.978  12.103  1.00 26.56 ? 124 ALA A CA  1 
ATOM   894  C  C   . ALA A 1 127 ? -1.914  37.091  12.325  1.00 27.00 ? 124 ALA A C   1 
ATOM   895  O  O   . ALA A 1 127 ? -1.592  38.135  12.890  1.00 26.90 ? 124 ALA A O   1 
ATOM   896  C  CB  . ALA A 1 127 ? -0.452  35.961  10.642  1.00 27.78 ? 124 ALA A CB  1 
ATOM   897  N  N   . TYR A 1 128 ? -3.149  36.879  11.880  1.00 28.06 ? 125 TYR A N   1 
ATOM   898  C  CA  . TYR A 1 128 ? -4.174  37.900  12.065  1.00 28.91 ? 125 TYR A CA  1 
ATOM   899  C  C   . TYR A 1 128 ? -4.342  38.178  13.561  1.00 32.71 ? 125 TYR A C   1 
ATOM   900  O  O   . TYR A 1 128 ? -4.534  39.323  13.976  1.00 33.27 ? 125 TYR A O   1 
ATOM   901  C  CB  . TYR A 1 128 ? -5.521  37.450  11.482  1.00 28.65 ? 125 TYR A CB  1 
ATOM   902  C  CG  . TYR A 1 128 ? -5.540  37.173  9.996   1.00 26.29 ? 125 TYR A CG  1 
ATOM   903  C  CD1 . TYR A 1 128 ? -4.567  37.698  9.144   1.00 25.73 ? 125 TYR A CD1 1 
ATOM   904  C  CD2 . TYR A 1 128 ? -6.561  36.404  9.434   1.00 27.89 ? 125 TYR A CD2 1 
ATOM   905  C  CE1 . TYR A 1 128 ? -4.614  37.463  7.770   1.00 26.00 ? 125 TYR A CE1 1 
ATOM   906  C  CE2 . TYR A 1 128 ? -6.616  36.162  8.071   1.00 26.89 ? 125 TYR A CE2 1 
ATOM   907  C  CZ  . TYR A 1 128 ? -5.643  36.692  7.240   1.00 27.35 ? 125 TYR A CZ  1 
ATOM   908  O  OH  . TYR A 1 128 ? -5.713  36.449  5.887   1.00 26.61 ? 125 TYR A OH  1 
ATOM   909  N  N   . GLY A 1 129 ? -4.284  37.121  14.366  1.00 33.75 ? 126 GLY A N   1 
ATOM   910  C  CA  . GLY A 1 129 ? -4.434  37.284  15.802  1.00 36.56 ? 126 GLY A CA  1 
ATOM   911  C  C   . GLY A 1 129 ? -3.355  38.183  16.380  1.00 37.89 ? 126 GLY A C   1 
ATOM   912  O  O   . GLY A 1 129 ? -3.554  38.832  17.408  1.00 38.29 ? 126 GLY A O   1 
ATOM   913  N  N   . GLN A 1 130 ? -2.209  38.219  15.710  1.00 38.37 ? 127 GLN A N   1 
ATOM   914  C  CA  . GLN A 1 130 ? -1.085  39.043  16.143  1.00 39.54 ? 127 GLN A CA  1 
ATOM   915  C  C   . GLN A 1 130 ? -1.132  40.431  15.514  1.00 39.74 ? 127 GLN A C   1 
ATOM   916  O  O   . GLN A 1 130 ? -0.244  41.252  15.745  1.00 40.15 ? 127 GLN A O   1 
ATOM   917  C  CB  . GLN A 1 130 ? 0.231   38.367  15.767  1.00 42.36 ? 127 GLN A CB  1 
ATOM   918  C  CG  . GLN A 1 130 ? 0.474   37.053  16.478  1.00 46.29 ? 127 GLN A CG  1 
ATOM   919  C  CD  . GLN A 1 130 ? 1.633   36.277  15.892  1.00 49.54 ? 127 GLN A CD  1 
ATOM   920  O  OE1 . GLN A 1 130 ? 2.054   35.258  16.442  1.00 52.87 ? 127 GLN A OE1 1 
ATOM   921  N  NE2 . GLN A 1 130 ? 2.152   36.747  14.763  1.00 51.00 ? 127 GLN A NE2 1 
ATOM   922  N  N   . GLY A 1 131 ? -2.161  40.689  14.714  1.00 39.30 ? 128 GLY A N   1 
ATOM   923  C  CA  . GLY A 1 131 ? -2.280  41.986  14.067  1.00 37.85 ? 128 GLY A CA  1 
ATOM   924  C  C   . GLY A 1 131 ? -1.523  42.051  12.751  1.00 36.98 ? 128 GLY A C   1 
ATOM   925  O  O   . GLY A 1 131 ? -1.406  43.116  12.144  1.00 36.30 ? 128 GLY A O   1 
ATOM   926  N  N   . ASN A 1 132 ? -1.009  40.907  12.310  1.00 34.65 ? 129 ASN A N   1 
ATOM   927  C  CA  . ASN A 1 132 ? -0.264  40.812  11.057  1.00 33.06 ? 129 ASN A CA  1 
ATOM   928  C  C   . ASN A 1 132 ? -1.211  40.343  9.953   1.00 32.59 ? 129 ASN A C   1 
ATOM   929  O  O   . ASN A 1 132 ? -1.512  39.158  9.851   1.00 30.83 ? 129 ASN A O   1 
ATOM   930  C  CB  . ASN A 1 132 ? 0.894   39.820  11.229  1.00 33.86 ? 129 ASN A CB  1 
ATOM   931  C  CG  . ASN A 1 132 ? 1.610   39.516  9.925   1.00 33.30 ? 129 ASN A CG  1 
ATOM   932  O  OD1 . ASN A 1 132 ? 1.488   40.247  8.946   1.00 35.46 ? 129 ASN A OD1 1 
ATOM   933  N  ND2 . ASN A 1 132 ? 2.376   38.430  9.915   1.00 34.94 ? 129 ASN A ND2 1 
ATOM   934  N  N   . PHE A 1 133 ? -1.677  41.276  9.127   1.00 31.80 ? 130 PHE A N   1 
ATOM   935  C  CA  . PHE A 1 133 ? -2.607  40.940  8.054   1.00 32.55 ? 130 PHE A CA  1 
ATOM   936  C  C   . PHE A 1 133 ? -1.968  40.772  6.676   1.00 31.13 ? 130 PHE A C   1 
ATOM   937  O  O   . PHE A 1 133 ? -2.654  40.849  5.659   1.00 31.39 ? 130 PHE A O   1 
ATOM   938  C  CB  . PHE A 1 133 ? -3.715  41.997  7.989   1.00 33.07 ? 130 PHE A CB  1 
ATOM   939  C  CG  . PHE A 1 133 ? -4.436  42.190  9.294   1.00 35.02 ? 130 PHE A CG  1 
ATOM   940  C  CD1 . PHE A 1 133 ? -5.290  41.207  9.784   1.00 36.77 ? 130 PHE A CD1 1 
ATOM   941  C  CD2 . PHE A 1 133 ? -4.230  43.333  10.054  1.00 35.93 ? 130 PHE A CD2 1 
ATOM   942  C  CE1 . PHE A 1 133 ? -5.928  41.362  11.017  1.00 37.73 ? 130 PHE A CE1 1 
ATOM   943  C  CE2 . PHE A 1 133 ? -4.862  43.497  11.285  1.00 37.45 ? 130 PHE A CE2 1 
ATOM   944  C  CZ  . PHE A 1 133 ? -5.711  42.510  11.767  1.00 37.32 ? 130 PHE A CZ  1 
ATOM   945  N  N   . GLU A 1 134 ? -0.665  40.524  6.641   1.00 30.99 ? 131 GLU A N   1 
ATOM   946  C  CA  . GLU A 1 134 ? 0.031   40.341  5.370   1.00 30.66 ? 131 GLU A CA  1 
ATOM   947  C  C   . GLU A 1 134 ? -0.358  39.047  4.650   1.00 30.66 ? 131 GLU A C   1 
ATOM   948  O  O   . GLU A 1 134 ? -0.573  39.042  3.436   1.00 30.08 ? 131 GLU A O   1 
ATOM   949  C  CB  . GLU A 1 134 ? 1.553   40.360  5.595   1.00 31.49 ? 131 GLU A CB  1 
ATOM   950  C  CG  . GLU A 1 134 ? 2.077   41.690  6.123   1.00 32.09 ? 131 GLU A CG  1 
ATOM   951  C  CD  . GLU A 1 134 ? 3.583   41.695  6.357   1.00 34.52 ? 131 GLU A CD  1 
ATOM   952  O  OE1 . GLU A 1 134 ? 4.118   42.761  6.722   1.00 35.45 ? 131 GLU A OE1 1 
ATOM   953  O  OE2 . GLU A 1 134 ? 4.237   40.644  6.179   1.00 35.25 ? 131 GLU A OE2 1 
ATOM   954  N  N   . PRO A 1 135 ? -0.460  37.929  5.387   1.00 29.70 ? 132 PRO A N   1 
ATOM   955  C  CA  . PRO A 1 135 ? -0.821  36.670  4.726   1.00 29.35 ? 132 PRO A CA  1 
ATOM   956  C  C   . PRO A 1 135 ? -2.276  36.522  4.288   1.00 30.53 ? 132 PRO A C   1 
ATOM   957  O  O   . PRO A 1 135 ? -3.195  37.002  4.953   1.00 31.81 ? 132 PRO A O   1 
ATOM   958  C  CB  . PRO A 1 135 ? -0.407  35.618  5.753   1.00 30.13 ? 132 PRO A CB  1 
ATOM   959  C  CG  . PRO A 1 135 ? -0.644  36.310  7.043   1.00 30.90 ? 132 PRO A CG  1 
ATOM   960  C  CD  . PRO A 1 135 ? -0.094  37.690  6.795   1.00 30.63 ? 132 PRO A CD  1 
ATOM   961  N  N   . LEU A 1 136 ? -2.467  35.851  3.154   1.00 30.63 ? 133 LEU A N   1 
ATOM   962  C  CA  . LEU A 1 136 ? -3.788  35.598  2.597   1.00 30.41 ? 133 LEU A CA  1 
ATOM   963  C  C   . LEU A 1 136 ? -3.949  34.102  2.356   1.00 30.82 ? 133 LEU A C   1 
ATOM   964  O  O   . LEU A 1 136 ? -3.010  33.417  1.930   1.00 28.45 ? 133 LEU A O   1 
ATOM   965  C  CB  . LEU A 1 136 ? -3.973  36.342  1.272   1.00 33.18 ? 133 LEU A CB  1 
ATOM   966  C  CG  . LEU A 1 136 ? -3.872  37.868  1.293   1.00 33.94 ? 133 LEU A CG  1 
ATOM   967  C  CD1 . LEU A 1 136 ? -4.069  38.398  -0.119  1.00 36.69 ? 133 LEU A CD1 1 
ATOM   968  C  CD2 . LEU A 1 136 ? -4.926  38.443  2.225   1.00 35.60 ? 133 LEU A CD2 1 
ATOM   969  N  N   . MET A 1 137 ? -5.140  33.594  2.639   1.00 30.36 ? 134 MET A N   1 
ATOM   970  C  CA  . MET A 1 137 ? -5.415  32.177  2.442   1.00 27.99 ? 134 MET A CA  1 
ATOM   971  C  C   . MET A 1 137 ? -5.320  31.855  0.956   1.00 28.06 ? 134 MET A C   1 
ATOM   972  O  O   . MET A 1 137 ? -5.665  32.684  0.118   1.00 29.58 ? 134 MET A O   1 
ATOM   973  C  CB  . MET A 1 137 ? -6.829  31.857  2.936   1.00 30.38 ? 134 MET A CB  1 
ATOM   974  C  CG  . MET A 1 137 ? -7.154  30.385  2.940   1.00 26.94 ? 134 MET A CG  1 
ATOM   975  S  SD  . MET A 1 137 ? -5.981  29.514  3.978   1.00 30.34 ? 134 MET A SD  1 
ATOM   976  C  CE  . MET A 1 137 ? -6.074  27.867  3.277   1.00 27.13 ? 134 MET A CE  1 
ATOM   977  N  N   . ASP A 1 138 ? -4.840  30.659  0.629   1.00 27.39 ? 135 ASP A N   1 
ATOM   978  C  CA  . ASP A 1 138 ? -4.747  30.226  -0.762  1.00 26.83 ? 135 ASP A CA  1 
ATOM   979  C  C   . ASP A 1 138 ? -6.141  30.293  -1.391  1.00 28.04 ? 135 ASP A C   1 
ATOM   980  O  O   . ASP A 1 138 ? -7.146  30.208  -0.682  1.00 27.43 ? 135 ASP A O   1 
ATOM   981  C  CB  . ASP A 1 138 ? -4.262  28.777  -0.843  1.00 27.63 ? 135 ASP A CB  1 
ATOM   982  C  CG  . ASP A 1 138 ? -2.808  28.615  -0.438  1.00 31.98 ? 135 ASP A CG  1 
ATOM   983  O  OD1 . ASP A 1 138 ? -2.363  27.453  -0.323  1.00 31.80 ? 135 ASP A OD1 1 
ATOM   984  O  OD2 . ASP A 1 138 ? -2.112  29.635  -0.242  1.00 28.04 ? 135 ASP A OD2 1 
ATOM   985  N  N   . ARG A 1 139 ? -6.197  30.440  -2.712  1.00 26.61 ? 136 ARG A N   1 
ATOM   986  C  CA  . ARG A 1 139 ? -7.464  30.482  -3.436  1.00 29.37 ? 136 ARG A CA  1 
ATOM   987  C  C   . ARG A 1 139 ? -7.750  29.030  -3.801  1.00 29.37 ? 136 ARG A C   1 
ATOM   988  O  O   . ARG A 1 139 ? -7.190  28.508  -4.771  1.00 29.26 ? 136 ARG A O   1 
ATOM   989  C  CB  . ARG A 1 139 ? -7.334  31.307  -4.720  1.00 30.55 ? 136 ARG A CB  1 
ATOM   990  C  CG  . ARG A 1 139 ? -6.893  32.755  -4.535  1.00 31.96 ? 136 ARG A CG  1 
ATOM   991  C  CD  . ARG A 1 139 ? -7.879  33.559  -3.705  1.00 30.76 ? 136 ARG A CD  1 
ATOM   992  N  NE  . ARG A 1 139 ? -7.473  33.643  -2.306  1.00 31.61 ? 136 ARG A NE  1 
ATOM   993  C  CZ  . ARG A 1 139 ? -8.044  34.438  -1.410  1.00 29.83 ? 136 ARG A CZ  1 
ATOM   994  N  NH1 . ARG A 1 139 ? -9.056  35.224  -1.762  1.00 28.12 ? 136 ARG A NH1 1 
ATOM   995  N  NH2 . ARG A 1 139 ? -7.592  34.461  -0.165  1.00 29.23 ? 136 ARG A NH2 1 
ATOM   996  N  N   . LEU A 1 140 ? -8.615  28.379  -3.030  1.00 27.25 ? 137 LEU A N   1 
ATOM   997  C  CA  . LEU A 1 140 ? -8.916  26.968  -3.252  1.00 25.34 ? 137 LEU A CA  1 
ATOM   998  C  C   . LEU A 1 140 ? -10.081 26.680  -4.198  1.00 25.51 ? 137 LEU A C   1 
ATOM   999  O  O   . LEU A 1 140 ? -11.019 27.465  -4.308  1.00 28.26 ? 137 LEU A O   1 
ATOM   1000 C  CB  . LEU A 1 140 ? -9.149  26.293  -1.899  1.00 24.12 ? 137 LEU A CB  1 
ATOM   1001 C  CG  . LEU A 1 140 ? -7.995  26.539  -0.920  1.00 25.70 ? 137 LEU A CG  1 
ATOM   1002 C  CD1 . LEU A 1 140 ? -8.377  26.100  0.483   1.00 25.03 ? 137 LEU A CD1 1 
ATOM   1003 C  CD2 . LEU A 1 140 ? -6.759  25.801  -1.417  1.00 24.56 ? 137 LEU A CD2 1 
ATOM   1004 N  N   . PRO A 1 141 ? -10.034 25.533  -4.887  1.00 26.03 ? 138 PRO A N   1 
ATOM   1005 C  CA  . PRO A 1 141 ? -11.077 25.133  -5.833  1.00 24.81 ? 138 PRO A CA  1 
ATOM   1006 C  C   . PRO A 1 141 ? -12.171 24.260  -5.225  1.00 24.81 ? 138 PRO A C   1 
ATOM   1007 O  O   . PRO A 1 141 ? -12.068 23.818  -4.084  1.00 24.75 ? 138 PRO A O   1 
ATOM   1008 C  CB  . PRO A 1 141 ? -10.288 24.375  -6.879  1.00 28.21 ? 138 PRO A CB  1 
ATOM   1009 C  CG  . PRO A 1 141 ? -9.359  23.576  -6.012  1.00 27.15 ? 138 PRO A CG  1 
ATOM   1010 C  CD  . PRO A 1 141 ? -8.894  24.598  -4.957  1.00 25.76 ? 138 PRO A CD  1 
ATOM   1011 N  N   . GLY A 1 142 ? -13.208 24.008  -6.018  1.00 25.42 ? 139 GLY A N   1 
ATOM   1012 C  CA  . GLY A 1 142 ? -14.311 23.174  -5.580  1.00 24.90 ? 139 GLY A CA  1 
ATOM   1013 C  C   . GLY A 1 142 ? -14.917 23.613  -4.269  1.00 24.81 ? 139 GLY A C   1 
ATOM   1014 O  O   . GLY A 1 142 ? -15.106 24.800  -4.022  1.00 23.10 ? 139 GLY A O   1 
ATOM   1015 N  N   . LYS A 1 143 ? -15.229 22.640  -3.426  1.00 25.27 ? 140 LYS A N   1 
ATOM   1016 C  CA  . LYS A 1 143 ? -15.824 22.912  -2.131  1.00 25.83 ? 140 LYS A CA  1 
ATOM   1017 C  C   . LYS A 1 143 ? -14.842 23.635  -1.209  1.00 24.50 ? 140 LYS A C   1 
ATOM   1018 O  O   . LYS A 1 143 ? -15.253 24.356  -0.305  1.00 26.91 ? 140 LYS A O   1 
ATOM   1019 C  CB  . LYS A 1 143 ? -16.268 21.595  -1.492  1.00 30.25 ? 140 LYS A CB  1 
ATOM   1020 C  CG  . LYS A 1 143 ? -17.210 21.755  -0.314  1.00 36.46 ? 140 LYS A CG  1 
ATOM   1021 C  CD  . LYS A 1 143 ? -17.644 20.399  0.228   1.00 40.28 ? 140 LYS A CD  1 
ATOM   1022 C  CE  . LYS A 1 143 ? -18.099 19.459  -0.888  1.00 44.17 ? 140 LYS A CE  1 
ATOM   1023 N  NZ  . LYS A 1 143 ? -19.160 20.035  -1.765  1.00 45.41 ? 140 LYS A NZ  1 
ATOM   1024 N  N   . LYS A 1 144 ? -13.545 23.454  -1.444  1.00 23.29 ? 141 LYS A N   1 
ATOM   1025 C  CA  . LYS A 1 144 ? -12.533 24.098  -0.609  1.00 23.89 ? 141 LYS A CA  1 
ATOM   1026 C  C   . LYS A 1 144 ? -12.593 25.613  -0.723  1.00 22.34 ? 141 LYS A C   1 
ATOM   1027 O  O   . LYS A 1 144 ? -12.095 26.330  0.145   1.00 22.12 ? 141 LYS A O   1 
ATOM   1028 C  CB  . LYS A 1 144 ? -11.129 23.604  -0.980  1.00 25.71 ? 141 LYS A CB  1 
ATOM   1029 C  CG  . LYS A 1 144 ? -10.839 22.166  -0.558  1.00 29.43 ? 141 LYS A CG  1 
ATOM   1030 C  CD  . LYS A 1 144 ? -9.532  21.648  -1.168  1.00 32.74 ? 141 LYS A CD  1 
ATOM   1031 C  CE  . LYS A 1 144 ? -8.319  22.468  -0.737  1.00 35.63 ? 141 LYS A CE  1 
ATOM   1032 N  NZ  . LYS A 1 144 ? -7.064  22.017  -1.437  1.00 34.34 ? 141 LYS A NZ  1 
ATOM   1033 N  N   . ALA A 1 145 ? -13.209 26.099  -1.795  1.00 21.96 ? 142 ALA A N   1 
ATOM   1034 C  CA  . ALA A 1 145 ? -13.331 27.530  -1.998  1.00 23.03 ? 142 ALA A CA  1 
ATOM   1035 C  C   . ALA A 1 145 ? -14.090 28.156  -0.834  1.00 24.54 ? 142 ALA A C   1 
ATOM   1036 O  O   . ALA A 1 145 ? -13.951 29.346  -0.562  1.00 22.96 ? 142 ALA A O   1 
ATOM   1037 C  CB  . ALA A 1 145 ? -14.048 27.819  -3.319  1.00 26.05 ? 142 ALA A CB  1 
ATOM   1038 N  N   . GLN A 1 146 ? -14.896 27.352  -0.145  1.00 24.27 ? 143 GLN A N   1 
ATOM   1039 C  CA  . GLN A 1 146 ? -15.651 27.855  0.990   1.00 23.65 ? 143 GLN A CA  1 
ATOM   1040 C  C   . GLN A 1 146 ? -14.695 28.285  2.107   1.00 22.39 ? 143 GLN A C   1 
ATOM   1041 O  O   . GLN A 1 146 ? -14.951 29.258  2.815   1.00 23.35 ? 143 GLN A O   1 
ATOM   1042 C  CB  . GLN A 1 146 ? -16.635 26.779  1.472   1.00 26.91 ? 143 GLN A CB  1 
ATOM   1043 C  CG  . GLN A 1 146 ? -17.681 26.434  0.401   1.00 28.27 ? 143 GLN A CG  1 
ATOM   1044 C  CD  . GLN A 1 146 ? -18.587 25.271  0.787   1.00 32.63 ? 143 GLN A CD  1 
ATOM   1045 O  OE1 . GLN A 1 146 ? -19.350 24.762  -0.039  1.00 34.78 ? 143 GLN A OE1 1 
ATOM   1046 N  NE2 . GLN A 1 146 ? -18.508 24.851  2.039   1.00 32.02 ? 143 GLN A NE2 1 
ATOM   1047 N  N   . ILE A 1 147 ? -13.575 27.581  2.236   1.00 22.90 ? 144 ILE A N   1 
ATOM   1048 C  CA  . ILE A 1 147 ? -12.574 27.904  3.260   1.00 22.19 ? 144 ILE A CA  1 
ATOM   1049 C  C   . ILE A 1 147 ? -11.913 29.247  2.938   1.00 21.89 ? 144 ILE A C   1 
ATOM   1050 O  O   . ILE A 1 147 ? -11.738 30.096  3.810   1.00 21.51 ? 144 ILE A O   1 
ATOM   1051 C  CB  . ILE A 1 147 ? -11.499 26.799  3.335   1.00 23.47 ? 144 ILE A CB  1 
ATOM   1052 C  CG1 . ILE A 1 147 ? -12.162 25.478  3.729   1.00 22.22 ? 144 ILE A CG1 1 
ATOM   1053 C  CG2 . ILE A 1 147 ? -10.424 27.157  4.366   1.00 21.97 ? 144 ILE A CG2 1 
ATOM   1054 C  CD1 . ILE A 1 147 ? -11.270 24.262  3.544   1.00 28.04 ? 144 ILE A CD1 1 
ATOM   1055 N  N   . THR A 1 148 ? -11.556 29.438  1.676   1.00 23.11 ? 145 THR A N   1 
ATOM   1056 C  CA  . THR A 1 148 ? -10.940 30.684  1.248   1.00 25.58 ? 145 THR A CA  1 
ATOM   1057 C  C   . THR A 1 148 ? -11.832 31.879  1.597   1.00 26.32 ? 145 THR A C   1 
ATOM   1058 O  O   . THR A 1 148 ? -11.377 32.850  2.196   1.00 26.16 ? 145 THR A O   1 
ATOM   1059 C  CB  . THR A 1 148 ? -10.709 30.683  -0.269  1.00 25.21 ? 145 THR A CB  1 
ATOM   1060 O  OG1 . THR A 1 148 ? -9.868  29.575  -0.627  1.00 24.34 ? 145 THR A OG1 1 
ATOM   1061 C  CG2 . THR A 1 148 ? -10.055 31.994  -0.705  1.00 26.08 ? 145 THR A CG2 1 
ATOM   1062 N  N   . GLU A 1 149 ? -13.108 31.807  1.228   1.00 26.58 ? 146 GLU A N   1 
ATOM   1063 C  CA  . GLU A 1 149 ? -14.028 32.912  1.510   1.00 26.43 ? 146 GLU A CA  1 
ATOM   1064 C  C   . GLU A 1 149 ? -14.170 33.164  3.002   1.00 26.12 ? 146 GLU A C   1 
ATOM   1065 O  O   . GLU A 1 149 ? -14.218 34.319  3.452   1.00 22.74 ? 146 GLU A O   1 
ATOM   1066 C  CB  . GLU A 1 149 ? -15.412 32.635  0.906   1.00 31.45 ? 146 GLU A CB  1 
ATOM   1067 C  CG  . GLU A 1 149 ? -15.440 32.708  -0.607  1.00 37.95 ? 146 GLU A CG  1 
ATOM   1068 C  CD  . GLU A 1 149 ? -14.929 34.043  -1.117  1.00 41.38 ? 146 GLU A CD  1 
ATOM   1069 O  OE1 . GLU A 1 149 ? -15.550 35.079  -0.800  1.00 42.25 ? 146 GLU A OE1 1 
ATOM   1070 O  OE2 . GLU A 1 149 ? -13.899 34.054  -1.828  1.00 45.97 ? 146 GLU A OE2 1 
ATOM   1071 N  N   . ALA A 1 150 ? -14.237 32.083  3.767   1.00 23.90 ? 147 ALA A N   1 
ATOM   1072 C  CA  . ALA A 1 150 ? -14.376 32.189  5.215   1.00 24.22 ? 147 ALA A CA  1 
ATOM   1073 C  C   . ALA A 1 150 ? -13.210 32.948  5.833   1.00 25.31 ? 147 ALA A C   1 
ATOM   1074 O  O   . ALA A 1 150 ? -13.407 33.888  6.599   1.00 25.66 ? 147 ALA A O   1 
ATOM   1075 C  CB  . ALA A 1 150 ? -14.478 30.795  5.836   1.00 22.96 ? 147 ALA A CB  1 
ATOM   1076 N  N   . ILE A 1 151 ? -11.992 32.541  5.497   1.00 26.86 ? 148 ILE A N   1 
ATOM   1077 C  CA  . ILE A 1 151 ? -10.812 33.181  6.058   1.00 26.91 ? 148 ILE A CA  1 
ATOM   1078 C  C   . ILE A 1 151 ? -10.668 34.630  5.583   1.00 28.05 ? 148 ILE A C   1 
ATOM   1079 O  O   . ILE A 1 151 ? -10.249 35.490  6.353   1.00 28.06 ? 148 ILE A O   1 
ATOM   1080 C  CB  . ILE A 1 151 ? -9.545  32.353  5.748   1.00 26.76 ? 148 ILE A CB  1 
ATOM   1081 C  CG1 . ILE A 1 151 ? -9.741  30.923  6.265   1.00 25.49 ? 148 ILE A CG1 1 
ATOM   1082 C  CG2 . ILE A 1 151 ? -8.327  32.958  6.438   1.00 26.29 ? 148 ILE A CG2 1 
ATOM   1083 C  CD1 . ILE A 1 151 ? -10.083 30.847  7.753   1.00 25.98 ? 148 ILE A CD1 1 
ATOM   1084 N  N   . ASP A 1 152 ? -11.018 34.907  4.327   1.00 29.21 ? 149 ASP A N   1 
ATOM   1085 C  CA  . ASP A 1 152 ? -10.960 36.283  3.833   1.00 30.25 ? 149 ASP A CA  1 
ATOM   1086 C  C   . ASP A 1 152 ? -11.903 37.115  4.694   1.00 31.72 ? 149 ASP A C   1 
ATOM   1087 O  O   . ASP A 1 152 ? -11.589 38.246  5.084   1.00 31.47 ? 149 ASP A O   1 
ATOM   1088 C  CB  . ASP A 1 152 ? -11.417 36.370  2.378   1.00 31.84 ? 149 ASP A CB  1 
ATOM   1089 C  CG  . ASP A 1 152 ? -10.307 36.072  1.401   1.00 33.78 ? 149 ASP A CG  1 
ATOM   1090 O  OD1 . ASP A 1 152 ? -9.141  35.945  1.838   1.00 34.25 ? 149 ASP A OD1 1 
ATOM   1091 O  OD2 . ASP A 1 152 ? -10.603 35.972  0.192   1.00 34.90 ? 149 ASP A OD2 1 
ATOM   1092 N  N   . GLY A 1 153 ? -13.071 36.544  4.977   1.00 30.53 ? 150 GLY A N   1 
ATOM   1093 C  CA  . GLY A 1 153 ? -14.047 37.229  5.801   1.00 30.08 ? 150 GLY A CA  1 
ATOM   1094 C  C   . GLY A 1 153 ? -13.456 37.552  7.159   1.00 30.10 ? 150 GLY A C   1 
ATOM   1095 O  O   . GLY A 1 153 ? -13.711 38.616  7.715   1.00 33.02 ? 150 GLY A O   1 
ATOM   1096 N  N   . VAL A 1 154 ? -12.663 36.632  7.701   1.00 29.26 ? 151 VAL A N   1 
ATOM   1097 C  CA  . VAL A 1 154 ? -12.032 36.843  9.000   1.00 29.30 ? 151 VAL A CA  1 
ATOM   1098 C  C   . VAL A 1 154 ? -11.062 38.019  8.921   1.00 32.96 ? 151 VAL A C   1 
ATOM   1099 O  O   . VAL A 1 154 ? -11.040 38.884  9.802   1.00 33.27 ? 151 VAL A O   1 
ATOM   1100 C  CB  . VAL A 1 154 ? -11.261 35.590  9.454   1.00 29.46 ? 151 VAL A CB  1 
ATOM   1101 C  CG1 . VAL A 1 154 ? -10.458 35.893  10.716  1.00 29.98 ? 151 VAL A CG1 1 
ATOM   1102 C  CG2 . VAL A 1 154 ? -12.238 34.450  9.710   1.00 28.44 ? 151 VAL A CG2 1 
ATOM   1103 N  N   . ARG A 1 155 ? -10.270 38.053  7.853   1.00 32.17 ? 152 ARG A N   1 
ATOM   1104 C  CA  . ARG A 1 155 ? -9.298  39.124  7.667   1.00 34.52 ? 152 ARG A CA  1 
ATOM   1105 C  C   . ARG A 1 155 ? -9.967  40.494  7.635   1.00 36.19 ? 152 ARG A C   1 
ATOM   1106 O  O   . ARG A 1 155 ? -9.600  41.395  8.393   1.00 38.86 ? 152 ARG A O   1 
ATOM   1107 C  CB  . ARG A 1 155 ? -8.516  38.904  6.368   1.00 32.89 ? 152 ARG A CB  1 
ATOM   1108 C  CG  . ARG A 1 155 ? -7.496  39.999  6.068   1.00 35.25 ? 152 ARG A CG  1 
ATOM   1109 C  CD  . ARG A 1 155 ? -6.590  39.596  4.922   1.00 35.09 ? 152 ARG A CD  1 
ATOM   1110 N  NE  . ARG A 1 155 ? -5.463  40.511  4.749   1.00 33.35 ? 152 ARG A NE  1 
ATOM   1111 C  CZ  . ARG A 1 155 ? -5.548  41.709  4.185   1.00 37.20 ? 152 ARG A CZ  1 
ATOM   1112 N  NH1 . ARG A 1 155 ? -6.713  42.153  3.729   1.00 36.01 ? 152 ARG A NH1 1 
ATOM   1113 N  NH2 . ARG A 1 155 ? -4.463  42.463  4.071   1.00 35.58 ? 152 ARG A NH2 1 
ATOM   1114 N  N   . GLU A 1 156 ? -10.950 40.640  6.753   1.00 37.32 ? 153 GLU A N   1 
ATOM   1115 C  CA  . GLU A 1 156 ? -11.677 41.893  6.591   1.00 41.65 ? 153 GLU A CA  1 
ATOM   1116 C  C   . GLU A 1 156 ? -12.274 42.409  7.895   1.00 44.32 ? 153 GLU A C   1 
ATOM   1117 O  O   . GLU A 1 156 ? -12.133 43.586  8.232   1.00 46.09 ? 153 GLU A O   1 
ATOM   1118 C  CB  . GLU A 1 156 ? -12.773 41.718  5.555   1.00 40.44 ? 153 GLU A CB  1 
ATOM   1119 N  N   . ARG A 1 157 ? -12.937 41.525  8.629   1.00 45.79 ? 154 ARG A N   1 
ATOM   1120 C  CA  . ARG A 1 157 ? -13.567 41.890  9.889   1.00 47.39 ? 154 ARG A CA  1 
ATOM   1121 C  C   . ARG A 1 157 ? -12.587 42.174  11.028  1.00 49.65 ? 154 ARG A C   1 
ATOM   1122 O  O   . ARG A 1 157 ? -12.789 43.115  11.800  1.00 48.94 ? 154 ARG A O   1 
ATOM   1123 C  CB  . ARG A 1 157 ? -14.540 40.788  10.313  1.00 47.38 ? 154 ARG A CB  1 
ATOM   1124 C  CG  . ARG A 1 157 ? -15.701 40.602  9.353   1.00 48.26 ? 154 ARG A CG  1 
ATOM   1125 C  CD  . ARG A 1 157 ? -16.531 39.374  9.692   1.00 50.81 ? 154 ARG A CD  1 
ATOM   1126 N  NE  . ARG A 1 157 ? -17.643 39.214  8.760   1.00 52.46 ? 154 ARG A NE  1 
ATOM   1127 C  CZ  . ARG A 1 157 ? -18.423 38.140  8.699   1.00 55.20 ? 154 ARG A CZ  1 
ATOM   1128 N  NH1 . ARG A 1 157 ? -18.215 37.117  9.517   1.00 56.55 ? 154 ARG A NH1 1 
ATOM   1129 N  NH2 . ARG A 1 157 ? -19.412 38.090  7.817   1.00 55.88 ? 154 ARG A NH2 1 
ATOM   1130 N  N   . LEU A 1 158 ? -11.530 41.372  11.133  1.00 51.03 ? 155 LEU A N   1 
ATOM   1131 C  CA  . LEU A 1 158 ? -10.551 41.542  12.207  1.00 52.93 ? 155 LEU A CA  1 
ATOM   1132 C  C   . LEU A 1 158 ? -9.782  42.858  12.198  1.00 54.90 ? 155 LEU A C   1 
ATOM   1133 O  O   . LEU A 1 158 ? -9.312  43.310  13.246  1.00 54.37 ? 155 LEU A O   1 
ATOM   1134 C  CB  . LEU A 1 158 ? -9.560  40.375  12.222  1.00 53.19 ? 155 LEU A CB  1 
ATOM   1135 C  CG  . LEU A 1 158 ? -10.107 39.030  12.712  1.00 54.01 ? 155 LEU A CG  1 
ATOM   1136 C  CD1 . LEU A 1 158 ? -8.959  38.040  12.857  1.00 52.68 ? 155 LEU A CD1 1 
ATOM   1137 C  CD2 . LEU A 1 158 ? -10.809 39.208  14.051  1.00 53.99 ? 155 LEU A CD2 1 
ATOM   1138 N  N   . ARG A 1 159 ? -9.638  43.476  11.030  1.00 55.51 ? 156 ARG A N   1 
ATOM   1139 C  CA  . ARG A 1 159 ? -8.928  44.746  10.958  1.00 56.74 ? 156 ARG A CA  1 
ATOM   1140 C  C   . ARG A 1 159 ? -9.890  45.864  10.574  1.00 56.54 ? 156 ARG A C   1 
ATOM   1141 O  O   . ARG A 1 159 ? -11.001 45.517  10.116  1.00 56.13 ? 156 ARG A O   1 
ATOM   1142 C  CB  . ARG A 1 159 ? -7.785  44.678  9.940   1.00 57.39 ? 156 ARG A CB  1 
ATOM   1143 C  CG  . ARG A 1 159 ? -8.237  44.622  8.498   1.00 58.63 ? 156 ARG A CG  1 
ATOM   1144 C  CD  . ARG A 1 159 ? -7.079  44.910  7.558   1.00 60.86 ? 156 ARG A CD  1 
ATOM   1145 N  NE  . ARG A 1 159 ? -7.530  45.039  6.177   1.00 62.45 ? 156 ARG A NE  1 
ATOM   1146 C  CZ  . ARG A 1 159 ? -6.752  45.417  5.168   1.00 63.08 ? 156 ARG A CZ  1 
ATOM   1147 N  NH1 . ARG A 1 159 ? -5.475  45.705  5.384   1.00 63.95 ? 156 ARG A NH1 1 
ATOM   1148 N  NH2 . ARG A 1 159 ? -7.253  45.510  3.943   1.00 63.26 ? 156 ARG A NH2 1 
HETATM 1149 S  S   . SO4 B 2 .   ? 5.881   -31.953 2.336   1.00 84.04 ? 201 SO4 A S   1 
HETATM 1150 O  O1  . SO4 B 2 .   ? 4.735   -31.341 1.634   1.00 83.83 ? 201 SO4 A O1  1 
HETATM 1151 O  O2  . SO4 B 2 .   ? 7.133   -31.557 1.665   1.00 83.83 ? 201 SO4 A O2  1 
HETATM 1152 O  O3  . SO4 B 2 .   ? 5.898   -31.494 3.737   1.00 84.28 ? 201 SO4 A O3  1 
HETATM 1153 O  O4  . SO4 B 2 .   ? 5.759   -33.422 2.301   1.00 84.57 ? 201 SO4 A O4  1 
HETATM 1154 S  S   . SO4 C 2 .   ? -5.468  44.971  1.387   1.00 79.60 ? 202 SO4 A S   1 
HETATM 1155 O  O1  . SO4 C 2 .   ? -4.826  44.727  0.079   1.00 79.17 ? 202 SO4 A O1  1 
HETATM 1156 O  O2  . SO4 C 2 .   ? -4.483  44.749  2.464   1.00 78.17 ? 202 SO4 A O2  1 
HETATM 1157 O  O3  . SO4 C 2 .   ? -5.951  46.364  1.450   1.00 79.43 ? 202 SO4 A O3  1 
HETATM 1158 O  O4  . SO4 C 2 .   ? -6.605  44.046  1.551   1.00 78.61 ? 202 SO4 A O4  1 
HETATM 1159 NA NA  . NA  D 3 .   ? -7.465  1.518   9.432   1.00 44.13 ? 203 NA  A NA  1 
HETATM 1160 CL CL  . CL  E 4 .   ? 7.033   11.478  15.879  1.00 66.71 ? 204 CL  A CL  1 
HETATM 1161 MG MG  . MG  F 5 .   ? -3.033  41.565  18.493  1.00 72.25 ? 205 MG  A MG  1 
HETATM 1162 O  O   . HOH G 6 .   ? -2.273  20.883  0.513   1.00 37.79 ? 301 HOH A O   1 
HETATM 1163 O  O   . HOH G 6 .   ? -15.794 34.601  7.853   1.00 31.77 ? 302 HOH A O   1 
HETATM 1164 O  O   . HOH G 6 .   ? 14.759  -29.831 -7.398  1.00 32.24 ? 303 HOH A O   1 
HETATM 1165 O  O   . HOH G 6 .   ? 12.655  -32.976 -10.654 1.00 30.49 ? 304 HOH A O   1 
HETATM 1166 O  O   . HOH G 6 .   ? 1.654   32.599  11.365  1.00 30.07 ? 305 HOH A O   1 
HETATM 1167 O  O   . HOH G 6 .   ? -7.339  35.376  3.768   1.00 29.08 ? 306 HOH A O   1 
HETATM 1168 O  O   . HOH G 6 .   ? -1.842  32.220  -0.335  1.00 27.71 ? 307 HOH A O   1 
HETATM 1169 O  O   . HOH G 6 .   ? -6.208  -0.730  8.031   1.00 40.34 ? 308 HOH A O   1 
HETATM 1170 O  O   . HOH G 6 .   ? 7.615   -37.338 -11.933 1.00 34.44 ? 309 HOH A O   1 
HETATM 1171 O  O   . HOH G 6 .   ? -0.991  11.111  22.483  1.00 32.68 ? 310 HOH A O   1 
HETATM 1172 O  O   . HOH G 6 .   ? 5.624   -22.532 1.405   1.00 28.51 ? 311 HOH A O   1 
HETATM 1173 O  O   . HOH G 6 .   ? -2.280  35.023  17.268  1.00 31.75 ? 312 HOH A O   1 
HETATM 1174 O  O   . HOH G 6 .   ? 0.580   8.984   22.625  1.00 25.38 ? 313 HOH A O   1 
HETATM 1175 O  O   . HOH G 6 .   ? -8.274  4.696   9.444   1.00 33.17 ? 314 HOH A O   1 
HETATM 1176 O  O   . HOH G 6 .   ? 10.971  -35.099 -10.125 1.00 29.12 ? 315 HOH A O   1 
HETATM 1177 O  O   . HOH G 6 .   ? 1.640   18.151  5.344   1.00 33.81 ? 316 HOH A O   1 
HETATM 1178 O  O   . HOH G 6 .   ? -0.257  -43.995 -11.162 1.00 46.56 ? 317 HOH A O   1 
HETATM 1179 O  O   . HOH G 6 .   ? 12.080  -30.376 -17.288 1.00 31.16 ? 318 HOH A O   1 
HETATM 1180 O  O   . HOH G 6 .   ? -8.144  -6.530  9.926   1.00 59.25 ? 319 HOH A O   1 
HETATM 1181 O  O   . HOH G 6 .   ? 4.374   12.807  14.579  1.00 30.37 ? 320 HOH A O   1 
HETATM 1182 O  O   . HOH G 6 .   ? 0.735   31.871  5.955   1.00 48.33 ? 321 HOH A O   1 
HETATM 1183 O  O   . HOH G 6 .   ? 5.871   13.227  7.740   1.00 45.30 ? 322 HOH A O   1 
HETATM 1184 O  O   . HOH G 6 .   ? -2.976  -6.346  -7.595  1.00 43.92 ? 323 HOH A O   1 
HETATM 1185 O  O   . HOH G 6 .   ? 8.998   -22.737 -9.981  1.00 44.25 ? 324 HOH A O   1 
HETATM 1186 O  O   . HOH G 6 .   ? 1.467   12.202  7.949   1.00 30.43 ? 325 HOH A O   1 
HETATM 1187 O  O   . HOH G 6 .   ? 11.098  -24.744 -7.964  1.00 31.34 ? 326 HOH A O   1 
HETATM 1188 O  O   . HOH G 6 .   ? -4.707  6.249   19.080  1.00 35.80 ? 327 HOH A O   1 
HETATM 1189 O  O   . HOH G 6 .   ? 2.430   2.712   9.720   1.00 35.37 ? 328 HOH A O   1 
HETATM 1190 O  O   . HOH G 6 .   ? 7.936   -23.280 -16.917 1.00 36.05 ? 329 HOH A O   1 
HETATM 1191 O  O   . HOH G 6 .   ? 0.462   28.969  14.591  1.00 35.17 ? 330 HOH A O   1 
HETATM 1192 O  O   . HOH G 6 .   ? 2.883   -33.471 -0.923  1.00 46.35 ? 331 HOH A O   1 
HETATM 1193 O  O   . HOH G 6 .   ? 0.585   26.275  11.009  1.00 35.01 ? 332 HOH A O   1 
HETATM 1194 O  O   . HOH G 6 .   ? 3.255   29.669  10.499  1.00 57.80 ? 333 HOH A O   1 
HETATM 1195 O  O   . HOH G 6 .   ? 6.107   -16.174 -1.846  1.00 35.36 ? 334 HOH A O   1 
HETATM 1196 O  O   . HOH G 6 .   ? 9.988   -40.939 -8.432  1.00 48.78 ? 335 HOH A O   1 
HETATM 1197 O  O   . HOH G 6 .   ? -6.302  1.803   13.843  1.00 42.02 ? 336 HOH A O   1 
HETATM 1198 O  O   . HOH G 6 .   ? -3.493  25.228  0.670   1.00 37.17 ? 337 HOH A O   1 
HETATM 1199 O  O   . HOH G 6 .   ? 12.408  -23.147 -6.203  1.00 53.98 ? 338 HOH A O   1 
HETATM 1200 O  O   . HOH G 6 .   ? -0.069  26.502  -0.380  1.00 52.63 ? 339 HOH A O   1 
HETATM 1201 O  O   . HOH G 6 .   ? 0.909   6.151   -5.657  1.00 44.78 ? 340 HOH A O   1 
HETATM 1202 O  O   . HOH G 6 .   ? 1.042   15.683  -0.548  1.00 37.00 ? 341 HOH A O   1 
HETATM 1203 O  O   . HOH G 6 .   ? -17.510 29.994  3.451   1.00 33.88 ? 342 HOH A O   1 
HETATM 1204 O  O   . HOH G 6 .   ? -2.086  -35.199 -5.668  1.00 39.69 ? 343 HOH A O   1 
HETATM 1205 O  O   . HOH G 6 .   ? 8.725   1.357   -2.277  1.00 48.90 ? 344 HOH A O   1 
HETATM 1206 O  O   . HOH G 6 .   ? 2.173   34.486  13.152  1.00 42.17 ? 345 HOH A O   1 
HETATM 1207 O  O   . HOH G 6 .   ? 12.472  -7.919  -3.002  1.00 68.04 ? 346 HOH A O   1 
HETATM 1208 O  O   . HOH G 6 .   ? 5.429   7.727   0.871   1.00 39.23 ? 347 HOH A O   1 
HETATM 1209 O  O   . HOH G 6 .   ? 6.519   -18.843 -0.309  1.00 55.26 ? 348 HOH A O   1 
HETATM 1210 O  O   . HOH G 6 .   ? 12.545  -23.086 -2.557  1.00 39.78 ? 349 HOH A O   1 
HETATM 1211 O  O   . HOH G 6 .   ? 12.709  -25.673 -10.185 1.00 39.22 ? 350 HOH A O   1 
HETATM 1212 O  O   . HOH G 6 .   ? 10.236  -38.638 -10.719 1.00 33.18 ? 351 HOH A O   1 
HETATM 1213 O  O   . HOH G 6 .   ? 2.811   5.091   11.017  1.00 36.41 ? 352 HOH A O   1 
HETATM 1214 O  O   . HOH G 6 .   ? -7.629  3.856   14.902  1.00 62.61 ? 353 HOH A O   1 
HETATM 1215 O  O   . HOH G 6 .   ? -6.890  13.068  18.158  1.00 37.29 ? 354 HOH A O   1 
HETATM 1216 O  O   . HOH G 6 .   ? 4.111   12.302  3.764   1.00 41.65 ? 355 HOH A O   1 
HETATM 1217 O  O   . HOH G 6 .   ? 2.500   16.153  6.938   1.00 41.47 ? 356 HOH A O   1 
HETATM 1218 O  O   . HOH G 6 .   ? 0.653   24.345  5.242   1.00 37.25 ? 357 HOH A O   1 
HETATM 1219 O  O   . HOH G 6 .   ? 1.376   26.880  6.685   1.00 41.70 ? 358 HOH A O   1 
HETATM 1220 O  O   . HOH G 6 .   ? 2.665   29.152  5.313   1.00 64.17 ? 359 HOH A O   1 
HETATM 1221 O  O   . HOH G 6 .   ? 6.711   40.190  5.107   1.00 47.92 ? 360 HOH A O   1 
HETATM 1222 O  O   . HOH G 6 .   ? 8.469   39.990  7.116   1.00 50.40 ? 361 HOH A O   1 
HETATM 1223 O  O   . HOH G 6 .   ? -13.111 31.633  -3.117  1.00 44.09 ? 362 HOH A O   1 
HETATM 1224 O  O   . HOH G 6 .   ? -4.985  -32.051 -2.618  1.00 43.45 ? 363 HOH A O   1 
HETATM 1225 O  O   . HOH G 6 .   ? 12.156  -41.348 -12.094 1.00 49.59 ? 364 HOH A O   1 
HETATM 1226 O  O   . HOH G 6 .   ? 1.485   -19.147 -14.335 1.00 42.58 ? 365 HOH A O   1 
HETATM 1227 O  O   . HOH G 6 .   ? -3.082  -6.974  8.463   1.00 39.17 ? 366 HOH A O   1 
HETATM 1228 O  O   . HOH G 6 .   ? -7.293  10.679  13.373  1.00 51.74 ? 367 HOH A O   1 
HETATM 1229 O  O   . HOH G 6 .   ? 4.469   4.985   13.011  1.00 48.13 ? 368 HOH A O   1 
HETATM 1230 O  O   . HOH G 6 .   ? 6.835   5.312   7.813   1.00 47.10 ? 369 HOH A O   1 
HETATM 1231 O  O   . HOH G 6 .   ? -0.860  -6.297  -11.701 1.00 54.64 ? 370 HOH A O   1 
HETATM 1232 O  O   . HOH G 6 .   ? 2.882   -2.977  -12.085 1.00 63.18 ? 371 HOH A O   1 
HETATM 1233 O  O   . HOH G 6 .   ? 3.210   18.399  3.189   1.00 44.07 ? 372 HOH A O   1 
HETATM 1234 O  O   . HOH G 6 .   ? 1.649   20.663  6.830   1.00 38.21 ? 373 HOH A O   1 
HETATM 1235 O  O   . HOH G 6 .   ? 2.844   20.354  9.164   1.00 48.31 ? 374 HOH A O   1 
HETATM 1236 O  O   . HOH G 6 .   ? -10.632 28.240  -7.869  1.00 43.49 ? 375 HOH A O   1 
HETATM 1237 O  O   . HOH G 6 .   ? -13.291 36.772  -0.713  1.00 53.10 ? 376 HOH A O   1 
HETATM 1238 O  O   . HOH G 6 .   ? 15.958  -39.325 -19.593 0.50 49.50 ? 377 HOH A O   1 
HETATM 1239 O  O   . HOH G 6 .   ? 0.216   2.559   18.545  1.00 58.32 ? 378 HOH A O   1 
HETATM 1240 O  O   . HOH G 6 .   ? -8.571  7.681   12.259  1.00 58.14 ? 379 HOH A O   1 
HETATM 1241 O  O   . HOH G 6 .   ? -10.316 4.253   10.995  1.00 42.31 ? 380 HOH A O   1 
HETATM 1242 O  O   . HOH G 6 .   ? 10.216  3.434   4.683   1.00 57.20 ? 381 HOH A O   1 
HETATM 1243 O  O   . HOH G 6 .   ? 2.364   -4.159  -9.767  1.00 58.85 ? 382 HOH A O   1 
HETATM 1244 O  O   . HOH G 6 .   ? 5.508   0.495   -8.852  1.00 49.79 ? 383 HOH A O   1 
HETATM 1245 O  O   . HOH G 6 .   ? 2.953   6.225   -7.257  1.00 61.61 ? 384 HOH A O   1 
HETATM 1246 O  O   . HOH G 6 .   ? 1.162   18.587  0.257   1.00 59.96 ? 385 HOH A O   1 
HETATM 1247 O  O   . HOH G 6 .   ? 2.807   23.240  1.721   1.00 53.69 ? 386 HOH A O   1 
HETATM 1248 O  O   . HOH G 6 .   ? -1.525  23.551  1.228   1.00 41.60 ? 387 HOH A O   1 
HETATM 1249 O  O   . HOH G 6 .   ? -0.094  43.780  8.883   1.00 44.04 ? 388 HOH A O   1 
HETATM 1250 O  O   . HOH G 6 .   ? -11.021 30.302  -4.105  1.00 35.56 ? 389 HOH A O   1 
HETATM 1251 O  O   . HOH G 6 .   ? 1.116   -39.184 -15.728 1.00 49.44 ? 390 HOH A O   1 
HETATM 1252 O  O   . HOH G 6 .   ? 2.895   -39.979 -18.544 1.00 47.34 ? 391 HOH A O   1 
HETATM 1253 O  O   . HOH G 6 .   ? 14.261  -40.269 -11.572 1.00 53.03 ? 392 HOH A O   1 
HETATM 1254 O  O   . HOH G 6 .   ? 14.617  -37.814 -11.688 1.00 65.06 ? 393 HOH A O   1 
HETATM 1255 O  O   . HOH G 6 .   ? 11.478  -22.821 -17.046 1.00 54.74 ? 394 HOH A O   1 
HETATM 1256 O  O   . HOH G 6 .   ? 5.829   -10.560 0.697   1.00 53.57 ? 395 HOH A O   1 
HETATM 1257 O  O   . HOH G 6 .   ? 5.699   -8.256  -4.301  1.00 57.51 ? 396 HOH A O   1 
HETATM 1258 O  O   . HOH G 6 .   ? -1.267  -2.459  12.793  1.00 39.29 ? 397 HOH A O   1 
HETATM 1259 O  O   . HOH G 6 .   ? 0.530   -13.099 8.809   1.00 60.17 ? 398 HOH A O   1 
HETATM 1260 O  O   . HOH G 6 .   ? 10.125  -24.538 -18.296 1.00 65.15 ? 399 HOH A O   1 
HETATM 1261 O  O   . HOH G 6 .   ? 3.687   -1.722  6.974   1.00 56.31 ? 400 HOH A O   1 
HETATM 1262 O  O   . HOH G 6 .   ? -11.332 7.827   12.479  1.00 53.44 ? 401 HOH A O   1 
HETATM 1263 O  O   . HOH G 6 .   ? -6.927  12.892  12.386  1.00 51.11 ? 402 HOH A O   1 
HETATM 1264 O  O   . HOH G 6 .   ? 7.096   -3.298  10.891  1.00 58.57 ? 403 HOH A O   1 
HETATM 1265 O  O   . HOH G 6 .   ? 4.234   -2.408  12.747  1.00 55.80 ? 404 HOH A O   1 
HETATM 1266 O  O   . HOH G 6 .   ? 5.846   -4.355  12.884  1.00 64.21 ? 405 HOH A O   1 
HETATM 1267 O  O   . HOH G 6 .   ? 8.212   -5.380  12.885  1.00 52.26 ? 406 HOH A O   1 
HETATM 1268 O  O   . HOH G 6 .   ? 3.516   23.651  8.746   1.00 60.14 ? 407 HOH A O   1 
HETATM 1269 O  O   . HOH G 6 .   ? 1.521   28.278  12.478  1.00 53.53 ? 408 HOH A O   1 
HETATM 1270 O  O   . HOH G 6 .   ? -20.749 17.978  -1.598  1.00 76.20 ? 409 HOH A O   1 
HETATM 1271 O  O   . HOH G 6 .   ? -15.242 23.285  2.305   1.00 42.97 ? 410 HOH A O   1 
HETATM 1272 O  O   . HOH G 6 .   ? -15.950 44.845  7.920   1.00 62.89 ? 411 HOH A O   1 
HETATM 1273 O  O   . HOH G 6 .   ? -20.608 43.773  10.860  1.00 65.37 ? 412 HOH A O   1 
HETATM 1274 O  O   . HOH G 6 .   ? 6.923   -2.270  -9.848  0.50 71.86 ? 413 HOH A O   1 
HETATM 1275 O  O   . HOH G 6 .   ? 8.251   -2.291  -7.627  1.00 56.26 ? 414 HOH A O   1 
HETATM 1276 O  O   . HOH G 6 .   ? 10.951  -42.534 -10.006 1.00 62.15 ? 415 HOH A O   1 
HETATM 1277 O  O   . HOH G 6 .   ? 12.635  -44.746 -10.311 1.00 55.35 ? 416 HOH A O   1 
HETATM 1278 O  O   . HOH G 6 .   ? 7.543   -43.677 -17.040 1.00 51.21 ? 417 HOH A O   1 
HETATM 1279 O  O   . HOH G 6 .   ? 8.368   -47.217 -22.765 1.00 63.11 ? 418 HOH A O   1 
HETATM 1280 O  O   . HOH G 6 .   ? 11.649  -45.507 -19.085 1.00 56.23 ? 419 HOH A O   1 
HETATM 1281 O  O   . HOH G 6 .   ? 13.231  -43.494 -19.437 1.00 52.70 ? 420 HOH A O   1 
HETATM 1282 O  O   . HOH G 6 .   ? 15.429  -42.757 -18.404 1.00 73.59 ? 421 HOH A O   1 
HETATM 1283 O  O   . HOH G 6 .   ? 9.621   -42.236 -20.178 1.00 74.71 ? 422 HOH A O   1 
HETATM 1284 O  O   . HOH G 6 .   ? 2.914   -37.914 -21.816 1.00 59.09 ? 423 HOH A O   1 
HETATM 1285 O  O   . HOH G 6 .   ? 1.131   -28.916 -21.886 1.00 51.16 ? 424 HOH A O   1 
HETATM 1286 O  O   . HOH G 6 .   ? 1.134   -28.759 -26.074 1.00 54.77 ? 425 HOH A O   1 
HETATM 1287 O  O   . HOH G 6 .   ? 3.026   -26.872 -23.485 1.00 61.46 ? 426 HOH A O   1 
HETATM 1288 O  O   . HOH G 6 .   ? 3.135   -27.436 -20.962 1.00 50.34 ? 427 HOH A O   1 
HETATM 1289 O  O   . HOH G 6 .   ? 13.660  -38.100 -9.246  1.00 57.18 ? 428 HOH A O   1 
HETATM 1290 O  O   . HOH G 6 .   ? 12.241  -36.979 -11.212 1.00 76.55 ? 429 HOH A O   1 
HETATM 1291 O  O   . HOH G 6 .   ? 3.723   -35.058 1.190   1.00 62.02 ? 430 HOH A O   1 
HETATM 1292 O  O   . HOH G 6 .   ? 6.342   -26.624 -3.479  1.00 36.62 ? 431 HOH A O   1 
HETATM 1293 O  O   . HOH G 6 .   ? 8.436   -14.894 -9.853  1.00 59.85 ? 432 HOH A O   1 
HETATM 1294 O  O   . HOH G 6 .   ? 14.780  -21.060 -6.049  1.00 66.44 ? 433 HOH A O   1 
HETATM 1295 O  O   . HOH G 6 .   ? -4.399  -16.604 -9.542  1.00 46.52 ? 434 HOH A O   1 
HETATM 1296 O  O   . HOH G 6 .   ? -0.888  -8.525  -9.695  1.00 65.25 ? 435 HOH A O   1 
HETATM 1297 O  O   . HOH G 6 .   ? -1.163  -6.215  -5.798  1.00 42.03 ? 436 HOH A O   1 
HETATM 1298 O  O   . HOH G 6 .   ? -8.020  -2.409  9.005   1.00 42.57 ? 437 HOH A O   1 
HETATM 1299 O  O   . HOH G 6 .   ? -10.649 4.828   18.332  1.00 61.66 ? 438 HOH A O   1 
HETATM 1300 O  O   . HOH G 6 .   ? -7.543  12.760  22.550  1.00 48.52 ? 439 HOH A O   1 
HETATM 1301 O  O   . HOH G 6 .   ? 6.049   -4.697  8.796   1.00 50.43 ? 440 HOH A O   1 
HETATM 1302 O  O   . HOH G 6 .   ? 9.460   -5.484  10.245  1.00 64.99 ? 441 HOH A O   1 
HETATM 1303 O  O   . HOH G 6 .   ? 10.553  -6.218  12.612  1.00 72.27 ? 442 HOH A O   1 
HETATM 1304 O  O   . HOH G 6 .   ? 6.233   -2.383  6.259   1.00 65.05 ? 443 HOH A O   1 
HETATM 1305 O  O   . HOH G 6 .   ? 6.457   -6.849  3.583   1.00 63.11 ? 444 HOH A O   1 
HETATM 1306 O  O   . HOH G 6 .   ? 5.980   3.409   -4.958  1.00 48.99 ? 445 HOH A O   1 
HETATM 1307 O  O   . HOH G 6 .   ? -7.169  19.977  0.206   1.00 50.30 ? 446 HOH A O   1 
HETATM 1308 O  O   . HOH G 6 .   ? -5.338  16.854  12.380  1.00 44.20 ? 447 HOH A O   1 
HETATM 1309 O  O   . HOH G 6 .   ? 2.492   30.494  12.804  1.00 45.92 ? 448 HOH A O   1 
HETATM 1310 O  O   . HOH G 6 .   ? 2.896   33.732  7.356   1.00 54.35 ? 449 HOH A O   1 
HETATM 1311 O  O   . HOH G 6 .   ? 4.201   38.030  7.149   1.00 49.40 ? 450 HOH A O   1 
HETATM 1312 O  O   . HOH G 6 .   ? 0.489   29.214  0.306   1.00 52.15 ? 451 HOH A O   1 
HETATM 1313 O  O   . HOH G 6 .   ? -19.874 29.541  2.308   1.00 45.32 ? 452 HOH A O   1 
HETATM 1314 O  O   . HOH G 6 .   ? -18.188 30.774  5.890   1.00 62.75 ? 453 HOH A O   1 
HETATM 1315 O  O   . HOH G 6 .   ? -17.634 28.175  6.019   1.00 66.85 ? 454 HOH A O   1 
HETATM 1316 O  O   . HOH G 6 .   ? -13.052 38.955  0.634   1.00 71.39 ? 455 HOH A O   1 
HETATM 1317 O  O   . HOH G 6 .   ? -17.884 33.468  6.692   1.00 55.30 ? 456 HOH A O   1 
HETATM 1318 O  O   . HOH G 6 .   ? -6.050  42.672  -1.882  1.00 57.56 ? 457 HOH A O   1 
HETATM 1319 O  O   . HOH G 6 .   ? -1.603  -45.302 -6.460  1.00 56.83 ? 458 HOH A O   1 
HETATM 1320 O  O   . HOH G 6 .   ? 6.468   -19.066 -16.775 1.00 55.40 ? 459 HOH A O   1 
HETATM 1321 O  O   . HOH G 6 .   ? 7.288   8.031   4.757   1.00 54.07 ? 460 HOH A O   1 
HETATM 1322 O  O   . HOH G 6 .   ? -13.607 37.046  -3.691  1.00 79.99 ? 461 HOH A O   1 
HETATM 1323 O  O   . HOH G 6 .   ? 4.259   1.156   10.735  1.00 67.12 ? 462 HOH A O   1 
HETATM 1324 O  O   . HOH G 6 .   ? 9.786   -50.576 -13.756 1.00 37.92 ? 463 HOH A O   1 
HETATM 1325 O  O   . HOH G 6 .   ? -4.066  -17.099 -12.588 1.00 42.57 ? 464 HOH A O   1 
HETATM 1326 O  O   . HOH G 6 .   ? -11.215 8.816   16.606  1.00 59.01 ? 465 HOH A O   1 
HETATM 1327 O  O   . HOH G 6 .   ? 8.587   -20.630 -14.702 1.00 55.39 ? 466 HOH A O   1 
# 
